data_8C81
#
_entry.id   8C81
#
loop_
_entity.id
_entity.type
_entity.pdbx_description
1 polymer 'Protein ORM1'
2 polymer 'Serine palmitoyltransferase 1'
3 polymer 'Serine palmitoyltransferase 2'
4 polymer 'Serine palmitoyltransferase-regulating protein TSC3'
5 polymer 'Phosphatidylinositol-3-phosphatase SAC1'
6 non-polymer ERGOSTEROL
7 non-polymer N-[(2S,3S,4R)-1,3,4-trihydroxyoctadecan-2-yl]hexacosanamide
8 non-polymer '2-{[(4-O-alpha-D-glucopyranosyl-alpha-D-glucopyranosyl)oxy]methyl}-4-{[(3beta,9beta,14beta,17beta,25R)-spirost-5-en-3-yl]oxy}butyl 4-O-alpha-D-glucopyranosyl-alpha-D-glucopyranoside'
9 non-polymer "PYRIDOXAL-5'-PHOSPHATE"
#
loop_
_entity_poly.entity_id
_entity_poly.type
_entity_poly.pdbx_seq_one_letter_code
_entity_poly.pdbx_strand_id
1 'polypeptide(L)'
;MTELDYQGTAEAASTSYSRNQTDLKPFPSAGSASSSIKTTEPVKDHRRRRAAAIISHVEPETFEDENDQQLLPNMNATWV
DQRGAWIIHVVIIILLKLFYNLFPGVTTEWSWTLTNMTYVIGSYVMFHLIKGTPFDFNGGAYDNLTMWEQIDDETLYTPS
RKFLISVPIALFLVSTHYAHYDLKLFSWNCFLTTFGAVVPKLPVTHRLRISIPGITGRAQIS
;
A
2 'polypeptide(L)'
;MAHIPEVLPDYKDHDGDYKDHDIDYKDDDDKKSIPIPAFIVTTSSYLWYYFNLVLTQIPGGQFIVSYIKKSHHDDPYRTT
VEIGLILYGIIYYLSKPQQKKSLQAQKPNLSPQEIDALIEDWEPEPLVDPSATDEQSWRVAKTPVTMEMPIQNHITITRN
NLQEKYTNVFNLASNNFLQLSATEPVKEVVKTTIKNYGVGACGPAGFYGNQDVHYTLEYDLAQFFGTQGSVLYGQDFCAA
PSVLPAFTKRGDVIVADDQVSLPVQNALQLSRSTVYYFNHNDMNSLECLLNELTEQEKLEKLPAIPRKFIVTEGIFHNSG
DLAPLPELTKLKNKYKFRLFVDETFSIGVLGATGRGLSEHFNMDRATAIDITVGSMATALGSTGGFVLGDSVMCLHQRIG
SNAYCFSACLPAYTVTSVSKVLKLMDSNNDAVQTLQKLSKSLHDSFASDDSLRSYVIVTSSPVSAVLHLQLTPAYRSRKF
GYTCEQLFETMSALQKKSQTNKFIEPYEEEEKFLQSIVDHALINYNVLITRNTIVLKQETLPIVPSLKICCNAAMSPEEL
KNACESVKQSILACCQESNK
;
B
3 'polypeptide(L)'
;MSTPANYTRVPLCEPEELPDDIQKENEYGTLDSPGHLYQVKSRHGKPLPEPVVDTPPYYISLLTYLNYLILIILGHVHDF
LGMTFQKNKHLDLLEHDGLAPWFSNFESFYVRRIKMRIDDCFSRPTTGVPGRFIRCIDRISHNINEYFTYSGAVYPCMNL
SSYNYLGFAQSKGQCTDAALESVDKYSIQSGGPRAQIGTTDLHIKAEKLVARFIGKEDALVFSMGYGTNANLFNAFLDKK
CLVISDELNHTSIRTGVRLSGAAVRTFKHGDMVGLEKLIREQIVLGQPKTNRPWKKILICAEGLFSMEGTLCNLPKLVEL
KKKYKCYLFIDEAHSIGAMGPTGRGVCEIFGVDPKDVDILMGTFTKSFGAAGGYIAADQWIIDRLRLDLTTVSYSESMPA
PVLAQTISSLQTISGEICPGQGTERLQRIAFNSRYLRLALQRLGFIVYGVADSPVIPLLLYCPSKMPAFSRMMLQRRIAV
VVVAYPATPLIESRVRFCMSASLTKEDIDYLLRHVSEVGDKLNLKSNSGKSSYDGKRQRWDIEEVIRRTPEDCKDDKYFV
N
;
C
4 'polypeptide(L)' MTQHKSSMVYIPTTKEAKRRNGKSEGILNTIEEVVEKLYWTYYIHLPFYLMASFDSFFLHVFFLTIFSLSFFGILKYCFL D
5 'polypeptide(L)'
;MTGPIVYVQNADGIFFKLAEGKGTNDAVIHLANQDQGVRVLGAEEFPVQGEVVKIASLMGFIKLKLNRYAIIANTVEETG
RFNGHVFYRVLQHSIVSTKFNSRIDSEEAEYIKLLELHLKNSTFYFSYTYDLTNSLQRNEKVGPAASWKTADERFFWNHY
LTEDLRNFAHQDPRIDSFIQPVIYGYAKTVDAVLNATPIVLGLITRRSIFRAGTRYFRRGVDKDGNVGNFNETEQILLAE
NPESEKIHVFSFLQTRGSVPIYWAEINNLKYKPNLVLGENSLDATKKHFDQQKELYGDNYLVNLVNQKGHELPVKEGYES
VVHALNDPKIHYVYFDFHHECRKMQWHRVKLLIDHLEKLGLSNEDFFHKVIDSNGNTVEIVNEQHSVVRTNCMDCLDRTN
VVQSVLAQWVLQKEFESADVVATGSTWEDNAPLLTSYQNLWADNADAVSVAYSGTGALKTDFTRTGKRTRLGAFNDFLNS
ASRYYQNNWTDGPRQDSYDLFLGGFRPHTASIKSPFPDRRPVYIQLIPMIICAALTVLGATIFFPKDRFTSSKNLLYFAG
ASIVLALSTKFMFKNGIQFVNWPKLVDVGFLVVHQTHDKEQQFKGLKYAQSPKFSKPDPLKRD
;
E
#
loop_
_chem_comp.id
_chem_comp.type
_chem_comp.name
_chem_comp.formula
ERG non-polymer ERGOSTEROL 'C28 H44 O'
PLP non-polymer PYRIDOXAL-5'-PHOSPHATE 'C8 H10 N O6 P'
Q7G non-polymer '2-{[(4-O-alpha-D-glucopyranosyl-alpha-D-glucopyranosyl)oxy]methyl}-4-{[(3beta,9beta,14beta,17beta,25R)-spirost-5-en-3-yl]oxy}butyl 4-O-alpha-D-glucopyranosyl-alpha-D-glucopyranoside' 'C56 H92 O25'
Z8A non-polymer N-[(2S,3S,4R)-1,3,4-trihydroxyoctadecan-2-yl]hexacosanamide 'C44 H89 N O4'
#
# COMPACT_ATOMS: atom_id res chain seq x y z
N THR A 39 -6.13 35.51 21.61
CA THR A 39 -5.41 34.41 20.99
C THR A 39 -5.42 33.18 21.89
N THR A 40 -5.80 32.03 21.33
CA THR A 40 -5.85 30.79 22.09
C THR A 40 -4.45 30.20 22.23
N GLU A 41 -4.16 29.68 23.43
CA GLU A 41 -2.87 29.05 23.70
C GLU A 41 -3.01 27.54 23.68
N PRO A 42 -2.16 26.84 22.93
CA PRO A 42 -2.29 25.38 22.86
C PRO A 42 -1.92 24.70 24.17
N VAL A 43 -2.49 23.51 24.37
CA VAL A 43 -2.16 22.71 25.54
C VAL A 43 -0.71 22.22 25.46
N LYS A 44 -0.34 21.66 24.32
CA LYS A 44 1.01 21.18 24.06
C LYS A 44 1.54 21.89 22.84
N ASP A 45 2.68 22.57 22.97
CA ASP A 45 3.25 23.34 21.86
C ASP A 45 4.63 22.82 21.49
N HIS A 46 4.83 22.62 20.19
CA HIS A 46 6.14 22.38 19.60
C HIS A 46 6.17 23.21 18.32
N ARG A 47 6.58 24.47 18.45
CA ARG A 47 6.48 25.44 17.36
C ARG A 47 7.87 25.83 16.89
N ARG A 48 8.11 25.70 15.59
CA ARG A 48 9.35 26.16 15.00
C ARG A 48 9.28 27.67 14.80
N ARG A 49 10.23 28.39 15.39
CA ARG A 49 10.26 29.84 15.37
C ARG A 49 11.44 30.32 14.54
N ARG A 50 11.20 31.32 13.70
CA ARG A 50 12.23 31.84 12.82
C ARG A 50 12.88 33.08 13.44
N ALA A 51 14.05 33.41 12.90
CA ALA A 51 14.85 34.50 13.44
C ALA A 51 14.26 35.86 13.03
N ALA A 52 14.77 36.91 13.69
CA ALA A 52 14.30 38.27 13.41
C ALA A 52 15.44 39.28 13.33
N ALA A 53 16.67 38.82 13.08
CA ALA A 53 17.82 39.71 13.02
C ALA A 53 18.83 39.13 12.04
N ILE A 54 19.83 39.94 11.70
CA ILE A 54 20.84 39.50 10.73
C ILE A 54 21.70 38.39 11.31
N ILE A 55 22.14 38.55 12.56
CA ILE A 55 23.01 37.58 13.22
C ILE A 55 22.25 36.96 14.38
N SER A 56 22.23 35.63 14.44
CA SER A 56 21.50 34.96 15.51
C SER A 56 22.20 33.67 15.89
N HIS A 57 21.86 33.18 17.07
CA HIS A 57 22.40 31.94 17.61
C HIS A 57 21.25 30.97 17.87
N VAL A 58 21.43 29.72 17.44
CA VAL A 58 20.38 28.71 17.63
C VAL A 58 20.18 28.48 19.12
N GLU A 59 18.91 28.55 19.55
CA GLU A 59 18.60 28.48 20.96
C GLU A 59 18.89 27.09 21.53
N PRO A 60 19.19 26.99 22.82
CA PRO A 60 19.44 25.68 23.43
C PRO A 60 18.18 24.82 23.46
N GLU A 61 18.34 23.61 23.95
CA GLU A 61 17.29 22.60 23.92
C GLU A 61 16.61 22.47 25.28
N THR A 62 15.45 21.82 25.27
CA THR A 62 14.65 21.60 26.45
C THR A 62 14.82 20.16 26.94
N PHE A 63 14.05 19.79 27.96
CA PHE A 63 14.16 18.45 28.53
C PHE A 63 13.70 17.38 27.55
N GLU A 64 12.53 17.58 26.94
CA GLU A 64 11.99 16.58 26.01
C GLU A 64 12.89 16.39 24.80
N ASP A 65 13.38 17.49 24.23
CA ASP A 65 14.26 17.40 23.07
C ASP A 65 15.57 16.71 23.44
N GLU A 66 16.11 17.01 24.62
CA GLU A 66 17.34 16.35 25.06
C GLU A 66 17.13 14.85 25.19
N ASN A 67 16.01 14.43 25.79
CA ASN A 67 15.73 13.00 25.92
C ASN A 67 15.58 12.35 24.54
N ASP A 68 14.87 13.01 23.63
CA ASP A 68 14.69 12.44 22.30
C ASP A 68 16.02 12.30 21.57
N GLN A 69 16.90 13.29 21.72
CA GLN A 69 18.22 13.21 21.09
C GLN A 69 19.07 12.11 21.70
N GLN A 70 19.02 11.94 23.02
CA GLN A 70 19.87 10.96 23.68
C GLN A 70 19.32 9.54 23.61
N LEU A 71 18.06 9.36 23.21
CA LEU A 71 17.48 8.02 23.21
C LEU A 71 18.18 7.08 22.25
N LEU A 72 18.54 7.56 21.06
CA LEU A 72 19.06 6.71 19.99
C LEU A 72 20.38 7.26 19.48
N PRO A 73 21.37 6.40 19.23
CA PRO A 73 22.63 6.88 18.66
C PRO A 73 22.45 7.34 17.22
N ASN A 74 22.99 8.52 16.92
CA ASN A 74 22.88 9.07 15.58
C ASN A 74 23.71 8.25 14.60
N MET A 75 23.27 8.22 13.35
CA MET A 75 23.95 7.43 12.32
C MET A 75 24.67 8.28 11.27
N ASN A 76 24.36 9.58 11.18
CA ASN A 76 25.06 10.44 10.24
C ASN A 76 26.47 10.77 10.71
N ALA A 77 26.68 10.86 12.03
CA ALA A 77 27.96 11.28 12.57
C ALA A 77 28.78 10.13 13.13
N THR A 78 28.24 8.91 13.14
CA THR A 78 28.98 7.78 13.70
C THR A 78 30.05 7.26 12.76
N TRP A 79 29.83 7.32 11.44
CA TRP A 79 30.74 6.70 10.49
C TRP A 79 32.09 7.40 10.39
N VAL A 80 32.22 8.60 10.96
CA VAL A 80 33.48 9.33 10.84
C VAL A 80 34.60 8.62 11.59
N ASP A 81 34.29 8.00 12.72
CA ASP A 81 35.31 7.39 13.56
C ASP A 81 35.61 5.94 13.19
N GLN A 82 34.90 5.37 12.24
CA GLN A 82 35.04 3.95 11.94
C GLN A 82 36.40 3.68 11.25
N ARG A 83 36.61 2.41 10.92
CA ARG A 83 37.87 1.97 10.35
C ARG A 83 38.00 2.41 8.90
N GLY A 84 39.15 2.99 8.56
CA GLY A 84 39.41 3.41 7.20
C GLY A 84 38.68 4.66 6.76
N ALA A 85 38.24 5.50 7.70
CA ALA A 85 37.52 6.72 7.38
C ALA A 85 38.41 7.96 7.33
N TRP A 86 39.72 7.80 7.51
CA TRP A 86 40.65 8.92 7.46
C TRP A 86 41.53 8.92 6.23
N ILE A 87 41.97 7.75 5.76
CA ILE A 87 42.79 7.69 4.55
C ILE A 87 41.99 8.03 3.30
N ILE A 88 40.67 7.85 3.35
CA ILE A 88 39.85 8.00 2.15
C ILE A 88 39.94 9.41 1.60
N HIS A 89 40.14 10.41 2.46
CA HIS A 89 40.33 11.78 1.96
C HIS A 89 41.61 11.89 1.14
N VAL A 90 42.70 11.31 1.62
CA VAL A 90 43.96 11.34 0.89
C VAL A 90 43.82 10.59 -0.44
N VAL A 91 43.14 9.45 -0.42
CA VAL A 91 42.93 8.69 -1.65
C VAL A 91 42.13 9.50 -2.65
N ILE A 92 41.09 10.19 -2.18
CA ILE A 92 40.27 11.01 -3.06
C ILE A 92 41.10 12.13 -3.68
N ILE A 93 41.93 12.79 -2.85
CA ILE A 93 42.75 13.88 -3.36
C ILE A 93 43.71 13.38 -4.43
N ILE A 94 44.36 12.24 -4.18
CA ILE A 94 45.32 11.71 -5.15
C ILE A 94 44.62 11.32 -6.44
N LEU A 95 43.45 10.67 -6.34
CA LEU A 95 42.72 10.28 -7.53
C LEU A 95 42.29 11.49 -8.35
N LEU A 96 41.82 12.54 -7.66
CA LEU A 96 41.40 13.75 -8.38
C LEU A 96 42.57 14.41 -9.08
N LYS A 97 43.73 14.48 -8.40
CA LYS A 97 44.90 15.07 -9.05
C LYS A 97 45.31 14.27 -10.27
N LEU A 98 45.34 12.94 -10.17
CA LEU A 98 45.72 12.11 -11.30
C LEU A 98 44.74 12.26 -12.45
N PHE A 99 43.45 12.35 -12.14
CA PHE A 99 42.45 12.50 -13.20
C PHE A 99 42.57 13.85 -13.89
N TYR A 100 42.76 14.92 -13.12
CA TYR A 100 42.85 16.24 -13.74
C TYR A 100 44.15 16.43 -14.50
N ASN A 101 45.20 15.69 -14.13
CA ASN A 101 46.44 15.76 -14.88
C ASN A 101 46.33 15.08 -16.25
N LEU A 102 45.29 14.27 -16.45
CA LEU A 102 45.23 13.44 -17.66
C LEU A 102 44.90 14.27 -18.89
N PHE A 103 44.23 15.41 -18.73
CA PHE A 103 43.85 16.21 -19.89
C PHE A 103 45.09 16.74 -20.59
N PRO A 104 45.07 16.87 -21.92
CA PRO A 104 46.29 17.26 -22.64
C PRO A 104 46.65 18.73 -22.48
N GLY A 105 45.68 19.64 -22.57
CA GLY A 105 45.99 21.05 -22.61
C GLY A 105 46.14 21.74 -21.27
N VAL A 106 45.83 21.07 -20.17
CA VAL A 106 45.84 21.70 -18.86
C VAL A 106 47.27 21.84 -18.35
N THR A 107 47.60 23.03 -17.85
CA THR A 107 48.88 23.26 -17.22
C THR A 107 48.82 22.78 -15.77
N THR A 108 49.99 22.68 -15.14
CA THR A 108 50.05 22.17 -13.77
C THR A 108 49.31 23.09 -12.79
N GLU A 109 49.41 24.41 -12.99
CA GLU A 109 48.74 25.34 -12.09
C GLU A 109 47.23 25.14 -12.13
N TRP A 110 46.67 24.96 -13.33
CA TRP A 110 45.23 24.80 -13.43
C TRP A 110 44.78 23.43 -12.92
N SER A 111 45.61 22.41 -13.06
CA SER A 111 45.27 21.12 -12.45
C SER A 111 45.20 21.23 -10.93
N TRP A 112 46.19 21.87 -10.32
CA TRP A 112 46.16 22.08 -8.87
C TRP A 112 44.96 22.92 -8.45
N THR A 113 44.66 24.00 -9.18
CA THR A 113 43.51 24.82 -8.86
C THR A 113 42.19 24.07 -8.99
N LEU A 114 42.05 23.25 -10.04
CA LEU A 114 40.81 22.50 -10.23
C LEU A 114 40.61 21.46 -9.14
N THR A 115 41.66 20.74 -8.76
CA THR A 115 41.48 19.76 -7.69
C THR A 115 41.18 20.44 -6.36
N ASN A 116 41.81 21.59 -6.10
CA ASN A 116 41.48 22.33 -4.88
C ASN A 116 40.02 22.77 -4.89
N MET A 117 39.55 23.30 -6.01
CA MET A 117 38.14 23.68 -6.14
C MET A 117 37.23 22.50 -5.82
N THR A 118 37.50 21.36 -6.48
CA THR A 118 36.61 20.21 -6.34
C THR A 118 36.55 19.74 -4.89
N TYR A 119 37.71 19.60 -4.26
CA TYR A 119 37.72 19.10 -2.89
C TYR A 119 37.01 20.06 -1.94
N VAL A 120 37.29 21.36 -2.05
CA VAL A 120 36.69 22.30 -1.11
C VAL A 120 35.17 22.36 -1.31
N ILE A 121 34.72 22.41 -2.56
CA ILE A 121 33.29 22.49 -2.81
C ILE A 121 32.58 21.23 -2.30
N GLY A 122 33.14 20.06 -2.58
CA GLY A 122 32.53 18.84 -2.10
C GLY A 122 32.45 18.79 -0.58
N SER A 123 33.55 19.14 0.10
CA SER A 123 33.54 19.11 1.55
C SER A 123 32.53 20.09 2.13
N TYR A 124 32.46 21.30 1.57
CA TYR A 124 31.50 22.28 2.08
C TYR A 124 30.07 21.81 1.88
N VAL A 125 29.75 21.30 0.69
CA VAL A 125 28.38 20.87 0.42
C VAL A 125 28.01 19.70 1.33
N MET A 126 28.93 18.79 1.59
CA MET A 126 28.61 17.65 2.44
C MET A 126 28.43 18.06 3.89
N PHE A 127 29.33 18.91 4.41
CA PHE A 127 29.33 19.16 5.85
C PHE A 127 28.43 20.32 6.26
N HIS A 128 28.53 21.47 5.59
CA HIS A 128 27.99 22.71 6.12
C HIS A 128 26.72 23.21 5.43
N LEU A 129 26.20 22.51 4.43
CA LEU A 129 25.04 23.01 3.70
C LEU A 129 23.73 22.32 4.07
N ILE A 130 23.73 21.00 4.20
CA ILE A 130 22.52 20.25 4.42
C ILE A 130 22.25 20.18 5.92
N LYS A 131 21.06 20.57 6.34
CA LYS A 131 20.65 20.59 7.74
C LYS A 131 19.54 19.57 7.94
N GLY A 132 19.82 18.50 8.69
CA GLY A 132 18.83 17.50 8.97
C GLY A 132 19.34 16.08 8.90
N THR A 133 18.41 15.13 8.76
CA THR A 133 18.74 13.71 8.68
C THR A 133 18.07 13.10 7.46
N PRO A 134 18.81 12.38 6.61
CA PRO A 134 18.18 11.78 5.42
C PRO A 134 17.06 10.81 5.75
N PHE A 135 17.18 10.06 6.84
CA PHE A 135 16.13 9.17 7.29
C PHE A 135 15.30 9.86 8.37
N ASP A 136 14.35 9.13 8.96
CA ASP A 136 13.42 9.69 9.93
C ASP A 136 13.91 9.37 11.33
N PHE A 137 14.27 10.40 12.09
CA PHE A 137 14.74 10.24 13.45
C PHE A 137 13.53 10.40 14.38
N ASN A 138 13.74 10.52 15.69
CA ASN A 138 12.64 10.58 16.64
C ASN A 138 11.95 11.93 16.54
N GLY A 139 11.03 12.05 15.58
CA GLY A 139 10.20 13.23 15.43
C GLY A 139 10.95 14.50 15.10
N GLY A 140 11.95 14.40 14.23
CA GLY A 140 12.69 15.59 13.80
C GLY A 140 13.45 16.29 14.90
N ALA A 141 14.19 15.54 15.72
CA ALA A 141 14.93 16.15 16.81
C ALA A 141 16.17 16.89 16.31
N TYR A 142 16.66 16.53 15.13
CA TYR A 142 17.89 17.09 14.57
C TYR A 142 17.60 17.96 13.34
N ASP A 143 16.53 18.74 13.38
CA ASP A 143 16.11 19.52 12.24
C ASP A 143 16.76 20.90 12.17
N ASN A 144 17.66 21.23 13.10
CA ASN A 144 18.28 22.54 13.13
C ASN A 144 19.80 22.50 13.11
N LEU A 145 20.41 21.31 13.08
CA LEU A 145 21.85 21.17 13.17
C LEU A 145 22.39 20.53 11.91
N THR A 146 23.53 21.03 11.43
CA THR A 146 24.22 20.43 10.30
C THR A 146 24.98 19.18 10.75
N MET A 147 25.76 18.61 9.84
CA MET A 147 26.51 17.40 10.18
C MET A 147 27.73 17.72 11.03
N TRP A 148 28.38 18.85 10.77
CA TRP A 148 29.56 19.23 11.55
C TRP A 148 29.19 19.48 13.01
N GLU A 149 28.02 20.05 13.26
CA GLU A 149 27.58 20.26 14.63
C GLU A 149 27.12 18.96 15.27
N GLN A 150 26.82 17.95 14.46
CA GLN A 150 26.40 16.65 14.98
C GLN A 150 27.57 15.74 15.30
N ILE A 151 28.75 15.97 14.69
CA ILE A 151 29.88 15.08 14.88
C ILE A 151 30.25 15.02 16.37
N ASP A 152 30.41 13.80 16.88
CA ASP A 152 30.89 13.53 18.24
C ASP A 152 30.02 14.18 19.32
N ASP A 153 28.70 14.22 19.08
CA ASP A 153 27.75 14.70 20.09
C ASP A 153 28.10 16.10 20.57
N GLU A 154 28.45 16.98 19.64
CA GLU A 154 28.73 18.40 19.87
C GLU A 154 29.97 18.65 20.72
N THR A 155 30.72 17.61 21.09
CA THR A 155 31.97 17.81 21.79
C THR A 155 33.01 18.41 20.86
N LEU A 156 33.77 19.37 21.38
CA LEU A 156 34.75 20.09 20.59
C LEU A 156 36.16 19.56 20.87
N TYR A 157 37.06 19.83 19.92
CA TYR A 157 38.48 19.47 20.03
C TYR A 157 38.69 17.96 20.10
N THR A 158 37.82 17.19 19.47
CA THR A 158 38.02 15.75 19.34
C THR A 158 39.00 15.44 18.22
N PRO A 159 39.62 14.25 18.23
CA PRO A 159 40.63 13.94 17.20
C PRO A 159 40.11 14.04 15.78
N SER A 160 38.87 13.61 15.54
CA SER A 160 38.33 13.67 14.19
C SER A 160 38.27 15.10 13.67
N ARG A 161 37.83 16.02 14.52
CA ARG A 161 37.80 17.43 14.13
C ARG A 161 39.19 17.95 13.84
N LYS A 162 40.18 17.53 14.63
CA LYS A 162 41.56 17.96 14.38
C LYS A 162 42.04 17.50 13.02
N PHE A 163 41.80 16.24 12.66
CA PHE A 163 42.24 15.75 11.36
C PHE A 163 41.50 16.47 10.23
N LEU A 164 40.19 16.65 10.37
CA LEU A 164 39.40 17.26 9.31
C LEU A 164 39.77 18.72 9.10
N ILE A 165 40.16 19.42 10.17
CA ILE A 165 40.60 20.81 9.99
C ILE A 165 42.05 20.87 9.52
N SER A 166 42.85 19.83 9.79
CA SER A 166 44.24 19.83 9.35
C SER A 166 44.41 19.53 7.88
N VAL A 167 43.50 18.76 7.27
CA VAL A 167 43.69 18.36 5.86
C VAL A 167 43.75 19.55 4.91
N PRO A 168 42.78 20.48 4.89
CA PRO A 168 42.81 21.52 3.85
C PRO A 168 44.02 22.43 3.91
N ILE A 169 44.55 22.71 5.11
CA ILE A 169 45.73 23.56 5.21
C ILE A 169 46.93 22.89 4.54
N ALA A 170 47.12 21.60 4.78
CA ALA A 170 48.21 20.87 4.12
C ALA A 170 48.02 20.86 2.61
N LEU A 171 46.78 20.65 2.14
CA LEU A 171 46.51 20.71 0.71
C LEU A 171 46.93 22.06 0.13
N PHE A 172 46.49 23.15 0.77
CA PHE A 172 46.81 24.48 0.28
C PHE A 172 48.30 24.74 0.25
N LEU A 173 49.00 24.37 1.32
CA LEU A 173 50.43 24.65 1.39
C LEU A 173 51.21 23.87 0.34
N VAL A 174 50.91 22.58 0.18
CA VAL A 174 51.60 21.79 -0.83
C VAL A 174 51.31 22.34 -2.23
N SER A 175 50.05 22.67 -2.49
CA SER A 175 49.69 23.18 -3.82
C SER A 175 50.41 24.48 -4.13
N THR A 176 50.49 25.39 -3.16
CA THR A 176 51.18 26.66 -3.40
C THR A 176 52.68 26.44 -3.60
N HIS A 177 53.29 25.54 -2.83
CA HIS A 177 54.74 25.41 -2.88
C HIS A 177 55.19 24.70 -4.15
N TYR A 178 54.51 23.62 -4.55
CA TYR A 178 55.00 22.83 -5.68
C TYR A 178 54.70 23.51 -7.01
N ALA A 179 53.61 24.26 -7.11
CA ALA A 179 53.19 24.89 -8.35
C ALA A 179 53.37 26.40 -8.24
N HIS A 180 54.26 26.96 -9.07
CA HIS A 180 54.50 28.39 -9.05
C HIS A 180 53.26 29.13 -9.53
N TYR A 181 52.77 30.05 -8.70
CA TYR A 181 51.53 30.78 -8.96
C TYR A 181 51.83 32.23 -9.30
N ASP A 182 50.78 32.96 -9.65
CA ASP A 182 50.84 34.39 -9.88
C ASP A 182 50.04 35.07 -8.78
N LEU A 183 50.07 36.41 -8.78
CA LEU A 183 49.36 37.15 -7.73
C LEU A 183 47.86 36.90 -7.82
N LYS A 184 47.31 36.91 -9.03
CA LYS A 184 45.87 36.74 -9.19
C LYS A 184 45.40 35.37 -8.74
N LEU A 185 46.08 34.31 -9.19
CA LEU A 185 45.68 32.96 -8.81
C LEU A 185 45.93 32.70 -7.32
N PHE A 186 47.05 33.19 -6.80
CA PHE A 186 47.36 32.99 -5.39
C PHE A 186 46.32 33.66 -4.50
N SER A 187 45.93 34.89 -4.85
CA SER A 187 44.91 35.58 -4.06
C SER A 187 43.60 34.82 -4.06
N TRP A 188 43.18 34.33 -5.22
CA TRP A 188 41.92 33.61 -5.32
C TRP A 188 41.98 32.29 -4.55
N ASN A 189 43.09 31.57 -4.63
CA ASN A 189 43.24 30.33 -3.89
C ASN A 189 43.20 30.58 -2.38
N CYS A 190 43.88 31.63 -1.92
CA CYS A 190 43.85 31.96 -0.50
C CYS A 190 42.43 32.31 -0.06
N PHE A 191 41.72 33.10 -0.87
CA PHE A 191 40.33 33.42 -0.55
C PHE A 191 39.47 32.17 -0.46
N LEU A 192 39.59 31.27 -1.43
CA LEU A 192 38.76 30.08 -1.45
C LEU A 192 39.05 29.19 -0.23
N THR A 193 40.33 28.96 0.05
CA THR A 193 40.67 28.09 1.18
C THR A 193 40.24 28.71 2.51
N THR A 194 40.43 30.02 2.66
CA THR A 194 40.09 30.67 3.93
C THR A 194 38.58 30.69 4.16
N PHE A 195 37.81 31.11 3.16
CA PHE A 195 36.38 31.33 3.37
C PHE A 195 35.53 30.10 3.05
N GLY A 196 36.12 29.01 2.58
CA GLY A 196 35.31 27.86 2.25
C GLY A 196 35.62 26.60 3.03
N ALA A 197 36.76 26.57 3.71
CA ALA A 197 37.21 25.36 4.38
C ALA A 197 37.56 25.56 5.85
N VAL A 198 38.07 26.71 6.23
CA VAL A 198 38.60 26.93 7.58
C VAL A 198 37.60 27.69 8.45
N VAL A 199 37.05 28.79 7.95
CA VAL A 199 36.18 29.64 8.78
C VAL A 199 34.98 28.89 9.34
N PRO A 200 34.25 28.09 8.55
CA PRO A 200 33.13 27.34 9.15
C PRO A 200 33.54 26.38 10.26
N LYS A 201 34.80 25.95 10.29
CA LYS A 201 35.25 25.02 11.32
C LYS A 201 35.57 25.71 12.64
N LEU A 202 35.71 27.03 12.64
CA LEU A 202 36.14 27.73 13.84
C LEU A 202 35.08 27.61 14.95
N PRO A 203 35.51 27.52 16.21
CA PRO A 203 34.53 27.48 17.31
C PRO A 203 33.72 28.75 17.46
N VAL A 204 34.22 29.89 16.98
CA VAL A 204 33.49 31.14 17.14
C VAL A 204 32.21 31.14 16.33
N THR A 205 32.19 30.41 15.21
CA THR A 205 31.02 30.35 14.34
C THR A 205 30.13 29.15 14.65
N HIS A 206 30.36 28.45 15.76
CA HIS A 206 29.52 27.34 16.14
C HIS A 206 28.12 27.83 16.52
N ARG A 207 27.09 27.18 15.97
CA ARG A 207 25.70 27.51 16.25
C ARG A 207 25.39 28.96 15.89
N LEU A 208 25.75 29.34 14.65
CA LEU A 208 25.58 30.69 14.17
C LEU A 208 24.73 30.69 12.90
N ARG A 209 23.83 31.66 12.79
CA ARG A 209 23.00 31.81 11.60
C ARG A 209 23.01 33.26 11.13
N ILE A 210 23.19 33.44 9.83
CA ILE A 210 23.16 34.74 9.18
C ILE A 210 21.90 34.81 8.34
N SER A 211 21.08 35.83 8.58
CA SER A 211 19.79 35.99 7.91
C SER A 211 19.77 37.30 7.14
N ILE A 212 20.25 37.26 5.91
CA ILE A 212 20.17 38.42 5.02
C ILE A 212 18.70 38.67 4.69
N PRO A 213 18.19 39.90 4.76
CA PRO A 213 16.79 40.14 4.42
C PRO A 213 16.49 40.07 2.93
N GLY A 214 17.48 39.80 2.10
CA GLY A 214 17.29 39.72 0.67
C GLY A 214 17.26 38.30 0.13
N ILE A 215 18.39 37.87 -0.44
CA ILE A 215 18.44 36.58 -1.11
C ILE A 215 18.17 35.44 -0.14
N THR A 216 18.87 35.43 0.99
CA THR A 216 18.76 34.33 1.93
C THR A 216 17.43 34.40 2.68
N GLY A 217 16.76 33.26 2.78
CA GLY A 217 15.54 33.20 3.55
C GLY A 217 15.81 33.19 5.05
N ARG A 218 14.77 33.49 5.81
CA ARG A 218 14.89 33.46 7.27
C ARG A 218 15.15 32.05 7.75
N ALA A 219 16.09 31.91 8.68
CA ALA A 219 16.55 30.61 9.15
C ALA A 219 15.88 30.26 10.47
N GLN A 220 15.48 29.00 10.60
CA GLN A 220 14.86 28.53 11.84
C GLN A 220 15.83 28.69 13.00
N ILE A 221 15.33 29.20 14.12
CA ILE A 221 16.16 29.50 15.27
C ILE A 221 15.86 28.61 16.46
N SER A 222 14.75 27.89 16.45
CA SER A 222 14.42 27.00 17.55
C SER A 222 13.60 25.80 17.06
N ILE B 40 37.78 50.47 15.87
CA ILE B 40 38.67 50.79 14.76
C ILE B 40 40.12 50.51 15.15
N VAL B 41 40.46 50.77 16.41
CA VAL B 41 41.78 50.52 16.92
C VAL B 41 41.83 49.38 17.92
N THR B 42 40.70 49.05 18.57
CA THR B 42 40.68 47.94 19.50
C THR B 42 40.92 46.62 18.78
N THR B 43 40.41 46.49 17.55
CA THR B 43 40.60 45.26 16.79
C THR B 43 42.07 45.01 16.49
N SER B 44 42.79 46.05 16.04
CA SER B 44 44.21 45.89 15.76
C SER B 44 45.00 45.57 17.02
N SER B 45 44.68 46.25 18.13
CA SER B 45 45.38 46.00 19.38
C SER B 45 45.16 44.57 19.86
N TYR B 46 43.91 44.08 19.78
CA TYR B 46 43.65 42.72 20.21
C TYR B 46 44.29 41.71 19.27
N LEU B 47 44.31 41.99 17.97
CA LEU B 47 44.98 41.09 17.04
C LEU B 47 46.47 40.99 17.34
N TRP B 48 47.11 42.12 17.62
CA TRP B 48 48.52 42.11 17.98
C TRP B 48 48.75 41.37 19.29
N TYR B 49 47.87 41.57 20.27
CA TYR B 49 48.05 40.92 21.57
C TYR B 49 47.83 39.42 21.50
N TYR B 50 46.93 38.97 20.63
CA TYR B 50 46.49 37.57 20.68
C TYR B 50 47.62 36.60 20.33
N PHE B 51 48.30 36.81 19.20
CA PHE B 51 49.25 35.80 18.76
C PHE B 51 50.52 35.79 19.60
N ASN B 52 50.83 36.88 20.29
CA ASN B 52 52.01 36.90 21.13
C ASN B 52 51.90 35.87 22.25
N LEU B 53 50.71 35.72 22.83
CA LEU B 53 50.52 34.74 23.89
C LEU B 53 50.66 33.32 23.38
N VAL B 54 50.05 33.01 22.23
CA VAL B 54 50.14 31.66 21.69
C VAL B 54 51.52 31.35 21.15
N LEU B 55 52.30 32.40 20.82
CA LEU B 55 53.69 32.18 20.45
C LEU B 55 54.48 31.62 21.62
N THR B 56 54.22 32.13 22.83
CA THR B 56 54.84 31.57 24.03
C THR B 56 54.22 30.23 24.41
N GLN B 57 52.92 30.05 24.15
CA GLN B 57 52.25 28.81 24.52
C GLN B 57 52.83 27.61 23.77
N ILE B 58 53.12 27.79 22.48
CA ILE B 58 53.77 26.72 21.71
C ILE B 58 55.19 26.52 22.23
N PRO B 59 55.66 25.28 22.38
CA PRO B 59 57.01 25.07 22.93
C PRO B 59 58.10 25.79 22.14
N GLY B 60 58.02 25.78 20.81
CA GLY B 60 58.92 26.59 20.02
C GLY B 60 58.20 27.31 18.90
N GLY B 61 58.17 28.63 18.96
CA GLY B 61 57.48 29.40 17.93
C GLY B 61 58.35 30.40 17.20
N GLN B 62 59.37 30.94 17.88
CA GLN B 62 60.19 31.97 17.27
C GLN B 62 61.04 31.45 16.14
N PHE B 63 61.52 30.20 16.25
CA PHE B 63 62.29 29.60 15.17
C PHE B 63 61.45 29.48 13.91
N ILE B 64 60.21 29.01 14.04
CA ILE B 64 59.34 28.86 12.88
C ILE B 64 59.05 30.20 12.24
N VAL B 65 58.74 31.21 13.05
CA VAL B 65 58.44 32.53 12.51
C VAL B 65 59.66 33.10 11.78
N SER B 66 60.84 32.95 12.39
CA SER B 66 62.06 33.45 11.75
C SER B 66 62.32 32.74 10.43
N TYR B 67 62.14 31.41 10.40
CA TYR B 67 62.39 30.66 9.18
C TYR B 67 61.41 31.06 8.08
N ILE B 68 60.13 31.20 8.42
CA ILE B 68 59.13 31.59 7.42
C ILE B 68 59.41 32.99 6.90
N LYS B 69 59.78 33.92 7.80
CA LYS B 69 60.10 35.27 7.37
C LYS B 69 61.32 35.30 6.46
N LYS B 70 62.34 34.51 6.78
CA LYS B 70 63.55 34.49 5.96
C LYS B 70 63.29 33.87 4.59
N SER B 71 62.50 32.79 4.55
CA SER B 71 62.27 32.11 3.29
C SER B 71 61.52 32.98 2.29
N HIS B 72 60.50 33.69 2.76
CA HIS B 72 59.65 34.54 1.93
C HIS B 72 59.87 36.02 2.22
N HIS B 73 61.14 36.41 2.43
CA HIS B 73 61.45 37.79 2.78
C HIS B 73 61.04 38.78 1.70
N ASP B 74 60.93 38.33 0.44
CA ASP B 74 60.60 39.25 -0.64
C ASP B 74 59.18 39.79 -0.51
N ASP B 75 58.22 38.95 -0.13
CA ASP B 75 56.81 39.32 -0.14
C ASP B 75 56.21 39.05 1.24
N PRO B 76 55.59 40.06 1.88
CA PRO B 76 54.97 39.83 3.19
C PRO B 76 53.65 39.08 3.12
N TYR B 77 52.97 39.10 1.98
CA TYR B 77 51.65 38.47 1.86
C TYR B 77 51.73 36.96 2.12
N ARG B 78 52.62 36.28 1.39
CA ARG B 78 52.71 34.83 1.50
C ARG B 78 53.16 34.40 2.88
N THR B 79 54.16 35.07 3.44
CA THR B 79 54.65 34.69 4.77
C THR B 79 53.59 34.96 5.84
N THR B 80 52.84 36.06 5.71
CA THR B 80 51.77 36.32 6.66
C THR B 80 50.70 35.23 6.61
N VAL B 81 50.28 34.84 5.40
CA VAL B 81 49.26 33.81 5.27
C VAL B 81 49.75 32.49 5.84
N GLU B 82 50.98 32.12 5.50
CA GLU B 82 51.54 30.86 5.99
C GLU B 82 51.65 30.85 7.51
N ILE B 83 52.14 31.94 8.10
CA ILE B 83 52.28 32.02 9.55
C ILE B 83 50.92 31.87 10.21
N GLY B 84 49.92 32.62 9.73
CA GLY B 84 48.61 32.52 10.33
C GLY B 84 48.03 31.13 10.29
N LEU B 85 48.08 30.50 9.10
CA LEU B 85 47.47 29.19 8.95
C LEU B 85 48.19 28.14 9.79
N ILE B 86 49.52 28.11 9.74
CA ILE B 86 50.27 27.10 10.49
C ILE B 86 50.08 27.30 12.00
N LEU B 87 50.15 28.55 12.46
CA LEU B 87 50.00 28.79 13.90
C LEU B 87 48.63 28.37 14.38
N TYR B 88 47.56 28.71 13.64
CA TYR B 88 46.25 28.30 14.11
C TYR B 88 46.09 26.79 14.09
N GLY B 89 46.60 26.12 13.05
CA GLY B 89 46.53 24.66 13.04
C GLY B 89 47.22 24.05 14.23
N ILE B 90 48.43 24.52 14.54
CA ILE B 90 49.18 23.96 15.67
C ILE B 90 48.46 24.22 16.98
N ILE B 91 47.96 25.44 17.18
CA ILE B 91 47.34 25.77 18.47
C ILE B 91 46.02 25.01 18.63
N TYR B 92 45.29 24.78 17.54
CA TYR B 92 44.09 23.96 17.63
C TYR B 92 44.44 22.52 17.98
N TYR B 93 45.53 22.00 17.42
CA TYR B 93 45.89 20.61 17.68
C TYR B 93 46.22 20.38 19.15
N LEU B 94 46.73 21.39 19.84
CA LEU B 94 47.28 21.23 21.18
C LEU B 94 46.29 21.44 22.30
N SER B 95 45.01 21.69 22.00
CA SER B 95 44.03 21.98 23.03
C SER B 95 43.54 20.69 23.69
N LYS B 96 42.49 20.80 24.50
CA LYS B 96 41.92 19.68 25.23
C LYS B 96 40.43 19.58 24.97
N PRO B 97 39.86 18.37 25.05
CA PRO B 97 38.43 18.21 24.77
C PRO B 97 37.56 19.01 25.73
N GLN B 98 36.45 19.52 25.22
CA GLN B 98 35.52 20.33 25.99
C GLN B 98 34.11 19.89 25.67
N GLN B 99 33.37 19.44 26.69
CA GLN B 99 32.02 18.97 26.51
C GLN B 99 31.05 20.14 26.29
N LYS B 100 29.79 19.80 26.08
CA LYS B 100 28.75 20.81 25.88
C LYS B 100 28.09 21.15 27.21
N LYS B 101 27.41 22.30 27.24
CA LYS B 101 26.72 22.77 28.44
C LYS B 101 25.32 22.16 28.46
N SER B 102 25.06 21.34 29.47
CA SER B 102 23.79 20.64 29.61
C SER B 102 22.99 21.23 30.77
N LEU B 103 21.82 20.66 31.02
CA LEU B 103 20.97 21.13 32.10
C LEU B 103 21.63 20.93 33.46
N GLN B 104 22.25 19.76 33.67
CA GLN B 104 22.90 19.47 34.94
C GLN B 104 24.19 20.27 35.07
N ALA B 105 24.46 20.76 36.28
CA ALA B 105 25.63 21.57 36.55
C ALA B 105 26.79 20.70 37.04
N GLN B 106 28.00 21.02 36.58
CA GLN B 106 29.18 20.28 37.00
C GLN B 106 29.56 20.61 38.43
N LYS B 107 30.23 19.67 39.09
CA LYS B 107 30.71 19.82 40.46
C LYS B 107 32.17 19.39 40.50
N PRO B 108 33.09 20.25 40.04
CA PRO B 108 34.51 19.86 40.01
C PRO B 108 35.24 20.03 41.33
N ASN B 109 34.58 20.57 42.36
CA ASN B 109 35.24 20.86 43.63
C ASN B 109 34.96 19.79 44.69
N LEU B 110 34.84 18.53 44.30
CA LEU B 110 34.52 17.45 45.23
C LEU B 110 35.70 16.49 45.33
N SER B 111 36.10 16.20 46.57
CA SER B 111 37.13 15.23 46.89
C SER B 111 36.56 13.81 46.86
N PRO B 112 37.40 12.81 46.58
CA PRO B 112 36.87 11.43 46.50
C PRO B 112 36.19 10.95 47.77
N GLN B 113 36.62 11.42 48.94
CA GLN B 113 35.92 11.06 50.17
C GLN B 113 34.48 11.56 50.16
N GLU B 114 34.27 12.79 49.70
CA GLU B 114 32.91 13.30 49.55
C GLU B 114 32.12 12.49 48.53
N ILE B 115 32.79 12.07 47.45
CA ILE B 115 32.10 11.25 46.46
C ILE B 115 31.62 9.95 47.08
N ASP B 116 32.47 9.29 47.86
CA ASP B 116 32.07 8.07 48.55
C ASP B 116 30.93 8.33 49.53
N ALA B 117 31.01 9.44 50.26
CA ALA B 117 29.96 9.76 51.23
C ALA B 117 28.61 9.95 50.56
N LEU B 118 28.57 10.73 49.47
CA LEU B 118 27.30 10.94 48.77
C LEU B 118 26.80 9.66 48.11
N ILE B 119 27.71 8.84 47.56
CA ILE B 119 27.26 7.61 46.91
C ILE B 119 26.67 6.65 47.94
N GLU B 120 27.29 6.55 49.12
CA GLU B 120 26.77 5.65 50.15
C GLU B 120 25.52 6.23 50.80
N ASP B 121 25.36 7.55 50.79
CA ASP B 121 24.22 8.18 51.45
C ASP B 121 22.92 8.03 50.66
N TRP B 122 23.01 7.74 49.37
CA TRP B 122 21.82 7.70 48.53
C TRP B 122 20.84 6.63 49.00
N GLU B 123 19.55 6.93 48.92
CA GLU B 123 18.50 6.02 49.34
C GLU B 123 17.46 5.94 48.24
N PRO B 124 17.19 4.77 47.65
CA PRO B 124 16.20 4.67 46.58
C PRO B 124 14.78 4.54 47.10
N GLU B 125 13.84 4.30 46.20
CA GLU B 125 12.43 4.11 46.50
C GLU B 125 11.98 2.74 46.02
N PRO B 126 10.91 2.19 46.60
CA PRO B 126 10.40 0.90 46.11
C PRO B 126 9.95 1.00 44.66
N LEU B 127 10.08 -0.13 43.95
CA LEU B 127 9.73 -0.16 42.53
C LEU B 127 8.28 0.24 42.32
N VAL B 128 7.36 -0.39 43.04
CA VAL B 128 5.95 -0.01 43.06
C VAL B 128 5.51 0.08 44.52
N ASP B 129 4.81 1.16 44.86
CA ASP B 129 4.41 1.37 46.23
C ASP B 129 3.32 0.38 46.62
N PRO B 130 3.50 -0.38 47.70
CA PRO B 130 2.47 -1.35 48.13
C PRO B 130 1.51 -0.84 49.19
N SER B 131 1.51 0.45 49.50
CA SER B 131 0.68 0.96 50.58
C SER B 131 -0.80 0.82 50.28
N ALA B 132 -1.21 1.10 49.05
CA ALA B 132 -2.62 1.14 48.68
C ALA B 132 -3.09 -0.11 47.97
N THR B 133 -2.29 -1.18 47.96
CA THR B 133 -2.67 -2.39 47.23
C THR B 133 -3.93 -3.01 47.82
N ASP B 134 -4.06 -3.01 49.15
CA ASP B 134 -5.19 -3.68 49.78
C ASP B 134 -6.50 -2.92 49.58
N GLU B 135 -6.44 -1.60 49.40
CA GLU B 135 -7.65 -0.81 49.29
C GLU B 135 -8.40 -1.09 48.00
N GLN B 136 -7.69 -1.13 46.87
CA GLN B 136 -8.31 -1.38 45.57
C GLN B 136 -8.35 -2.85 45.19
N SER B 137 -8.24 -3.76 46.16
CA SER B 137 -8.21 -5.17 45.84
C SER B 137 -9.58 -5.73 45.48
N TRP B 138 -10.66 -5.12 45.95
CA TRP B 138 -11.99 -5.69 45.72
C TRP B 138 -12.32 -5.79 44.24
N ARG B 139 -11.85 -4.83 43.44
CA ARG B 139 -12.14 -4.88 42.00
C ARG B 139 -11.50 -6.09 41.34
N VAL B 140 -10.45 -6.65 41.93
CA VAL B 140 -9.91 -7.91 41.43
C VAL B 140 -10.83 -9.07 41.81
N ALA B 141 -11.37 -9.06 43.03
CA ALA B 141 -12.20 -10.16 43.49
C ALA B 141 -13.61 -10.13 42.93
N LYS B 142 -13.98 -9.08 42.20
CA LYS B 142 -15.31 -8.96 41.63
C LYS B 142 -15.35 -9.36 40.16
N THR B 143 -14.24 -9.78 39.58
CA THR B 143 -14.19 -10.11 38.16
C THR B 143 -14.79 -11.49 37.91
N PRO B 144 -15.78 -11.61 37.04
CA PRO B 144 -16.36 -12.92 36.75
C PRO B 144 -15.47 -13.76 35.86
N VAL B 145 -15.54 -15.07 36.05
CA VAL B 145 -14.74 -16.04 35.32
C VAL B 145 -15.66 -17.10 34.74
N THR B 146 -15.66 -17.24 33.42
CA THR B 146 -16.43 -18.28 32.75
C THR B 146 -15.73 -19.63 32.91
N MET B 147 -16.53 -20.69 33.02
CA MET B 147 -16.02 -22.02 33.32
C MET B 147 -16.39 -22.99 32.19
N GLU B 148 -15.41 -23.33 31.36
CA GLU B 148 -15.49 -24.43 30.40
C GLU B 148 -16.64 -24.29 29.41
N MET B 149 -17.01 -23.06 29.06
CA MET B 149 -18.02 -22.81 28.07
C MET B 149 -17.62 -21.58 27.25
N PRO B 150 -18.04 -21.51 25.99
CA PRO B 150 -17.84 -20.28 25.22
C PRO B 150 -18.71 -19.15 25.76
N ILE B 151 -18.23 -17.92 25.57
CA ILE B 151 -18.96 -16.75 26.03
C ILE B 151 -20.19 -16.56 25.14
N GLN B 152 -21.37 -16.62 25.74
CA GLN B 152 -22.62 -16.56 25.00
C GLN B 152 -23.67 -15.89 25.88
N ASN B 153 -24.94 -16.05 25.50
CA ASN B 153 -26.01 -15.38 26.23
C ASN B 153 -26.22 -15.98 27.62
N HIS B 154 -26.10 -17.29 27.75
CA HIS B 154 -26.28 -17.97 29.03
C HIS B 154 -24.97 -18.67 29.41
N ILE B 155 -24.39 -18.28 30.53
CA ILE B 155 -23.09 -18.78 30.97
C ILE B 155 -23.18 -19.18 32.44
N THR B 156 -22.08 -19.76 32.93
CA THR B 156 -21.92 -20.11 34.34
C THR B 156 -20.61 -19.54 34.82
N ILE B 157 -20.64 -18.79 35.93
CA ILE B 157 -19.47 -18.03 36.37
C ILE B 157 -19.16 -18.36 37.83
N THR B 158 -17.90 -18.14 38.20
CA THR B 158 -17.45 -18.20 39.58
C THR B 158 -16.61 -16.98 39.87
N ARG B 159 -16.70 -16.48 41.10
CA ARG B 159 -16.00 -15.25 41.48
C ARG B 159 -15.21 -15.48 42.77
N ASN B 160 -14.15 -14.69 42.92
CA ASN B 160 -13.35 -14.64 44.14
C ASN B 160 -12.69 -15.99 44.43
N ASN B 161 -11.92 -16.47 43.44
CA ASN B 161 -11.13 -17.68 43.57
C ASN B 161 -12.00 -18.89 43.95
N LEU B 162 -13.05 -19.11 43.18
CA LEU B 162 -13.95 -20.25 43.32
C LEU B 162 -14.66 -20.27 44.68
N GLN B 163 -14.76 -19.12 45.34
CA GLN B 163 -15.49 -19.07 46.61
C GLN B 163 -17.00 -19.06 46.40
N GLU B 164 -17.48 -18.46 45.31
CA GLU B 164 -18.90 -18.38 45.03
C GLU B 164 -19.13 -18.69 43.56
N LYS B 165 -20.22 -19.42 43.28
CA LYS B 165 -20.50 -19.93 41.95
C LYS B 165 -21.96 -19.71 41.61
N TYR B 166 -22.21 -19.09 40.45
CA TYR B 166 -23.57 -18.85 39.96
C TYR B 166 -23.72 -19.51 38.59
N THR B 167 -24.87 -20.16 38.37
CA THR B 167 -25.11 -20.93 37.16
C THR B 167 -26.33 -20.40 36.42
N ASN B 168 -26.26 -20.45 35.09
CA ASN B 168 -27.37 -20.09 34.21
C ASN B 168 -27.78 -18.63 34.41
N VAL B 169 -26.84 -17.73 34.17
CA VAL B 169 -27.09 -16.31 34.25
C VAL B 169 -27.35 -15.77 32.85
N PHE B 170 -27.97 -14.60 32.78
CA PHE B 170 -28.27 -13.93 31.52
C PHE B 170 -27.20 -12.86 31.28
N ASN B 171 -26.47 -12.99 30.18
CA ASN B 171 -25.31 -12.17 29.91
C ASN B 171 -25.73 -10.87 29.23
N LEU B 172 -25.38 -9.74 29.84
CA LEU B 172 -25.59 -8.43 29.24
C LEU B 172 -24.30 -7.61 29.23
N ALA B 173 -23.15 -8.26 29.28
CA ALA B 173 -21.86 -7.58 29.30
C ALA B 173 -20.96 -7.92 28.13
N SER B 174 -21.40 -8.79 27.22
CA SER B 174 -20.57 -9.16 26.08
C SER B 174 -20.42 -8.00 25.12
N ASN B 175 -19.35 -8.04 24.33
CA ASN B 175 -19.04 -6.96 23.39
C ASN B 175 -19.09 -7.42 21.94
N ASN B 176 -19.78 -8.52 21.66
CA ASN B 176 -19.99 -9.01 20.31
C ASN B 176 -21.45 -8.78 19.93
N PHE B 177 -21.67 -8.07 18.82
CA PHE B 177 -23.00 -7.58 18.49
C PHE B 177 -23.73 -8.45 17.47
N LEU B 178 -23.03 -9.14 16.59
CA LEU B 178 -23.68 -9.90 15.52
C LEU B 178 -23.73 -11.39 15.77
N GLN B 179 -22.77 -11.94 16.52
CA GLN B 179 -22.74 -13.37 16.84
C GLN B 179 -22.70 -14.23 15.58
N LEU B 180 -22.04 -13.73 14.53
CA LEU B 180 -21.94 -14.45 13.27
C LEU B 180 -20.78 -15.43 13.23
N SER B 181 -19.89 -15.42 14.21
CA SER B 181 -18.72 -16.29 14.21
C SER B 181 -18.95 -17.59 14.95
N ALA B 182 -20.16 -17.84 15.44
CA ALA B 182 -20.49 -19.08 16.12
C ALA B 182 -21.29 -20.05 15.26
N THR B 183 -21.61 -19.67 14.04
CA THR B 183 -22.38 -20.55 13.15
C THR B 183 -21.49 -21.65 12.60
N GLU B 184 -22.14 -22.68 12.04
CA GLU B 184 -21.42 -23.84 11.55
C GLU B 184 -20.48 -23.55 10.39
N PRO B 185 -20.87 -22.82 9.34
CA PRO B 185 -19.93 -22.62 8.21
C PRO B 185 -18.60 -22.01 8.60
N VAL B 186 -18.61 -21.00 9.48
CA VAL B 186 -17.38 -20.36 9.89
C VAL B 186 -16.51 -21.34 10.68
N LYS B 187 -17.15 -22.18 11.50
CA LYS B 187 -16.41 -23.19 12.25
C LYS B 187 -15.74 -24.20 11.31
N GLU B 188 -16.46 -24.64 10.28
CA GLU B 188 -15.87 -25.55 9.31
C GLU B 188 -14.70 -24.90 8.58
N VAL B 189 -14.86 -23.64 8.21
CA VAL B 189 -13.78 -22.93 7.52
C VAL B 189 -12.56 -22.82 8.42
N VAL B 190 -12.77 -22.52 9.71
CA VAL B 190 -11.66 -22.40 10.65
C VAL B 190 -10.95 -23.74 10.80
N LYS B 191 -11.72 -24.83 10.92
CA LYS B 191 -11.10 -26.15 11.06
C LYS B 191 -10.27 -26.50 9.83
N THR B 192 -10.79 -26.23 8.63
CA THR B 192 -10.04 -26.51 7.41
C THR B 192 -8.77 -25.69 7.34
N THR B 193 -8.86 -24.40 7.69
CA THR B 193 -7.67 -23.54 7.65
C THR B 193 -6.62 -24.01 8.63
N ILE B 194 -7.03 -24.43 9.83
CA ILE B 194 -6.07 -24.93 10.81
C ILE B 194 -5.43 -26.22 10.31
N LYS B 195 -6.22 -27.11 9.72
CA LYS B 195 -5.65 -28.35 9.20
C LYS B 195 -4.66 -28.09 8.07
N ASN B 196 -4.88 -27.04 7.29
CA ASN B 196 -4.03 -26.81 6.13
C ASN B 196 -2.77 -26.02 6.48
N TYR B 197 -2.90 -24.94 7.25
CA TYR B 197 -1.82 -23.97 7.42
C TYR B 197 -1.07 -24.08 8.74
N GLY B 198 -1.70 -24.59 9.79
CA GLY B 198 -1.11 -24.56 11.11
C GLY B 198 -1.72 -23.45 11.96
N VAL B 199 -1.20 -23.34 13.19
CA VAL B 199 -1.81 -22.44 14.15
C VAL B 199 -1.33 -21.01 13.94
N GLY B 200 -0.01 -20.78 13.96
CA GLY B 200 0.52 -19.45 13.91
C GLY B 200 1.60 -19.29 12.86
N ALA B 201 1.82 -18.03 12.48
CA ALA B 201 2.89 -17.66 11.57
C ALA B 201 4.16 -17.37 12.36
N CYS B 202 5.31 -17.56 11.71
CA CYS B 202 6.59 -17.53 12.40
C CYS B 202 7.53 -16.44 11.90
N GLY B 203 7.01 -15.40 11.23
CA GLY B 203 7.86 -14.36 10.72
C GLY B 203 7.19 -13.01 10.63
N PRO B 204 8.00 -11.95 10.57
CA PRO B 204 7.45 -10.61 10.37
C PRO B 204 7.02 -10.41 8.92
N ALA B 205 6.22 -9.37 8.71
CA ALA B 205 5.76 -9.06 7.36
C ALA B 205 6.90 -8.64 6.44
N GLY B 206 8.05 -8.27 7.00
CA GLY B 206 9.15 -7.80 6.17
C GLY B 206 9.76 -8.90 5.31
N PHE B 207 10.04 -10.06 5.90
CA PHE B 207 10.82 -11.08 5.23
C PHE B 207 9.98 -12.20 4.61
N TYR B 208 9.26 -12.96 5.45
CA TYR B 208 8.53 -14.11 4.95
C TYR B 208 7.19 -14.36 5.62
N GLY B 209 6.75 -13.51 6.54
CA GLY B 209 5.55 -13.78 7.29
C GLY B 209 4.26 -13.43 6.59
N ASN B 210 4.32 -12.97 5.35
CA ASN B 210 3.14 -12.53 4.62
C ASN B 210 2.74 -13.60 3.62
N GLN B 211 1.50 -14.06 3.70
CA GLN B 211 0.99 -15.13 2.86
C GLN B 211 -0.12 -14.59 1.94
N ASP B 212 -0.75 -15.50 1.21
CA ASP B 212 -1.77 -15.10 0.23
C ASP B 212 -3.11 -14.75 0.89
N VAL B 213 -3.44 -15.39 2.00
CA VAL B 213 -4.72 -15.13 2.66
C VAL B 213 -4.79 -13.70 3.18
N HIS B 214 -3.66 -13.16 3.65
CA HIS B 214 -3.64 -11.77 4.10
C HIS B 214 -3.92 -10.83 2.94
N TYR B 215 -3.32 -11.09 1.78
CA TYR B 215 -3.60 -10.26 0.61
C TYR B 215 -5.08 -10.35 0.22
N THR B 216 -5.64 -11.56 0.26
CA THR B 216 -7.05 -11.73 -0.09
C THR B 216 -7.94 -10.94 0.88
N LEU B 217 -7.64 -10.98 2.17
CA LEU B 217 -8.43 -10.21 3.13
C LEU B 217 -8.31 -8.71 2.89
N GLU B 218 -7.11 -8.23 2.57
CA GLU B 218 -6.95 -6.82 2.28
C GLU B 218 -7.79 -6.40 1.08
N TYR B 219 -7.77 -7.23 0.02
CA TYR B 219 -8.59 -6.93 -1.15
C TYR B 219 -10.07 -6.93 -0.80
N ASP B 220 -10.52 -7.91 0.00
CA ASP B 220 -11.92 -7.98 0.37
C ASP B 220 -12.35 -6.77 1.18
N LEU B 221 -11.53 -6.34 2.13
CA LEU B 221 -11.87 -5.15 2.92
C LEU B 221 -11.94 -3.92 2.04
N ALA B 222 -10.96 -3.74 1.15
CA ALA B 222 -10.94 -2.58 0.28
C ALA B 222 -12.17 -2.55 -0.62
N GLN B 223 -12.60 -3.71 -1.11
CA GLN B 223 -13.78 -3.75 -1.96
C GLN B 223 -15.05 -3.51 -1.17
N PHE B 224 -15.14 -4.06 0.04
CA PHE B 224 -16.37 -3.96 0.82
C PHE B 224 -16.62 -2.53 1.31
N PHE B 225 -15.58 -1.89 1.85
CA PHE B 225 -15.77 -0.58 2.46
C PHE B 225 -15.56 0.57 1.47
N GLY B 226 -15.37 0.27 0.19
CA GLY B 226 -15.28 1.31 -0.83
C GLY B 226 -14.08 2.21 -0.73
N THR B 227 -12.90 1.66 -0.47
CA THR B 227 -11.67 2.41 -0.37
C THR B 227 -10.57 1.69 -1.15
N GLN B 228 -9.58 2.45 -1.61
CA GLN B 228 -8.55 1.88 -2.45
C GLN B 228 -7.67 0.89 -1.69
N GLY B 229 -7.34 1.18 -0.43
CA GLY B 229 -6.38 0.36 0.27
C GLY B 229 -6.65 0.25 1.76
N SER B 230 -6.19 -0.87 2.32
CA SER B 230 -6.30 -1.15 3.74
C SER B 230 -5.02 -1.83 4.21
N VAL B 231 -4.74 -1.69 5.51
CA VAL B 231 -3.57 -2.26 6.14
C VAL B 231 -4.00 -2.96 7.42
N LEU B 232 -3.43 -4.14 7.67
CA LEU B 232 -3.79 -4.97 8.82
C LEU B 232 -2.79 -4.78 9.95
N TYR B 233 -3.30 -4.82 11.18
CA TYR B 233 -2.50 -4.67 12.38
C TYR B 233 -2.84 -5.76 13.38
N GLY B 234 -1.84 -6.18 14.15
CA GLY B 234 -2.00 -7.33 15.04
C GLY B 234 -2.97 -7.08 16.18
N GLN B 235 -2.97 -5.87 16.73
CA GLN B 235 -3.85 -5.54 17.84
C GLN B 235 -4.49 -4.19 17.59
N ASP B 236 -5.77 -4.07 17.98
CA ASP B 236 -6.50 -2.84 17.73
C ASP B 236 -6.08 -1.72 18.66
N PHE B 237 -5.66 -2.05 19.88
CA PHE B 237 -5.22 -1.04 20.84
C PHE B 237 -3.93 -0.36 20.40
N CYS B 238 -3.14 -1.00 19.54
CA CYS B 238 -1.87 -0.45 19.07
C CYS B 238 -1.93 0.03 17.63
N ALA B 239 -3.12 0.37 17.15
CA ALA B 239 -3.26 0.90 15.79
C ALA B 239 -3.17 2.41 15.75
N ALA B 240 -4.01 3.10 16.54
CA ALA B 240 -3.98 4.56 16.56
C ALA B 240 -2.64 5.13 17.02
N PRO B 241 -2.00 4.64 18.09
CA PRO B 241 -0.70 5.21 18.47
C PRO B 241 0.42 4.96 17.47
N SER B 242 0.20 4.11 16.47
CA SER B 242 1.26 3.74 15.53
C SER B 242 1.15 4.42 14.18
N VAL B 243 -0.03 4.90 13.79
CA VAL B 243 -0.23 5.50 12.49
C VAL B 243 -0.13 7.01 12.53
N LEU B 244 -0.71 7.65 13.55
CA LEU B 244 -0.68 9.11 13.63
C LEU B 244 0.74 9.67 13.72
N PRO B 245 1.64 9.14 14.55
CA PRO B 245 3.01 9.68 14.56
C PRO B 245 3.76 9.51 13.25
N ALA B 246 3.32 8.60 12.37
CA ALA B 246 4.02 8.42 11.11
C ALA B 246 3.83 9.60 10.17
N PHE B 247 2.68 10.26 10.23
CA PHE B 247 2.35 11.34 9.29
C PHE B 247 2.44 12.73 9.91
N THR B 248 2.92 12.84 11.15
CA THR B 248 2.95 14.12 11.82
C THR B 248 4.32 14.34 12.47
N LYS B 249 4.84 15.56 12.32
CA LYS B 249 6.17 15.93 12.77
C LYS B 249 6.07 17.22 13.56
N ARG B 250 7.18 17.61 14.20
CA ARG B 250 7.19 18.87 14.95
C ARG B 250 6.95 20.05 14.03
N GLY B 251 6.08 20.95 14.45
CA GLY B 251 5.68 22.10 13.66
C GLY B 251 4.35 21.97 12.95
N ASP B 252 3.63 20.88 13.16
CA ASP B 252 2.32 20.66 12.58
C ASP B 252 1.23 21.03 13.58
N VAL B 253 0.00 21.15 13.08
CA VAL B 253 -1.14 21.58 13.87
C VAL B 253 -2.18 20.48 13.88
N ILE B 254 -2.67 20.12 15.06
CA ILE B 254 -3.71 19.12 15.23
C ILE B 254 -4.81 19.70 16.10
N VAL B 255 -6.05 19.57 15.66
CA VAL B 255 -7.22 20.02 16.41
C VAL B 255 -8.03 18.79 16.78
N ALA B 256 -8.25 18.59 18.08
CA ALA B 256 -8.87 17.37 18.58
C ALA B 256 -10.11 17.71 19.40
N ASP B 257 -10.98 16.70 19.56
CA ASP B 257 -12.22 16.88 20.27
C ASP B 257 -11.97 17.05 21.77
N ASP B 258 -13.00 17.51 22.48
CA ASP B 258 -12.86 17.79 23.91
C ASP B 258 -12.67 16.50 24.72
N GLN B 259 -13.41 15.44 24.39
CA GLN B 259 -13.32 14.18 25.11
C GLN B 259 -13.20 13.04 24.10
N VAL B 260 -12.06 12.34 24.16
CA VAL B 260 -11.79 11.19 23.30
C VAL B 260 -11.25 10.07 24.19
N SER B 261 -11.11 8.89 23.60
CA SER B 261 -10.67 7.73 24.35
C SER B 261 -9.17 7.79 24.61
N LEU B 262 -8.70 6.86 25.45
CA LEU B 262 -7.30 6.86 25.85
C LEU B 262 -6.33 6.59 24.70
N PRO B 263 -6.57 5.62 23.80
CA PRO B 263 -5.59 5.40 22.72
C PRO B 263 -5.35 6.64 21.87
N VAL B 264 -6.38 7.43 21.59
CA VAL B 264 -6.20 8.65 20.82
C VAL B 264 -5.34 9.64 21.60
N GLN B 265 -5.51 9.70 22.92
CA GLN B 265 -4.68 10.57 23.74
C GLN B 265 -3.22 10.12 23.70
N ASN B 266 -2.98 8.81 23.74
CA ASN B 266 -1.61 8.31 23.62
C ASN B 266 -1.01 8.67 22.27
N ALA B 267 -1.80 8.55 21.21
CA ALA B 267 -1.31 8.93 19.88
C ALA B 267 -0.98 10.42 19.82
N LEU B 268 -1.83 11.25 20.42
CA LEU B 268 -1.55 12.69 20.45
C LEU B 268 -0.28 12.99 21.22
N GLN B 269 -0.05 12.28 22.34
CA GLN B 269 1.16 12.49 23.11
C GLN B 269 2.41 12.09 22.33
N LEU B 270 2.37 10.94 21.67
CA LEU B 270 3.51 10.51 20.86
C LEU B 270 3.64 11.30 19.56
N SER B 271 2.65 12.10 19.19
CA SER B 271 2.69 12.81 17.92
C SER B 271 3.81 13.84 17.88
N ARG B 272 4.05 14.54 18.98
CA ARG B 272 5.02 15.64 19.05
C ARG B 272 4.65 16.76 18.08
N SER B 273 3.47 17.33 18.28
CA SER B 273 3.00 18.44 17.47
C SER B 273 2.03 19.28 18.29
N THR B 274 1.83 20.52 17.85
CA THR B 274 0.93 21.42 18.56
C THR B 274 -0.50 20.88 18.53
N VAL B 275 -1.15 20.92 19.70
CA VAL B 275 -2.48 20.33 19.86
C VAL B 275 -3.40 21.36 20.48
N TYR B 276 -4.54 21.60 19.85
CA TYR B 276 -5.60 22.46 20.39
C TYR B 276 -6.82 21.62 20.71
N TYR B 277 -7.70 22.17 21.54
CA TYR B 277 -8.93 21.50 21.94
C TYR B 277 -10.12 22.41 21.68
N PHE B 278 -11.22 21.82 21.21
CA PHE B 278 -12.46 22.55 21.01
C PHE B 278 -13.59 21.84 21.73
N ASN B 279 -14.63 22.60 22.05
CA ASN B 279 -15.71 22.08 22.89
C ASN B 279 -16.42 20.91 22.22
N HIS B 280 -16.97 20.03 23.04
CA HIS B 280 -17.57 18.79 22.54
C HIS B 280 -18.79 19.10 21.69
N ASN B 281 -18.71 18.74 20.41
CA ASN B 281 -19.82 18.87 19.46
C ASN B 281 -20.35 20.30 19.41
N ASP B 282 -19.44 21.26 19.32
CA ASP B 282 -19.79 22.68 19.21
C ASP B 282 -19.11 23.23 17.97
N MET B 283 -19.88 23.41 16.90
CA MET B 283 -19.31 23.80 15.62
C MET B 283 -18.92 25.27 15.55
N ASN B 284 -19.56 26.13 16.33
CA ASN B 284 -19.19 27.54 16.33
C ASN B 284 -17.78 27.74 16.86
N SER B 285 -17.45 27.07 17.97
CA SER B 285 -16.10 27.17 18.52
C SER B 285 -15.07 26.60 17.57
N LEU B 286 -15.39 25.47 16.94
CA LEU B 286 -14.48 24.88 15.96
C LEU B 286 -14.23 25.83 14.80
N GLU B 287 -15.29 26.45 14.28
CA GLU B 287 -15.13 27.39 13.18
C GLU B 287 -14.28 28.59 13.59
N CYS B 288 -14.52 29.12 14.79
CA CYS B 288 -13.72 30.26 15.26
C CYS B 288 -12.25 29.89 15.41
N LEU B 289 -11.97 28.70 15.95
CA LEU B 289 -10.59 28.27 16.11
C LEU B 289 -9.90 28.10 14.76
N LEU B 290 -10.58 27.48 13.80
CA LEU B 290 -10.00 27.34 12.46
C LEU B 290 -9.75 28.70 11.82
N ASN B 291 -10.68 29.64 12.00
CA ASN B 291 -10.50 30.97 11.44
C ASN B 291 -9.26 31.64 12.03
N GLU B 292 -9.10 31.56 13.35
CA GLU B 292 -7.93 32.16 13.99
C GLU B 292 -6.64 31.56 13.47
N LEU B 293 -6.58 30.21 13.41
CA LEU B 293 -5.37 29.54 12.95
C LEU B 293 -5.05 29.92 11.51
N THR B 294 -6.06 29.93 10.64
CA THR B 294 -5.82 30.27 9.24
C THR B 294 -5.33 31.70 9.09
N GLU B 295 -5.92 32.64 9.82
CA GLU B 295 -5.49 34.03 9.72
C GLU B 295 -4.06 34.19 10.19
N GLN B 296 -3.69 33.58 11.31
CA GLN B 296 -2.32 33.70 11.80
C GLN B 296 -1.34 33.08 10.82
N GLU B 297 -1.66 31.90 10.29
CA GLU B 297 -0.75 31.23 9.36
C GLU B 297 -0.57 32.05 8.09
N LYS B 298 -1.65 32.63 7.57
CA LYS B 298 -1.54 33.46 6.38
C LYS B 298 -0.71 34.71 6.66
N LEU B 299 -0.90 35.33 7.82
CA LEU B 299 -0.13 36.53 8.14
C LEU B 299 1.34 36.22 8.38
N GLU B 300 1.68 34.99 8.77
CA GLU B 300 3.08 34.67 9.08
C GLU B 300 3.96 34.63 7.84
N LYS B 301 3.38 34.40 6.65
CA LYS B 301 4.13 34.30 5.39
C LYS B 301 5.19 33.21 5.48
N LEU B 302 4.71 31.98 5.64
CA LEU B 302 5.55 30.80 5.81
C LEU B 302 5.89 30.21 4.45
N PRO B 303 7.14 29.81 4.20
CA PRO B 303 7.49 29.31 2.85
C PRO B 303 6.76 28.03 2.47
N ALA B 304 6.80 27.01 3.32
CA ALA B 304 6.17 25.72 3.04
C ALA B 304 5.01 25.52 4.00
N ILE B 305 3.83 25.26 3.45
CA ILE B 305 2.63 25.08 4.28
C ILE B 305 2.75 23.78 5.06
N PRO B 306 2.35 23.75 6.32
CA PRO B 306 2.50 22.54 7.14
C PRO B 306 1.34 21.57 6.91
N ARG B 307 1.35 20.49 7.69
CA ARG B 307 0.30 19.48 7.64
C ARG B 307 -0.68 19.71 8.77
N LYS B 308 -1.98 19.62 8.46
CA LYS B 308 -3.04 19.88 9.42
C LYS B 308 -3.99 18.70 9.45
N PHE B 309 -4.62 18.48 10.61
CA PHE B 309 -5.52 17.36 10.79
C PHE B 309 -6.66 17.75 11.72
N ILE B 310 -7.75 17.00 11.61
CA ILE B 310 -8.87 17.08 12.55
C ILE B 310 -9.17 15.67 13.03
N VAL B 311 -9.00 15.42 14.32
CA VAL B 311 -9.06 14.08 14.88
C VAL B 311 -10.36 13.93 15.65
N THR B 312 -11.12 12.87 15.33
CA THR B 312 -12.35 12.60 16.07
C THR B 312 -12.71 11.14 15.90
N GLU B 313 -13.92 10.77 16.33
CA GLU B 313 -14.37 9.39 16.24
C GLU B 313 -15.87 9.38 16.00
N GLY B 314 -16.43 8.18 15.90
CA GLY B 314 -17.85 8.02 15.62
C GLY B 314 -18.63 7.93 16.90
N ILE B 315 -19.14 6.75 17.23
CA ILE B 315 -19.79 6.54 18.52
C ILE B 315 -18.70 6.52 19.59
N PHE B 316 -18.75 7.49 20.51
CA PHE B 316 -17.70 7.63 21.51
C PHE B 316 -17.70 6.45 22.48
N HIS B 317 -16.51 6.15 23.01
CA HIS B 317 -16.37 5.01 23.90
C HIS B 317 -16.90 5.30 25.30
N ASN B 318 -16.80 6.55 25.76
CA ASN B 318 -17.18 6.91 27.12
C ASN B 318 -18.56 7.56 27.19
N SER B 319 -18.92 8.39 26.22
CA SER B 319 -20.23 9.03 26.21
C SER B 319 -21.27 8.25 25.44
N GLY B 320 -20.86 7.57 24.37
CA GLY B 320 -21.79 6.79 23.57
C GLY B 320 -22.79 7.60 22.76
N ASP B 321 -22.36 8.70 22.16
CA ASP B 321 -23.21 9.52 21.31
C ASP B 321 -22.60 9.64 19.92
N LEU B 322 -23.38 10.19 19.00
CA LEU B 322 -23.04 10.23 17.59
C LEU B 322 -22.45 11.59 17.21
N ALA B 323 -21.56 11.57 16.21
CA ALA B 323 -20.88 12.76 15.72
C ALA B 323 -21.45 13.19 14.37
N PRO B 324 -21.60 14.50 14.15
CA PRO B 324 -22.17 14.99 12.88
C PRO B 324 -21.10 15.08 11.80
N LEU B 325 -21.29 14.32 10.72
CA LEU B 325 -20.34 14.27 9.62
C LEU B 325 -20.45 15.44 8.63
N PRO B 326 -21.64 15.80 8.15
CA PRO B 326 -21.70 16.80 7.07
C PRO B 326 -21.07 18.14 7.41
N GLU B 327 -21.25 18.62 8.64
CA GLU B 327 -20.63 19.88 9.03
C GLU B 327 -19.11 19.77 9.03
N LEU B 328 -18.58 18.65 9.54
CA LEU B 328 -17.14 18.45 9.53
C LEU B 328 -16.61 18.41 8.11
N THR B 329 -17.32 17.74 7.20
CA THR B 329 -16.89 17.69 5.81
C THR B 329 -16.90 19.08 5.17
N LYS B 330 -17.94 19.85 5.42
CA LYS B 330 -18.01 21.20 4.87
C LYS B 330 -16.86 22.05 5.39
N LEU B 331 -16.58 21.96 6.69
CA LEU B 331 -15.52 22.77 7.28
C LEU B 331 -14.14 22.35 6.75
N LYS B 332 -13.88 21.05 6.62
CA LYS B 332 -12.59 20.62 6.12
C LYS B 332 -12.41 20.99 4.66
N ASN B 333 -13.49 20.99 3.86
CA ASN B 333 -13.37 21.45 2.49
C ASN B 333 -13.16 22.95 2.41
N LYS B 334 -13.76 23.71 3.33
CA LYS B 334 -13.62 25.16 3.28
C LYS B 334 -12.24 25.62 3.75
N TYR B 335 -11.71 25.03 4.82
CA TYR B 335 -10.50 25.53 5.46
C TYR B 335 -9.27 24.68 5.17
N LYS B 336 -9.36 23.71 4.25
CA LYS B 336 -8.23 22.91 3.81
C LYS B 336 -7.60 22.13 4.97
N PHE B 337 -8.38 21.20 5.51
CA PHE B 337 -7.94 20.32 6.58
C PHE B 337 -8.24 18.87 6.19
N ARG B 338 -7.49 17.96 6.80
CA ARG B 338 -7.72 16.53 6.63
C ARG B 338 -8.47 15.98 7.83
N LEU B 339 -9.03 14.77 7.67
CA LEU B 339 -9.92 14.19 8.66
C LEU B 339 -9.47 12.80 9.07
N PHE B 340 -9.41 12.57 10.38
CA PHE B 340 -9.06 11.28 10.97
C PHE B 340 -10.22 10.82 11.84
N VAL B 341 -10.73 9.62 11.56
CA VAL B 341 -11.87 9.07 12.31
C VAL B 341 -11.47 7.73 12.91
N ASP B 342 -11.59 7.63 14.23
CA ASP B 342 -11.31 6.40 14.96
C ASP B 342 -12.64 5.75 15.34
N GLU B 343 -13.25 5.02 14.41
CA GLU B 343 -14.53 4.38 14.63
C GLU B 343 -14.33 2.90 14.92
N THR B 344 -14.71 2.47 16.11
CA THR B 344 -14.60 1.09 16.55
C THR B 344 -15.97 0.48 16.87
N PHE B 345 -16.86 1.26 17.47
CA PHE B 345 -18.18 0.78 17.86
C PHE B 345 -19.25 1.10 16.84
N SER B 346 -18.87 1.43 15.60
CA SER B 346 -19.83 1.83 14.58
C SER B 346 -19.65 1.12 13.25
N ILE B 347 -18.67 0.23 13.11
CA ILE B 347 -18.45 -0.46 11.84
C ILE B 347 -19.59 -1.42 11.55
N GLY B 348 -19.96 -2.24 12.52
CA GLY B 348 -20.94 -3.28 12.31
C GLY B 348 -22.33 -3.02 12.85
N VAL B 349 -22.66 -1.79 13.24
CA VAL B 349 -23.95 -1.52 13.85
C VAL B 349 -24.68 -0.41 13.10
N LEU B 350 -23.94 0.47 12.43
CA LEU B 350 -24.51 1.62 11.76
C LEU B 350 -24.68 1.36 10.27
N GLY B 351 -25.68 2.01 9.69
CA GLY B 351 -25.97 1.87 8.28
C GLY B 351 -27.02 0.81 8.00
N ALA B 352 -27.58 0.89 6.79
CA ALA B 352 -28.60 -0.09 6.39
C ALA B 352 -28.02 -1.49 6.30
N THR B 353 -26.81 -1.61 5.75
CA THR B 353 -26.15 -2.90 5.61
C THR B 353 -25.11 -3.15 6.68
N GLY B 354 -24.48 -2.10 7.20
CA GLY B 354 -23.43 -2.24 8.19
C GLY B 354 -22.08 -1.84 7.65
N ARG B 355 -22.05 -0.82 6.78
CA ARG B 355 -20.82 -0.38 6.16
C ARG B 355 -20.13 0.76 6.91
N GLY B 356 -20.71 1.23 8.01
CA GLY B 356 -20.03 2.21 8.82
C GLY B 356 -20.80 3.51 9.04
N LEU B 357 -20.07 4.55 9.44
CA LEU B 357 -20.71 5.85 9.71
C LEU B 357 -21.12 6.55 8.43
N SER B 358 -20.36 6.35 7.35
CA SER B 358 -20.64 7.06 6.10
C SER B 358 -21.98 6.66 5.51
N GLU B 359 -22.34 5.37 5.60
CA GLU B 359 -23.60 4.92 5.04
C GLU B 359 -24.79 5.54 5.75
N HIS B 360 -24.67 5.78 7.06
CA HIS B 360 -25.80 6.32 7.83
C HIS B 360 -26.21 7.69 7.30
N PHE B 361 -25.24 8.53 6.93
CA PHE B 361 -25.52 9.87 6.44
C PHE B 361 -25.66 9.91 4.92
N ASN B 362 -25.60 8.77 4.25
CA ASN B 362 -25.74 8.68 2.79
C ASN B 362 -24.69 9.53 2.08
N MET B 363 -23.42 9.20 2.33
CA MET B 363 -22.30 9.89 1.72
C MET B 363 -21.32 8.85 1.18
N ASP B 364 -20.24 9.34 0.58
CA ASP B 364 -19.20 8.49 0.00
C ASP B 364 -17.96 8.52 0.90
N ARG B 365 -17.46 7.33 1.24
CA ARG B 365 -16.35 7.26 2.19
C ARG B 365 -15.03 7.70 1.55
N ALA B 366 -14.90 7.58 0.23
CA ALA B 366 -13.63 7.88 -0.41
C ALA B 366 -13.24 9.34 -0.25
N THR B 367 -14.21 10.25 -0.34
CA THR B 367 -13.94 11.67 -0.29
C THR B 367 -14.23 12.32 1.06
N ALA B 368 -15.19 11.77 1.82
CA ALA B 368 -15.60 12.40 3.07
C ALA B 368 -14.51 12.28 4.14
N ILE B 369 -13.96 11.08 4.31
CA ILE B 369 -13.02 10.77 5.38
C ILE B 369 -11.68 10.44 4.78
N ASP B 370 -10.61 10.98 5.36
CA ASP B 370 -9.26 10.76 4.85
C ASP B 370 -8.61 9.53 5.46
N ILE B 371 -8.60 9.41 6.79
CA ILE B 371 -8.01 8.25 7.46
C ILE B 371 -9.09 7.59 8.32
N THR B 372 -9.26 6.28 8.17
CA THR B 372 -10.22 5.56 8.99
C THR B 372 -9.50 4.46 9.77
N VAL B 373 -9.80 4.36 11.06
CA VAL B 373 -9.24 3.31 11.91
C VAL B 373 -10.38 2.43 12.41
N GLY B 374 -10.24 1.12 12.26
CA GLY B 374 -11.28 0.19 12.67
C GLY B 374 -10.71 -0.91 13.56
N SER B 375 -11.62 -1.81 13.96
CA SER B 375 -11.26 -2.97 14.76
C SER B 375 -12.19 -4.12 14.40
N MET B 376 -11.66 -5.34 14.51
CA MET B 376 -12.41 -6.53 14.15
C MET B 376 -12.90 -7.34 15.34
N ALA B 377 -12.44 -7.01 16.56
CA ALA B 377 -12.79 -7.83 17.71
C ALA B 377 -14.22 -7.58 18.17
N THR B 378 -14.75 -6.37 17.92
CA THR B 378 -16.05 -6.01 18.49
C THR B 378 -17.20 -6.68 17.74
N ALA B 379 -17.36 -6.35 16.46
CA ALA B 379 -18.52 -6.78 15.70
C ALA B 379 -18.26 -7.97 14.81
N LEU B 380 -17.12 -7.98 14.10
CA LEU B 380 -16.83 -9.08 13.18
C LEU B 380 -16.56 -10.39 13.90
N GLY B 381 -16.02 -10.34 15.11
CA GLY B 381 -15.84 -11.55 15.91
C GLY B 381 -14.49 -12.21 15.81
N SER B 382 -13.43 -11.47 15.54
CA SER B 382 -12.10 -12.04 15.51
C SER B 382 -11.08 -10.95 15.81
N THR B 383 -9.90 -11.36 16.29
CA THR B 383 -8.90 -10.41 16.73
C THR B 383 -8.21 -9.72 15.55
N GLY B 384 -7.67 -8.53 15.81
CA GLY B 384 -6.91 -7.76 14.86
C GLY B 384 -7.44 -6.36 14.72
N GLY B 385 -6.87 -5.62 13.77
CA GLY B 385 -7.36 -4.28 13.46
C GLY B 385 -6.96 -3.90 12.04
N PHE B 386 -7.56 -2.82 11.55
CA PHE B 386 -7.26 -2.38 10.19
C PHE B 386 -7.34 -0.85 10.07
N VAL B 387 -6.67 -0.35 9.04
CA VAL B 387 -6.64 1.07 8.72
C VAL B 387 -6.98 1.23 7.24
N LEU B 388 -7.89 2.16 6.93
CA LEU B 388 -8.42 2.34 5.59
C LEU B 388 -8.08 3.72 5.05
N GLY B 389 -7.67 3.73 3.78
CA GLY B 389 -7.33 4.97 3.10
C GLY B 389 -6.86 4.69 1.68
N ASP B 390 -6.32 5.73 1.05
CA ASP B 390 -5.91 5.63 -0.34
C ASP B 390 -4.58 4.87 -0.45
N SER B 391 -4.05 4.80 -1.68
CA SER B 391 -2.92 3.94 -1.96
C SER B 391 -1.61 4.49 -1.40
N VAL B 392 -1.40 5.81 -1.54
CA VAL B 392 -0.13 6.40 -1.11
C VAL B 392 0.04 6.26 0.40
N MET B 393 -1.03 6.46 1.16
CA MET B 393 -0.94 6.33 2.60
C MET B 393 -0.54 4.91 3.00
N CYS B 394 -1.13 3.90 2.36
CA CYS B 394 -0.77 2.53 2.67
C CYS B 394 0.66 2.22 2.28
N LEU B 395 1.09 2.72 1.12
CA LEU B 395 2.46 2.51 0.69
C LEU B 395 3.46 3.11 1.68
N HIS B 396 3.12 4.26 2.26
CA HIS B 396 4.00 4.85 3.25
C HIS B 396 3.92 4.13 4.59
N GLN B 397 2.75 3.64 4.99
CA GLN B 397 2.62 2.91 6.23
C GLN B 397 3.41 1.61 6.22
N ARG B 398 3.51 0.96 5.05
CA ARG B 398 4.21 -0.31 5.00
C ARG B 398 5.70 -0.18 5.30
N ILE B 399 6.24 1.04 5.33
CA ILE B 399 7.65 1.28 5.62
C ILE B 399 7.85 2.09 6.89
N GLY B 400 7.06 3.15 7.08
CA GLY B 400 7.28 4.10 8.15
C GLY B 400 6.48 3.90 9.42
N SER B 401 5.81 2.76 9.58
CA SER B 401 5.02 2.48 10.78
C SER B 401 5.75 1.44 11.63
N ASN B 402 5.91 1.75 12.92
CA ASN B 402 6.71 0.90 13.79
C ASN B 402 6.00 -0.41 14.11
N ALA B 403 4.71 -0.33 14.45
CA ALA B 403 3.99 -1.54 14.85
C ALA B 403 3.79 -2.52 13.72
N TYR B 404 3.97 -2.08 12.46
CA TYR B 404 3.82 -2.99 11.33
C TYR B 404 5.15 -3.60 10.93
N CYS B 405 6.23 -2.82 11.01
CA CYS B 405 7.54 -3.30 10.57
C CYS B 405 8.17 -4.26 11.58
N PHE B 406 7.92 -4.06 12.87
CA PHE B 406 8.64 -4.76 13.93
C PHE B 406 7.73 -5.68 14.74
N SER B 407 6.86 -6.43 14.06
CA SER B 407 5.99 -7.38 14.74
C SER B 407 5.60 -8.48 13.78
N ALA B 408 5.16 -9.61 14.35
CA ALA B 408 4.79 -10.77 13.56
C ALA B 408 3.39 -10.60 12.96
N CYS B 409 3.08 -11.44 11.99
CA CYS B 409 1.82 -11.37 11.27
C CYS B 409 0.73 -12.15 12.01
N LEU B 410 -0.51 -11.90 11.62
CA LEU B 410 -1.64 -12.55 12.25
C LEU B 410 -1.73 -14.01 11.83
N PRO B 411 -2.31 -14.87 12.67
CA PRO B 411 -2.56 -16.25 12.26
C PRO B 411 -3.59 -16.32 11.13
N ALA B 412 -3.53 -17.43 10.38
CA ALA B 412 -4.31 -17.53 9.16
C ALA B 412 -5.80 -17.67 9.43
N TYR B 413 -6.18 -18.41 10.49
CA TYR B 413 -7.59 -18.74 10.69
C TYR B 413 -8.42 -17.50 11.00
N THR B 414 -7.86 -16.54 11.75
CA THR B 414 -8.58 -15.30 11.99
C THR B 414 -8.88 -14.57 10.69
N VAL B 415 -7.89 -14.49 9.80
CA VAL B 415 -8.07 -13.83 8.52
C VAL B 415 -9.16 -14.51 7.70
N THR B 416 -9.08 -15.84 7.61
CA THR B 416 -10.04 -16.55 6.78
C THR B 416 -11.46 -16.44 7.34
N SER B 417 -11.60 -16.54 8.66
CA SER B 417 -12.93 -16.40 9.27
C SER B 417 -13.48 -15.00 9.07
N VAL B 418 -12.63 -13.97 9.16
CA VAL B 418 -13.11 -12.61 8.93
C VAL B 418 -13.60 -12.45 7.49
N SER B 419 -12.85 -13.00 6.53
CA SER B 419 -13.29 -12.90 5.13
C SER B 419 -14.63 -13.61 4.92
N LYS B 420 -14.80 -14.79 5.51
CA LYS B 420 -16.07 -15.50 5.38
C LYS B 420 -17.21 -14.70 6.01
N VAL B 421 -16.96 -14.08 7.17
CA VAL B 421 -17.98 -13.27 7.82
C VAL B 421 -18.35 -12.07 6.94
N LEU B 422 -17.37 -11.47 6.29
CA LEU B 422 -17.65 -10.36 5.38
C LEU B 422 -18.54 -10.81 4.22
N LYS B 423 -18.24 -11.98 3.65
CA LYS B 423 -19.08 -12.49 2.57
C LYS B 423 -20.52 -12.75 3.05
N LEU B 424 -20.65 -13.34 4.24
CA LEU B 424 -21.98 -13.60 4.78
C LEU B 424 -22.75 -12.30 5.01
N MET B 425 -22.07 -11.27 5.53
CA MET B 425 -22.72 -9.98 5.74
C MET B 425 -23.14 -9.36 4.42
N ASP B 426 -22.32 -9.50 3.38
CA ASP B 426 -22.69 -8.98 2.07
C ASP B 426 -23.90 -9.70 1.50
N SER B 427 -24.04 -11.00 1.76
CA SER B 427 -25.16 -11.75 1.20
C SER B 427 -26.50 -11.29 1.79
N ASN B 428 -26.59 -11.23 3.11
CA ASN B 428 -27.87 -10.98 3.79
C ASN B 428 -27.66 -9.97 4.91
N ASN B 429 -28.73 -9.27 5.27
CA ASN B 429 -28.63 -8.18 6.26
C ASN B 429 -29.81 -8.22 7.23
N ASP B 430 -30.20 -9.42 7.69
CA ASP B 430 -31.24 -9.49 8.72
C ASP B 430 -30.70 -9.17 10.10
N ALA B 431 -29.45 -9.55 10.38
CA ALA B 431 -28.88 -9.36 11.72
C ALA B 431 -28.80 -7.88 12.07
N VAL B 432 -28.41 -7.04 11.11
CA VAL B 432 -28.29 -5.61 11.37
C VAL B 432 -29.66 -5.02 11.72
N GLN B 433 -30.70 -5.41 10.97
CA GLN B 433 -32.04 -4.92 11.26
C GLN B 433 -32.50 -5.34 12.65
N THR B 434 -32.28 -6.61 13.00
CA THR B 434 -32.67 -7.08 14.33
C THR B 434 -31.93 -6.32 15.42
N LEU B 435 -30.63 -6.10 15.23
CA LEU B 435 -29.84 -5.38 16.22
C LEU B 435 -30.33 -3.95 16.38
N GLN B 436 -30.64 -3.28 15.27
CA GLN B 436 -31.12 -1.90 15.35
C GLN B 436 -32.45 -1.83 16.10
N LYS B 437 -33.37 -2.75 15.79
CA LYS B 437 -34.65 -2.75 16.48
C LYS B 437 -34.48 -3.02 17.97
N LEU B 438 -33.63 -3.99 18.34
CA LEU B 438 -33.41 -4.28 19.75
C LEU B 438 -32.79 -3.10 20.47
N SER B 439 -31.82 -2.43 19.84
CA SER B 439 -31.17 -1.29 20.49
C SER B 439 -32.16 -0.14 20.70
N LYS B 440 -33.00 0.14 19.70
CA LYS B 440 -33.99 1.20 19.87
C LYS B 440 -34.99 0.86 20.98
N SER B 441 -35.43 -0.40 21.02
CA SER B 441 -36.36 -0.80 22.08
C SER B 441 -35.72 -0.69 23.45
N LEU B 442 -34.44 -1.07 23.56
CA LEU B 442 -33.72 -0.95 24.83
C LEU B 442 -33.60 0.50 25.27
N HIS B 443 -33.28 1.40 24.34
CA HIS B 443 -33.12 2.80 24.71
C HIS B 443 -34.44 3.45 25.09
N ASP B 444 -35.53 3.07 24.44
CA ASP B 444 -36.82 3.71 24.74
C ASP B 444 -37.30 3.36 26.15
N SER B 445 -36.87 2.23 26.69
CA SER B 445 -37.38 1.79 27.99
C SER B 445 -36.82 2.62 29.13
N PHE B 446 -35.53 2.97 29.06
CA PHE B 446 -34.87 3.67 30.15
C PHE B 446 -34.95 5.18 30.05
N ALA B 447 -35.48 5.73 28.96
CA ALA B 447 -35.52 7.17 28.76
C ALA B 447 -36.93 7.74 28.72
N SER B 448 -37.94 6.97 29.13
CA SER B 448 -39.31 7.45 29.14
C SER B 448 -39.97 7.28 30.51
N ASP B 449 -39.26 6.75 31.50
CA ASP B 449 -39.82 6.57 32.82
C ASP B 449 -39.71 7.87 33.62
N ASP B 450 -40.44 7.92 34.73
CA ASP B 450 -40.47 9.10 35.57
C ASP B 450 -39.90 8.86 36.96
N SER B 451 -39.83 7.61 37.41
CA SER B 451 -39.34 7.30 38.74
C SER B 451 -37.83 7.39 38.87
N LEU B 452 -37.10 7.45 37.77
CA LEU B 452 -35.64 7.54 37.79
C LEU B 452 -35.12 8.90 37.37
N ARG B 453 -35.99 9.89 37.18
CA ARG B 453 -35.55 11.18 36.66
C ARG B 453 -34.68 11.93 37.67
N SER B 454 -34.84 11.64 38.97
CA SER B 454 -34.10 12.36 40.00
C SER B 454 -32.83 11.63 40.44
N TYR B 455 -32.53 10.46 39.88
CA TYR B 455 -31.36 9.70 40.27
C TYR B 455 -30.34 9.53 39.16
N VAL B 456 -30.76 9.03 37.99
CA VAL B 456 -29.83 8.68 36.93
C VAL B 456 -30.26 9.36 35.64
N ILE B 457 -29.27 9.57 34.76
CA ILE B 457 -29.50 10.13 33.44
C ILE B 457 -28.82 9.25 32.40
N VAL B 458 -29.37 9.29 31.18
CA VAL B 458 -28.89 8.50 30.06
C VAL B 458 -28.24 9.45 29.05
N THR B 459 -26.98 9.21 28.73
CA THR B 459 -26.22 10.07 27.83
C THR B 459 -25.95 9.41 26.48
N SER B 460 -26.57 8.28 26.19
CA SER B 460 -26.30 7.57 24.95
C SER B 460 -27.17 8.11 23.82
N SER B 461 -27.19 7.37 22.71
CA SER B 461 -27.91 7.74 21.50
C SER B 461 -28.83 6.60 21.07
N PRO B 462 -29.95 6.90 20.40
CA PRO B 462 -30.86 5.83 19.99
C PRO B 462 -30.24 4.80 19.06
N VAL B 463 -29.23 5.17 18.28
CA VAL B 463 -28.62 4.23 17.34
C VAL B 463 -27.50 3.41 17.95
N SER B 464 -26.96 3.82 19.09
CA SER B 464 -25.88 3.08 19.73
C SER B 464 -26.39 1.75 20.28
N ALA B 465 -25.54 0.73 20.22
CA ALA B 465 -25.90 -0.58 20.72
C ALA B 465 -25.60 -0.76 22.20
N VAL B 466 -24.98 0.23 22.84
CA VAL B 466 -24.65 0.17 24.25
C VAL B 466 -25.28 1.37 24.95
N LEU B 467 -25.88 1.12 26.11
CA LEU B 467 -26.59 2.15 26.88
C LEU B 467 -25.75 2.54 28.09
N HIS B 468 -25.59 3.84 28.30
CA HIS B 468 -24.77 4.38 29.38
C HIS B 468 -25.63 5.17 30.36
N LEU B 469 -25.41 4.92 31.65
CA LEU B 469 -26.14 5.59 32.72
C LEU B 469 -25.16 6.26 33.66
N GLN B 470 -25.49 7.48 34.09
CA GLN B 470 -24.67 8.23 35.03
C GLN B 470 -25.55 8.78 36.14
N LEU B 471 -24.92 9.17 37.24
CA LEU B 471 -25.61 9.81 38.35
C LEU B 471 -25.80 11.29 38.07
N THR B 472 -26.97 11.81 38.46
CA THR B 472 -27.23 13.23 38.28
C THR B 472 -26.31 14.05 39.16
N PRO B 473 -25.90 15.24 38.71
CA PRO B 473 -24.99 16.06 39.53
C PRO B 473 -25.57 16.42 40.88
N ALA B 474 -26.88 16.65 40.97
CA ALA B 474 -27.48 17.03 42.24
C ALA B 474 -27.38 15.90 43.25
N TYR B 475 -27.73 14.68 42.84
CA TYR B 475 -27.66 13.55 43.76
C TYR B 475 -26.23 13.25 44.18
N ARG B 476 -25.30 13.32 43.24
CA ARG B 476 -23.89 13.07 43.58
C ARG B 476 -23.38 14.13 44.56
N SER B 477 -23.73 15.39 44.34
CA SER B 477 -23.30 16.44 45.25
C SER B 477 -23.92 16.27 46.63
N ARG B 478 -25.18 15.85 46.68
CA ARG B 478 -25.84 15.65 47.96
C ARG B 478 -25.29 14.45 48.72
N LYS B 479 -24.87 13.41 48.01
CA LYS B 479 -24.46 12.16 48.66
C LYS B 479 -22.97 12.16 49.00
N PHE B 480 -22.10 12.33 48.01
CA PHE B 480 -20.66 12.20 48.20
C PHE B 480 -19.95 13.53 48.38
N GLY B 481 -20.62 14.66 48.11
CA GLY B 481 -20.03 15.96 48.36
C GLY B 481 -18.86 16.34 47.49
N TYR B 482 -18.95 16.10 46.19
CA TYR B 482 -17.91 16.54 45.25
C TYR B 482 -18.53 16.63 43.87
N THR B 483 -17.82 17.30 42.97
CA THR B 483 -18.26 17.51 41.59
C THR B 483 -17.15 17.08 40.64
N CYS B 484 -17.43 17.21 39.34
CA CYS B 484 -16.46 16.77 38.33
C CYS B 484 -15.28 17.72 38.22
N GLU B 485 -15.55 19.03 38.27
CA GLU B 485 -14.48 20.01 38.10
C GLU B 485 -13.44 19.90 39.20
N GLN B 486 -13.88 19.72 40.45
CA GLN B 486 -12.94 19.59 41.56
C GLN B 486 -12.09 18.34 41.41
N LEU B 487 -12.70 17.23 40.98
CA LEU B 487 -11.93 16.01 40.78
C LEU B 487 -10.89 16.19 39.68
N PHE B 488 -11.27 16.85 38.57
CA PHE B 488 -10.32 17.08 37.49
C PHE B 488 -9.17 17.98 37.96
N GLU B 489 -9.48 19.03 38.71
CA GLU B 489 -8.43 19.91 39.21
C GLU B 489 -7.49 19.17 40.14
N THR B 490 -8.03 18.36 41.05
CA THR B 490 -7.19 17.61 41.97
C THR B 490 -6.28 16.65 41.24
N MET B 491 -6.82 15.92 40.27
CA MET B 491 -6.01 14.94 39.56
C MET B 491 -4.94 15.63 38.71
N SER B 492 -5.28 16.75 38.08
CA SER B 492 -4.28 17.48 37.30
C SER B 492 -3.16 18.00 38.19
N ALA B 493 -3.52 18.52 39.37
CA ALA B 493 -2.50 19.01 40.30
C ALA B 493 -1.58 17.88 40.75
N LEU B 494 -2.16 16.72 41.08
CA LEU B 494 -1.34 15.58 41.49
C LEU B 494 -0.42 15.11 40.37
N GLN B 495 -0.94 15.08 39.13
CA GLN B 495 -0.12 14.63 38.02
C GLN B 495 1.01 15.61 37.73
N LYS B 496 0.75 16.90 37.82
CA LYS B 496 1.80 17.89 37.58
C LYS B 496 2.85 17.86 38.68
N LYS B 497 2.42 17.72 39.94
CA LYS B 497 3.37 17.69 41.04
C LYS B 497 4.20 16.41 41.06
N SER B 498 3.83 15.41 40.25
CA SER B 498 4.52 14.12 40.18
C SER B 498 4.54 13.38 41.50
N GLN B 499 3.49 13.51 42.31
CA GLN B 499 3.44 12.82 43.59
C GLN B 499 3.28 11.32 43.38
N THR B 500 3.96 10.54 44.22
CA THR B 500 3.98 9.09 44.04
C THR B 500 2.62 8.47 44.33
N ASN B 501 1.97 8.89 45.41
CA ASN B 501 0.72 8.28 45.87
C ASN B 501 -0.45 9.13 45.39
N LYS B 502 -1.30 8.53 44.55
CA LYS B 502 -2.50 9.18 44.03
C LYS B 502 -3.71 8.39 44.50
N PHE B 503 -4.35 8.86 45.57
CA PHE B 503 -5.51 8.18 46.15
C PHE B 503 -6.55 9.22 46.51
N ILE B 504 -7.76 9.06 45.97
CA ILE B 504 -8.87 9.97 46.21
C ILE B 504 -10.01 9.16 46.79
N GLU B 505 -10.61 9.68 47.88
CA GLU B 505 -11.61 8.94 48.63
C GLU B 505 -13.01 8.94 47.98
N PRO B 506 -13.59 10.10 47.65
CA PRO B 506 -14.97 10.07 47.12
C PRO B 506 -15.14 9.27 45.85
N TYR B 507 -14.13 9.30 44.97
CA TYR B 507 -14.19 8.49 43.75
C TYR B 507 -14.25 7.00 44.08
N GLU B 508 -13.44 6.57 45.05
CA GLU B 508 -13.48 5.18 45.49
C GLU B 508 -14.84 4.83 46.08
N GLU B 509 -15.42 5.74 46.87
CA GLU B 509 -16.74 5.48 47.45
C GLU B 509 -17.80 5.33 46.36
N GLU B 510 -17.76 6.19 45.34
CA GLU B 510 -18.72 6.08 44.25
C GLU B 510 -18.57 4.76 43.50
N GLU B 511 -17.32 4.36 43.23
CA GLU B 511 -17.11 3.08 42.57
C GLU B 511 -17.65 1.93 43.41
N LYS B 512 -17.44 1.99 44.74
CA LYS B 512 -17.98 0.96 45.61
C LYS B 512 -19.51 0.92 45.54
N PHE B 513 -20.15 2.10 45.49
CA PHE B 513 -21.61 2.14 45.41
C PHE B 513 -22.11 1.50 44.11
N LEU B 514 -21.49 1.82 42.98
CA LEU B 514 -21.92 1.23 41.72
C LEU B 514 -21.69 -0.29 41.72
N GLN B 515 -20.58 -0.74 42.28
CA GLN B 515 -20.35 -2.18 42.40
C GLN B 515 -21.41 -2.82 43.28
N SER B 516 -21.86 -2.12 44.32
CA SER B 516 -22.93 -2.64 45.17
C SER B 516 -24.21 -2.81 44.37
N ILE B 517 -24.55 -1.84 43.52
CA ILE B 517 -25.73 -1.97 42.68
C ILE B 517 -25.62 -3.19 41.77
N VAL B 518 -24.46 -3.36 41.15
CA VAL B 518 -24.27 -4.49 40.23
C VAL B 518 -24.41 -5.82 40.98
N ASP B 519 -23.80 -5.91 42.16
CA ASP B 519 -23.87 -7.14 42.93
C ASP B 519 -25.28 -7.44 43.38
N HIS B 520 -26.05 -6.42 43.78
CA HIS B 520 -27.44 -6.63 44.14
C HIS B 520 -28.23 -7.18 42.96
N ALA B 521 -28.01 -6.61 41.77
CA ALA B 521 -28.73 -7.08 40.60
C ALA B 521 -28.37 -8.52 40.27
N LEU B 522 -27.09 -8.90 40.45
CA LEU B 522 -26.68 -10.26 40.13
C LEU B 522 -27.14 -11.27 41.18
N ILE B 523 -27.24 -10.85 42.44
CA ILE B 523 -27.61 -11.79 43.50
C ILE B 523 -29.11 -12.02 43.52
N ASN B 524 -29.90 -10.95 43.55
CA ASN B 524 -31.35 -11.13 43.66
C ASN B 524 -31.97 -11.62 42.36
N TYR B 525 -31.36 -11.31 41.23
CA TYR B 525 -31.86 -11.73 39.93
C TYR B 525 -30.70 -12.28 39.11
N ASN B 526 -31.01 -13.18 38.18
CA ASN B 526 -29.97 -13.80 37.35
C ASN B 526 -29.73 -12.94 36.10
N VAL B 527 -29.25 -11.73 36.35
CA VAL B 527 -28.90 -10.78 35.30
C VAL B 527 -27.53 -10.19 35.64
N LEU B 528 -26.65 -10.11 34.63
CA LEU B 528 -25.30 -9.63 34.81
C LEU B 528 -25.08 -8.38 33.97
N ILE B 529 -24.70 -7.27 34.61
CA ILE B 529 -24.32 -6.04 33.95
C ILE B 529 -22.99 -5.59 34.52
N THR B 530 -22.32 -4.71 33.79
CA THR B 530 -20.98 -4.28 34.14
C THR B 530 -20.89 -2.76 34.17
N ARG B 531 -19.91 -2.27 34.92
CA ARG B 531 -19.60 -0.85 34.98
C ARG B 531 -18.39 -0.53 34.10
N ASN B 532 -18.18 0.76 33.87
CA ASN B 532 -17.08 1.22 33.03
C ASN B 532 -15.78 1.09 33.81
N THR B 533 -14.87 0.26 33.29
CA THR B 533 -13.58 0.02 33.93
C THR B 533 -12.55 0.97 33.33
N ILE B 534 -12.07 1.92 34.14
CA ILE B 534 -11.08 2.89 33.69
C ILE B 534 -9.99 3.02 34.76
N VAL B 535 -8.86 3.55 34.34
CA VAL B 535 -7.73 3.85 35.23
C VAL B 535 -7.62 5.36 35.32
N LEU B 536 -7.85 5.90 36.52
CA LEU B 536 -7.94 7.36 36.66
C LEU B 536 -6.58 8.03 36.50
N LYS B 537 -5.51 7.41 37.00
CA LYS B 537 -4.20 8.07 36.98
C LYS B 537 -3.62 8.19 35.58
N GLN B 538 -4.21 7.53 34.58
CA GLN B 538 -3.72 7.62 33.21
C GLN B 538 -4.52 8.56 32.34
N GLU B 539 -5.75 8.91 32.75
CA GLU B 539 -6.57 9.82 31.96
C GLU B 539 -6.08 11.25 32.08
N THR B 540 -6.29 12.03 31.03
CA THR B 540 -5.93 13.44 31.00
C THR B 540 -7.13 14.36 30.89
N LEU B 541 -8.21 13.92 30.27
CA LEU B 541 -9.42 14.70 30.06
C LEU B 541 -10.46 14.33 31.11
N PRO B 542 -11.40 15.25 31.41
CA PRO B 542 -12.36 14.98 32.48
C PRO B 542 -13.21 13.74 32.22
N ILE B 543 -13.51 13.01 33.28
CA ILE B 543 -14.27 11.77 33.18
C ILE B 543 -14.84 11.45 34.55
N VAL B 544 -15.99 10.78 34.56
CA VAL B 544 -16.65 10.37 35.81
C VAL B 544 -17.12 8.93 35.68
N PRO B 545 -17.24 8.23 36.80
CA PRO B 545 -17.70 6.84 36.74
C PRO B 545 -19.13 6.74 36.22
N SER B 546 -19.41 5.63 35.54
CA SER B 546 -20.72 5.42 34.94
C SER B 546 -21.03 3.93 34.96
N LEU B 547 -22.13 3.54 34.29
CA LEU B 547 -22.57 2.16 34.23
C LEU B 547 -23.05 1.89 32.81
N LYS B 548 -22.88 0.67 32.33
CA LYS B 548 -23.18 0.37 30.93
C LYS B 548 -23.94 -0.95 30.80
N ILE B 549 -24.77 -1.03 29.77
CA ILE B 549 -25.53 -2.22 29.42
C ILE B 549 -25.34 -2.50 27.93
N CYS B 550 -25.06 -3.74 27.58
CA CYS B 550 -24.76 -4.14 26.21
C CYS B 550 -25.94 -4.90 25.61
N CYS B 551 -25.79 -5.24 24.33
CA CYS B 551 -26.83 -5.94 23.59
C CYS B 551 -26.22 -6.62 22.38
N ASN B 552 -26.94 -7.59 21.83
CA ASN B 552 -26.53 -8.27 20.61
C ASN B 552 -27.77 -8.75 19.87
N ALA B 553 -27.55 -9.43 18.74
CA ALA B 553 -28.62 -9.77 17.81
C ALA B 553 -29.11 -11.21 17.95
N ALA B 554 -28.77 -11.89 19.05
CA ALA B 554 -29.21 -13.26 19.28
C ALA B 554 -30.17 -13.38 20.46
N MET B 555 -30.85 -12.29 20.82
CA MET B 555 -31.76 -12.27 21.95
C MET B 555 -33.22 -12.28 21.46
N SER B 556 -34.13 -12.35 22.41
CA SER B 556 -35.55 -12.25 22.17
C SER B 556 -36.13 -11.10 22.97
N PRO B 557 -37.14 -10.40 22.44
CA PRO B 557 -37.63 -9.19 23.11
C PRO B 557 -38.14 -9.41 24.53
N GLU B 558 -38.75 -10.56 24.80
CA GLU B 558 -39.30 -10.81 26.13
C GLU B 558 -38.21 -10.83 27.19
N GLU B 559 -37.10 -11.52 26.90
CA GLU B 559 -35.99 -11.58 27.84
C GLU B 559 -35.40 -10.20 28.08
N LEU B 560 -35.25 -9.40 27.02
CA LEU B 560 -34.71 -8.07 27.18
C LEU B 560 -35.62 -7.20 28.04
N LYS B 561 -36.93 -7.28 27.81
CA LYS B 561 -37.86 -6.50 28.61
C LYS B 561 -37.84 -6.91 30.09
N ASN B 562 -37.81 -8.22 30.36
CA ASN B 562 -37.75 -8.67 31.75
C ASN B 562 -36.45 -8.21 32.41
N ALA B 563 -35.33 -8.29 31.68
CA ALA B 563 -34.07 -7.83 32.23
C ALA B 563 -34.09 -6.35 32.52
N CYS B 564 -34.68 -5.55 31.63
CA CYS B 564 -34.78 -4.12 31.87
C CYS B 564 -35.60 -3.83 33.13
N GLU B 565 -36.74 -4.52 33.28
CA GLU B 565 -37.56 -4.32 34.47
C GLU B 565 -36.79 -4.68 35.74
N SER B 566 -36.07 -5.80 35.71
CA SER B 566 -35.31 -6.22 36.88
C SER B 566 -34.22 -5.20 37.22
N VAL B 567 -33.52 -4.69 36.22
CA VAL B 567 -32.46 -3.71 36.47
C VAL B 567 -33.04 -2.43 37.05
N LYS B 568 -34.18 -1.97 36.53
CA LYS B 568 -34.81 -0.77 37.08
C LYS B 568 -35.20 -1.00 38.54
N GLN B 569 -35.77 -2.16 38.84
CA GLN B 569 -36.18 -2.44 40.22
C GLN B 569 -34.98 -2.47 41.15
N SER B 570 -33.88 -3.09 40.72
CA SER B 570 -32.69 -3.14 41.56
C SER B 570 -32.10 -1.76 41.80
N ILE B 571 -32.05 -0.93 40.75
CA ILE B 571 -31.52 0.42 40.90
C ILE B 571 -32.36 1.21 41.90
N LEU B 572 -33.68 1.15 41.75
CA LEU B 572 -34.55 1.88 42.68
C LEU B 572 -34.42 1.36 44.10
N ALA B 573 -34.32 0.04 44.27
CA ALA B 573 -34.25 -0.54 45.61
C ALA B 573 -32.95 -0.17 46.31
N CYS B 574 -31.84 -0.14 45.58
CA CYS B 574 -30.56 0.14 46.22
C CYS B 574 -30.32 1.62 46.40
N CYS B 575 -30.76 2.45 45.45
CA CYS B 575 -30.44 3.87 45.46
C CYS B 575 -31.47 4.71 46.18
N GLN B 576 -32.51 4.11 46.76
CA GLN B 576 -33.54 4.89 47.42
C GLN B 576 -32.97 5.65 48.61
N GLU B 577 -33.46 6.88 48.80
CA GLU B 577 -32.94 7.72 49.87
C GLU B 577 -33.31 7.16 51.23
N SER B 578 -32.35 7.18 52.15
CA SER B 578 -32.52 6.65 53.50
C SER B 578 -32.98 5.20 53.48
N MET C 1 -6.64 -12.36 -23.51
CA MET C 1 -5.30 -12.50 -22.96
C MET C 1 -4.33 -11.61 -23.72
N SER C 2 -4.86 -10.84 -24.68
CA SER C 2 -4.02 -9.98 -25.50
C SER C 2 -3.65 -8.68 -24.80
N THR C 3 -4.18 -8.42 -23.61
CA THR C 3 -3.81 -7.21 -22.89
C THR C 3 -2.33 -7.26 -22.49
N PRO C 4 -1.64 -6.12 -22.49
CA PRO C 4 -0.23 -6.12 -22.12
C PRO C 4 0.00 -6.50 -20.67
N ALA C 5 1.26 -6.59 -20.25
CA ALA C 5 1.57 -7.01 -18.89
C ALA C 5 1.28 -5.89 -17.90
N ASN C 6 0.02 -5.77 -17.47
CA ASN C 6 -0.36 -4.71 -16.54
C ASN C 6 -1.34 -5.17 -15.47
N TYR C 7 -1.40 -6.47 -15.18
CA TYR C 7 -2.30 -7.02 -14.17
C TYR C 7 -1.47 -7.54 -13.00
N THR C 8 -1.73 -7.02 -11.81
CA THR C 8 -0.98 -7.38 -10.61
C THR C 8 -1.96 -7.86 -9.54
N ARG C 9 -1.87 -9.14 -9.18
CA ARG C 9 -2.75 -9.69 -8.16
C ARG C 9 -2.20 -11.02 -7.65
N VAL C 10 -2.10 -11.16 -6.34
CA VAL C 10 -1.57 -12.39 -5.72
C VAL C 10 -2.63 -13.48 -5.85
N PRO C 11 -2.30 -14.61 -6.47
CA PRO C 11 -3.31 -15.66 -6.68
C PRO C 11 -3.42 -16.61 -5.51
N LEU C 12 -4.65 -16.95 -5.17
CA LEU C 12 -4.90 -17.96 -4.14
C LEU C 12 -4.58 -19.34 -4.69
N CYS C 13 -3.70 -20.06 -4.00
CA CYS C 13 -3.18 -21.34 -4.48
C CYS C 13 -3.90 -22.49 -3.78
N GLU C 14 -4.34 -23.47 -4.57
CA GLU C 14 -4.99 -24.63 -4.01
C GLU C 14 -3.98 -25.53 -3.32
N PRO C 15 -4.37 -26.23 -2.25
CA PRO C 15 -3.45 -27.12 -1.55
C PRO C 15 -3.14 -28.35 -2.39
N GLU C 16 -2.01 -28.97 -2.08
CA GLU C 16 -1.56 -30.18 -2.74
C GLU C 16 -1.90 -31.38 -1.86
N GLU C 17 -2.48 -32.42 -2.48
CA GLU C 17 -2.91 -33.61 -1.77
C GLU C 17 -1.81 -34.68 -1.88
N LEU C 18 -1.29 -35.09 -0.73
CA LEU C 18 -0.21 -36.06 -0.64
C LEU C 18 -0.50 -37.03 0.49
N PRO C 19 0.12 -38.21 0.46
CA PRO C 19 -0.02 -39.15 1.58
C PRO C 19 0.55 -38.56 2.87
N ASP C 20 0.21 -39.22 3.98
CA ASP C 20 0.60 -38.69 5.29
C ASP C 20 2.11 -38.71 5.49
N ASP C 21 2.77 -39.79 5.07
CA ASP C 21 4.21 -39.92 5.33
C ASP C 21 5.00 -38.84 4.60
N ILE C 22 4.64 -38.55 3.36
CA ILE C 22 5.36 -37.52 2.60
C ILE C 22 5.19 -36.16 3.25
N GLN C 23 3.97 -35.84 3.71
CA GLN C 23 3.75 -34.56 4.37
C GLN C 23 4.55 -34.47 5.67
N LYS C 24 4.56 -35.54 6.46
CA LYS C 24 5.32 -35.53 7.70
C LYS C 24 6.81 -35.36 7.43
N GLU C 25 7.32 -35.98 6.37
CA GLU C 25 8.72 -35.79 6.01
C GLU C 25 8.98 -34.37 5.51
N ASN C 26 8.00 -33.76 4.85
CA ASN C 26 8.15 -32.37 4.42
C ASN C 26 8.25 -31.43 5.62
N GLU C 27 7.47 -31.70 6.67
CA GLU C 27 7.39 -30.75 7.78
C GLU C 27 8.48 -30.96 8.83
N TYR C 28 8.95 -32.19 9.04
CA TYR C 28 9.88 -32.46 10.13
C TYR C 28 10.69 -33.70 9.78
N GLY C 29 11.97 -33.52 9.49
CA GLY C 29 12.81 -34.64 9.12
C GLY C 29 13.17 -35.52 10.30
N THR C 30 13.50 -36.77 10.01
CA THR C 30 13.84 -37.75 11.03
C THR C 30 15.36 -37.83 11.23
N LEU C 31 15.75 -38.41 12.36
CA LEU C 31 17.15 -38.47 12.74
C LEU C 31 17.89 -39.52 11.94
N ASP C 32 19.13 -39.21 11.57
CA ASP C 32 19.96 -40.15 10.81
C ASP C 32 20.63 -41.16 11.73
N SER C 33 21.47 -40.68 12.64
CA SER C 33 22.25 -41.52 13.52
C SER C 33 22.15 -41.00 14.95
N PRO C 34 22.26 -41.89 15.94
CA PRO C 34 22.21 -41.44 17.34
C PRO C 34 23.39 -40.59 17.76
N GLY C 35 24.45 -40.51 16.95
CA GLY C 35 25.62 -39.74 17.29
C GLY C 35 25.58 -38.29 16.89
N HIS C 36 24.46 -37.80 16.37
CA HIS C 36 24.33 -36.41 15.94
C HIS C 36 23.62 -35.54 16.97
N LEU C 37 23.82 -35.82 18.26
CA LEU C 37 23.21 -35.06 19.34
C LEU C 37 24.29 -34.60 20.31
N TYR C 38 24.14 -33.38 20.83
CA TYR C 38 25.08 -32.83 21.78
C TYR C 38 24.32 -32.30 23.00
N GLN C 39 24.93 -32.46 24.18
CA GLN C 39 24.36 -32.01 25.43
C GLN C 39 25.20 -30.85 25.96
N VAL C 40 24.55 -29.73 26.24
CA VAL C 40 25.24 -28.51 26.65
C VAL C 40 25.40 -28.50 28.17
N LYS C 41 26.49 -27.91 28.64
CA LYS C 41 26.83 -27.88 30.05
C LYS C 41 26.80 -26.44 30.58
N SER C 42 26.57 -26.32 31.88
CA SER C 42 26.46 -25.03 32.52
C SER C 42 27.84 -24.39 32.70
N ARG C 43 27.85 -23.06 32.78
CA ARG C 43 29.10 -22.31 32.93
C ARG C 43 29.58 -22.20 34.37
N HIS C 44 28.74 -22.56 35.34
CA HIS C 44 29.08 -22.50 36.77
C HIS C 44 29.50 -21.09 37.18
N GLY C 45 28.81 -20.08 36.65
CA GLY C 45 29.00 -18.71 37.07
C GLY C 45 30.37 -18.12 36.76
N LYS C 46 30.68 -17.95 35.47
CA LYS C 46 31.93 -17.35 35.04
C LYS C 46 31.63 -16.26 34.02
N PRO C 47 32.20 -15.06 34.17
CA PRO C 47 31.89 -13.98 33.23
C PRO C 47 32.42 -14.26 31.84
N LEU C 48 31.75 -13.65 30.86
CA LEU C 48 32.10 -13.84 29.45
C LEU C 48 33.44 -13.17 29.14
N PRO C 49 34.38 -13.89 28.52
CA PRO C 49 35.58 -13.21 28.01
C PRO C 49 35.21 -12.21 26.92
N GLU C 50 36.05 -11.20 26.77
CA GLU C 50 35.78 -10.14 25.80
C GLU C 50 35.69 -10.73 24.40
N PRO C 51 34.71 -10.35 23.59
CA PRO C 51 34.57 -10.93 22.26
C PRO C 51 35.72 -10.53 21.35
N VAL C 52 36.00 -11.40 20.38
CA VAL C 52 37.06 -11.18 19.40
C VAL C 52 36.40 -11.04 18.02
N VAL C 53 36.65 -9.92 17.35
CA VAL C 53 36.10 -9.66 16.03
C VAL C 53 37.25 -9.75 15.02
N ASP C 54 36.87 -9.91 13.76
CA ASP C 54 37.83 -10.04 12.66
C ASP C 54 37.55 -8.98 11.61
N THR C 55 38.58 -8.66 10.83
CA THR C 55 38.50 -7.58 9.86
C THR C 55 39.03 -8.03 8.51
N PRO C 56 38.53 -7.42 7.42
CA PRO C 56 39.07 -7.70 6.09
C PRO C 56 40.16 -6.70 5.75
N PRO C 57 40.87 -6.90 4.63
CA PRO C 57 41.88 -5.92 4.23
C PRO C 57 41.29 -4.54 3.96
N TYR C 58 42.18 -3.56 3.83
CA TYR C 58 41.75 -2.17 3.71
C TYR C 58 41.02 -1.90 2.41
N TYR C 59 41.48 -2.48 1.29
CA TYR C 59 40.94 -2.10 -0.01
C TYR C 59 39.45 -2.43 -0.13
N ILE C 60 38.97 -3.44 0.60
CA ILE C 60 37.54 -3.73 0.59
C ILE C 60 36.74 -2.56 1.16
N SER C 61 37.18 -2.03 2.31
CA SER C 61 36.49 -0.89 2.89
C SER C 61 36.61 0.34 2.00
N LEU C 62 37.77 0.55 1.39
CA LEU C 62 37.93 1.69 0.49
C LEU C 62 36.95 1.59 -0.69
N LEU C 63 36.82 0.41 -1.28
CA LEU C 63 35.87 0.21 -2.36
C LEU C 63 34.44 0.43 -1.89
N THR C 64 34.11 0.00 -0.67
CA THR C 64 32.79 0.25 -0.13
C THR C 64 32.50 1.74 -0.06
N TYR C 65 33.45 2.53 0.45
CA TYR C 65 33.25 3.97 0.53
C TYR C 65 33.04 4.58 -0.84
N LEU C 66 33.86 4.18 -1.82
CA LEU C 66 33.71 4.73 -3.17
C LEU C 66 32.34 4.40 -3.76
N ASN C 67 31.89 3.15 -3.59
CA ASN C 67 30.59 2.75 -4.13
C ASN C 67 29.47 3.58 -3.52
N TYR C 68 29.49 3.76 -2.20
CA TYR C 68 28.42 4.52 -1.55
C TYR C 68 28.44 5.97 -2.01
N LEU C 69 29.63 6.57 -2.14
CA LEU C 69 29.70 7.95 -2.61
C LEU C 69 29.11 8.09 -4.00
N ILE C 70 29.46 7.18 -4.91
CA ILE C 70 28.95 7.28 -6.28
C ILE C 70 27.43 7.14 -6.29
N LEU C 71 26.90 6.18 -5.54
CA LEU C 71 25.45 5.98 -5.52
C LEU C 71 24.73 7.21 -5.00
N ILE C 72 25.24 7.82 -3.93
CA ILE C 72 24.59 8.99 -3.36
C ILE C 72 24.60 10.16 -4.35
N ILE C 73 25.74 10.38 -5.01
CA ILE C 73 25.82 11.47 -5.98
C ILE C 73 24.80 11.27 -7.10
N LEU C 74 24.73 10.05 -7.64
CA LEU C 74 23.79 9.79 -8.73
C LEU C 74 22.35 9.98 -8.28
N GLY C 75 22.01 9.52 -7.08
CA GLY C 75 20.66 9.70 -6.59
C GLY C 75 20.28 11.17 -6.48
N HIS C 76 21.17 11.98 -5.92
CA HIS C 76 20.88 13.41 -5.80
C HIS C 76 20.71 14.07 -7.16
N VAL C 77 21.57 13.73 -8.12
CA VAL C 77 21.46 14.33 -9.44
C VAL C 77 20.13 13.97 -10.09
N HIS C 78 19.76 12.69 -10.03
CA HIS C 78 18.49 12.26 -10.62
C HIS C 78 17.33 12.99 -9.98
N ASP C 79 17.31 13.08 -8.65
CA ASP C 79 16.21 13.72 -7.95
C ASP C 79 16.09 15.18 -8.36
N PHE C 80 17.22 15.90 -8.38
CA PHE C 80 17.20 17.32 -8.71
C PHE C 80 16.65 17.54 -10.13
N LEU C 81 17.21 16.82 -11.11
CA LEU C 81 16.79 17.04 -12.49
C LEU C 81 15.31 16.69 -12.67
N GLY C 82 14.88 15.55 -12.13
CA GLY C 82 13.50 15.13 -12.31
C GLY C 82 12.52 16.09 -11.68
N MET C 83 12.81 16.54 -10.45
CA MET C 83 11.89 17.46 -9.79
C MET C 83 11.87 18.83 -10.46
N THR C 84 13.02 19.27 -11.00
CA THR C 84 13.06 20.61 -11.58
C THR C 84 12.37 20.66 -12.94
N PHE C 85 12.59 19.66 -13.81
CA PHE C 85 12.12 19.75 -15.18
C PHE C 85 10.78 19.04 -15.40
N GLN C 86 10.70 17.75 -15.11
CA GLN C 86 9.50 16.95 -15.40
C GLN C 86 8.59 16.98 -14.19
N LYS C 87 7.71 17.97 -14.13
CA LYS C 87 6.79 18.12 -13.00
C LYS C 87 5.64 17.13 -13.03
N ASN C 88 5.20 16.73 -14.23
CA ASN C 88 3.97 15.95 -14.34
C ASN C 88 4.13 14.55 -13.75
N LYS C 89 5.30 13.94 -13.90
CA LYS C 89 5.48 12.57 -13.46
C LYS C 89 5.45 12.44 -11.94
N HIS C 90 5.89 13.47 -11.23
CA HIS C 90 6.06 13.44 -9.77
C HIS C 90 4.95 14.19 -9.05
N LEU C 91 3.71 14.05 -9.52
CA LEU C 91 2.59 14.79 -8.94
C LEU C 91 2.33 14.42 -7.50
N ASP C 92 2.79 13.26 -7.04
CA ASP C 92 2.52 12.82 -5.67
C ASP C 92 3.42 13.50 -4.64
N LEU C 93 4.39 14.29 -5.07
CA LEU C 93 5.32 14.96 -4.17
C LEU C 93 5.20 16.48 -4.22
N LEU C 94 4.10 16.99 -4.74
CA LEU C 94 3.89 18.42 -4.92
C LEU C 94 2.61 18.86 -4.23
N GLU C 95 2.56 20.14 -3.86
CA GLU C 95 1.39 20.70 -3.21
C GLU C 95 0.30 20.93 -4.25
N HIS C 96 -0.80 20.19 -4.13
CA HIS C 96 -1.95 20.34 -5.00
C HIS C 96 -3.01 21.16 -4.27
N ASP C 97 -3.60 22.13 -4.99
CA ASP C 97 -4.70 23.00 -4.58
C ASP C 97 -4.71 23.32 -3.10
N GLY C 98 -3.57 23.77 -2.57
CA GLY C 98 -3.49 24.24 -1.21
C GLY C 98 -3.33 23.18 -0.14
N LEU C 99 -2.98 21.96 -0.51
CA LEU C 99 -2.81 20.87 0.45
C LEU C 99 -1.38 20.35 0.40
N ALA C 100 -0.79 20.14 1.57
CA ALA C 100 0.56 19.62 1.66
C ALA C 100 0.58 18.13 1.33
N PRO C 101 1.71 17.61 0.84
CA PRO C 101 1.80 16.19 0.51
C PRO C 101 1.85 15.34 1.78
N TRP C 102 1.66 14.03 1.58
CA TRP C 102 1.71 13.11 2.71
C TRP C 102 3.08 13.08 3.35
N PHE C 103 4.14 13.06 2.53
CA PHE C 103 5.50 12.98 3.05
C PHE C 103 6.42 13.82 2.17
N SER C 104 7.58 14.17 2.73
CA SER C 104 8.59 14.93 2.03
C SER C 104 9.61 14.01 1.38
N ASN C 105 10.27 14.53 0.34
CA ASN C 105 11.19 13.71 -0.44
C ASN C 105 12.51 13.48 0.28
N PHE C 106 12.91 14.37 1.19
CA PHE C 106 14.20 14.22 1.86
C PHE C 106 14.19 13.00 2.79
N GLU C 107 13.12 12.84 3.57
CA GLU C 107 13.08 11.74 4.54
C GLU C 107 13.03 10.38 3.84
N SER C 108 12.32 10.28 2.73
CA SER C 108 12.20 9.04 1.98
C SER C 108 13.30 8.86 0.95
N PHE C 109 14.47 9.46 1.18
CA PHE C 109 15.54 9.41 0.19
C PHE C 109 16.11 8.01 0.05
N TYR C 110 16.42 7.37 1.18
CA TYR C 110 17.05 6.05 1.12
C TYR C 110 16.08 4.99 0.60
N VAL C 111 14.80 5.09 0.96
CA VAL C 111 13.82 4.13 0.48
C VAL C 111 13.66 4.25 -1.02
N ARG C 112 13.62 5.47 -1.54
CA ARG C 112 13.38 5.69 -2.97
C ARG C 112 14.61 5.39 -3.82
N ARG C 113 15.81 5.70 -3.32
CA ARG C 113 17.01 5.66 -4.15
C ARG C 113 17.83 4.39 -3.97
N ILE C 114 18.03 3.95 -2.74
CA ILE C 114 18.92 2.82 -2.48
C ILE C 114 18.16 1.51 -2.33
N LYS C 115 17.25 1.44 -1.36
CA LYS C 115 16.58 0.18 -1.06
C LYS C 115 15.69 -0.28 -2.21
N MET C 116 15.03 0.66 -2.89
CA MET C 116 14.06 0.29 -3.92
C MET C 116 14.68 -0.57 -5.00
N ARG C 117 15.94 -0.31 -5.36
CA ARG C 117 16.61 -1.06 -6.40
C ARG C 117 16.76 -2.53 -6.07
N ILE C 118 16.57 -2.92 -4.80
CA ILE C 118 16.78 -4.29 -4.37
C ILE C 118 15.46 -4.80 -3.80
N ASP C 119 14.37 -4.07 -4.10
CA ASP C 119 13.09 -4.32 -3.45
C ASP C 119 12.54 -5.71 -3.70
N ASP C 120 13.03 -6.44 -4.69
CA ASP C 120 12.54 -7.78 -4.95
C ASP C 120 13.17 -8.84 -4.05
N CYS C 121 14.20 -8.49 -3.28
CA CYS C 121 14.88 -9.45 -2.43
C CYS C 121 14.35 -9.47 -0.99
N PHE C 122 13.42 -8.58 -0.65
CA PHE C 122 12.99 -8.43 0.74
C PHE C 122 11.65 -9.11 1.02
N SER C 123 10.60 -8.72 0.30
CA SER C 123 9.25 -9.23 0.55
C SER C 123 8.93 -10.32 -0.47
N ARG C 124 8.61 -11.52 0.02
CA ARG C 124 8.33 -12.65 -0.85
C ARG C 124 7.09 -13.38 -0.33
N PRO C 125 6.00 -13.43 -1.08
CA PRO C 125 4.84 -14.20 -0.63
C PRO C 125 5.14 -15.69 -0.61
N THR C 126 4.53 -16.39 0.34
CA THR C 126 4.67 -17.83 0.48
C THR C 126 3.29 -18.44 0.63
N THR C 127 3.27 -19.76 0.82
CA THR C 127 2.02 -20.48 1.06
C THR C 127 2.35 -21.78 1.78
N GLY C 128 1.35 -22.34 2.44
CA GLY C 128 1.51 -23.56 3.20
C GLY C 128 2.20 -23.32 4.53
N VAL C 129 2.27 -24.38 5.32
CA VAL C 129 2.87 -24.30 6.65
C VAL C 129 4.36 -24.07 6.53
N PRO C 130 4.95 -23.12 7.26
CA PRO C 130 6.40 -22.93 7.18
C PRO C 130 7.17 -23.98 7.98
N GLY C 131 7.77 -24.93 7.29
CA GLY C 131 8.55 -25.96 7.95
C GLY C 131 10.00 -25.92 7.50
N ARG C 132 10.60 -27.09 7.29
CA ARG C 132 11.94 -27.13 6.73
C ARG C 132 11.95 -27.00 5.22
N PHE C 133 10.80 -27.16 4.56
CA PHE C 133 10.63 -26.85 3.14
C PHE C 133 9.46 -25.90 3.03
N ILE C 134 9.69 -24.74 2.43
CA ILE C 134 8.66 -23.71 2.29
C ILE C 134 8.38 -23.50 0.81
N ARG C 135 7.10 -23.37 0.48
CA ARG C 135 6.68 -23.18 -0.91
C ARG C 135 6.60 -21.70 -1.24
N CYS C 136 7.17 -21.31 -2.38
CA CYS C 136 7.21 -19.91 -2.78
C CYS C 136 6.42 -19.70 -4.06
N ILE C 137 5.92 -18.47 -4.23
CA ILE C 137 5.14 -18.09 -5.40
C ILE C 137 6.08 -17.52 -6.46
N ASP C 138 5.91 -17.97 -7.71
CA ASP C 138 6.74 -17.49 -8.80
C ASP C 138 6.24 -16.13 -9.28
N ARG C 139 7.17 -15.21 -9.53
CA ARG C 139 6.79 -13.86 -9.91
C ARG C 139 7.88 -13.24 -10.78
N ILE C 140 7.50 -12.22 -11.54
CA ILE C 140 8.39 -11.50 -12.44
C ILE C 140 8.28 -10.01 -12.12
N SER C 141 9.43 -9.35 -11.99
CA SER C 141 9.48 -7.95 -11.58
C SER C 141 9.52 -7.05 -12.81
N HIS C 142 8.45 -6.28 -13.02
CA HIS C 142 8.37 -5.37 -14.15
C HIS C 142 9.02 -4.03 -13.80
N ASN C 143 9.15 -3.19 -14.82
CA ASN C 143 9.86 -1.92 -14.71
C ASN C 143 11.22 -2.15 -14.07
N ILE C 144 11.51 -1.46 -12.97
CA ILE C 144 12.66 -1.77 -12.13
C ILE C 144 12.15 -1.88 -10.69
N ASN C 145 11.76 -3.10 -10.30
CA ASN C 145 11.31 -3.40 -8.93
C ASN C 145 10.16 -2.49 -8.51
N GLU C 146 9.31 -2.14 -9.47
CA GLU C 146 8.17 -1.26 -9.22
C GLU C 146 6.89 -2.04 -8.95
N TYR C 147 6.61 -3.06 -9.75
CA TYR C 147 5.48 -3.96 -9.49
C TYR C 147 5.82 -5.33 -10.03
N PHE C 148 5.00 -6.32 -9.67
CA PHE C 148 5.29 -7.71 -9.97
C PHE C 148 4.08 -8.37 -10.61
N THR C 149 4.35 -9.41 -11.39
CA THR C 149 3.32 -10.20 -12.06
C THR C 149 3.48 -11.66 -11.71
N TYR C 150 2.38 -12.30 -11.31
CA TYR C 150 2.40 -13.66 -10.83
C TYR C 150 1.74 -14.60 -11.84
N SER C 151 2.38 -15.74 -12.09
CA SER C 151 1.89 -16.73 -13.03
C SER C 151 1.24 -17.93 -12.37
N GLY C 152 1.13 -17.93 -11.04
CA GLY C 152 0.47 -19.02 -10.33
C GLY C 152 1.18 -20.35 -10.34
N ALA C 153 2.51 -20.34 -10.18
CA ALA C 153 3.30 -21.56 -10.08
C ALA C 153 4.11 -21.50 -8.80
N VAL C 154 4.20 -22.64 -8.10
CA VAL C 154 4.89 -22.71 -6.82
C VAL C 154 5.99 -23.76 -6.89
N TYR C 155 6.99 -23.60 -6.01
CA TYR C 155 8.07 -24.56 -5.90
C TYR C 155 8.61 -24.55 -4.48
N PRO C 156 9.14 -25.66 -4.00
CA PRO C 156 9.67 -25.71 -2.63
C PRO C 156 11.12 -25.27 -2.56
N CYS C 157 11.49 -24.71 -1.41
CA CYS C 157 12.86 -24.29 -1.13
C CYS C 157 13.18 -24.60 0.33
N MET C 158 14.45 -24.94 0.58
CA MET C 158 14.91 -25.08 1.95
C MET C 158 14.97 -23.71 2.61
N ASN C 159 14.39 -23.59 3.80
CA ASN C 159 14.24 -22.29 4.45
C ASN C 159 15.27 -22.11 5.57
N LEU C 160 15.79 -20.89 5.67
CA LEU C 160 16.68 -20.50 6.75
C LEU C 160 16.31 -19.10 7.24
N SER C 161 15.02 -18.80 7.24
CA SER C 161 14.57 -17.46 7.57
C SER C 161 13.32 -17.43 8.44
N SER C 162 12.92 -18.55 9.04
CA SER C 162 11.73 -18.63 9.86
C SER C 162 12.10 -18.80 11.31
N TYR C 163 11.39 -18.08 12.19
CA TYR C 163 11.63 -18.14 13.63
C TYR C 163 10.91 -19.34 14.21
N ASN C 164 11.48 -20.53 13.99
CA ASN C 164 11.03 -21.74 14.67
C ASN C 164 12.29 -22.52 15.06
N TYR C 165 12.79 -22.24 16.26
CA TYR C 165 14.04 -22.85 16.69
C TYR C 165 13.87 -24.31 17.07
N LEU C 166 12.76 -24.65 17.71
CA LEU C 166 12.51 -26.01 18.16
C LEU C 166 11.56 -26.78 17.26
N GLY C 167 11.08 -26.17 16.17
CA GLY C 167 10.27 -26.90 15.23
C GLY C 167 8.92 -27.39 15.73
N PHE C 168 8.16 -26.50 16.37
CA PHE C 168 6.77 -26.80 16.69
C PHE C 168 5.79 -26.32 15.62
N ALA C 169 6.28 -25.83 14.49
CA ALA C 169 5.40 -25.43 13.39
C ALA C 169 5.05 -26.67 12.59
N GLN C 170 3.99 -27.36 13.02
CA GLN C 170 3.56 -28.61 12.40
C GLN C 170 2.05 -28.58 12.25
N SER C 171 1.55 -29.38 11.31
CA SER C 171 0.12 -29.51 11.07
C SER C 171 -0.44 -30.86 11.50
N LYS C 172 0.42 -31.84 11.82
CA LYS C 172 -0.01 -33.16 12.28
C LYS C 172 0.78 -33.49 13.54
N GLY C 173 0.17 -33.28 14.70
CA GLY C 173 0.83 -33.55 15.96
C GLY C 173 -0.14 -33.35 17.10
N GLN C 174 0.39 -33.46 18.32
CA GLN C 174 -0.46 -33.31 19.50
C GLN C 174 -0.93 -31.87 19.67
N CYS C 175 -0.10 -30.89 19.31
CA CYS C 175 -0.49 -29.49 19.46
C CYS C 175 -1.67 -29.14 18.57
N THR C 176 -1.67 -29.62 17.32
CA THR C 176 -2.78 -29.35 16.43
C THR C 176 -4.05 -30.06 16.90
N ASP C 177 -3.92 -31.26 17.44
CA ASP C 177 -5.08 -31.94 18.01
C ASP C 177 -5.66 -31.16 19.17
N ALA C 178 -4.80 -30.63 20.05
CA ALA C 178 -5.28 -29.82 21.15
C ALA C 178 -5.97 -28.55 20.64
N ALA C 179 -5.41 -27.92 19.62
CA ALA C 179 -6.04 -26.72 19.07
C ALA C 179 -7.41 -27.03 18.48
N LEU C 180 -7.53 -28.14 17.75
CA LEU C 180 -8.83 -28.51 17.18
C LEU C 180 -9.85 -28.83 18.29
N GLU C 181 -9.42 -29.52 19.34
CA GLU C 181 -10.32 -29.78 20.45
C GLU C 181 -10.76 -28.48 21.12
N SER C 182 -9.84 -27.53 21.25
CA SER C 182 -10.19 -26.23 21.84
C SER C 182 -11.20 -25.50 20.96
N VAL C 183 -11.03 -25.54 19.65
CA VAL C 183 -12.02 -24.94 18.75
C VAL C 183 -13.38 -25.61 18.91
N ASP C 184 -13.37 -26.93 19.12
CA ASP C 184 -14.63 -27.64 19.35
C ASP C 184 -15.30 -27.18 20.65
N LYS C 185 -14.52 -27.03 21.72
CA LYS C 185 -15.12 -26.67 23.01
C LYS C 185 -15.38 -25.17 23.13
N TYR C 186 -14.32 -24.37 23.08
CA TYR C 186 -14.45 -22.92 23.07
C TYR C 186 -14.56 -22.41 21.64
N SER C 187 -15.21 -21.28 21.47
CA SER C 187 -15.34 -20.67 20.15
C SER C 187 -14.05 -19.89 19.85
N ILE C 188 -14.04 -19.14 18.74
CA ILE C 188 -12.90 -18.32 18.38
C ILE C 188 -13.11 -16.86 18.74
N GLN C 189 -14.18 -16.53 19.44
CA GLN C 189 -14.48 -15.16 19.79
C GLN C 189 -14.11 -14.88 21.25
N SER C 190 -13.71 -13.64 21.50
CA SER C 190 -13.36 -13.18 22.84
C SER C 190 -14.39 -12.16 23.31
N GLY C 191 -14.74 -12.22 24.59
CA GLY C 191 -15.79 -11.37 25.10
C GLY C 191 -15.45 -9.89 25.07
N GLY C 192 -14.23 -9.54 25.47
CA GLY C 192 -13.82 -8.16 25.52
C GLY C 192 -12.62 -7.96 26.42
N PRO C 193 -12.49 -6.76 26.99
CA PRO C 193 -11.36 -6.49 27.88
C PRO C 193 -11.35 -7.43 29.07
N ARG C 194 -10.14 -7.83 29.48
CA ARG C 194 -10.00 -8.83 30.53
C ARG C 194 -10.46 -8.35 31.89
N ALA C 195 -10.73 -7.05 32.05
CA ALA C 195 -11.17 -6.51 33.34
C ALA C 195 -12.67 -6.64 33.56
N GLN C 196 -13.47 -6.76 32.51
CA GLN C 196 -14.91 -6.86 32.66
C GLN C 196 -15.48 -8.22 32.28
N ILE C 197 -15.03 -8.81 31.18
CA ILE C 197 -15.46 -10.15 30.78
C ILE C 197 -14.50 -10.66 29.73
N GLY C 198 -14.21 -11.96 29.79
CA GLY C 198 -13.28 -12.54 28.85
C GLY C 198 -12.17 -13.32 29.51
N THR C 199 -12.35 -13.62 30.80
CA THR C 199 -11.40 -14.44 31.56
C THR C 199 -12.02 -15.80 31.80
N THR C 200 -11.32 -16.84 31.37
CA THR C 200 -11.75 -18.22 31.56
C THR C 200 -10.72 -18.95 32.41
N ASP C 201 -11.00 -20.22 32.71
CA ASP C 201 -10.04 -21.03 33.47
C ASP C 201 -8.76 -21.30 32.67
N LEU C 202 -8.85 -21.25 31.34
CA LEU C 202 -7.65 -21.49 30.51
C LEU C 202 -6.59 -20.44 30.76
N HIS C 203 -7.00 -19.17 30.87
CA HIS C 203 -6.04 -18.10 31.12
C HIS C 203 -5.33 -18.31 32.45
N ILE C 204 -6.08 -18.66 33.49
CA ILE C 204 -5.50 -18.86 34.81
C ILE C 204 -4.53 -20.05 34.79
N LYS C 205 -4.93 -21.14 34.14
CA LYS C 205 -4.06 -22.30 34.06
C LYS C 205 -2.76 -21.96 33.33
N ALA C 206 -2.86 -21.20 32.24
CA ALA C 206 -1.67 -20.80 31.51
C ALA C 206 -0.76 -19.92 32.35
N GLU C 207 -1.33 -18.97 33.09
CA GLU C 207 -0.51 -18.12 33.94
C GLU C 207 0.23 -18.93 35.00
N LYS C 208 -0.47 -19.86 35.65
CA LYS C 208 0.18 -20.68 36.66
C LYS C 208 1.28 -21.55 36.06
N LEU C 209 1.02 -22.13 34.87
CA LEU C 209 2.03 -22.96 34.24
C LEU C 209 3.27 -22.17 33.85
N VAL C 210 3.08 -20.96 33.31
CA VAL C 210 4.23 -20.13 32.97
C VAL C 210 5.03 -19.75 34.22
N ALA C 211 4.31 -19.38 35.29
CA ALA C 211 5.00 -19.02 36.53
C ALA C 211 5.82 -20.17 37.07
N ARG C 212 5.27 -21.38 37.01
CA ARG C 212 6.03 -22.55 37.46
C ARG C 212 7.21 -22.83 36.56
N PHE C 213 7.03 -22.69 35.24
CA PHE C 213 8.10 -23.06 34.30
C PHE C 213 9.29 -22.12 34.40
N ILE C 214 9.04 -20.81 34.38
CA ILE C 214 10.15 -19.87 34.35
C ILE C 214 10.96 -19.90 35.63
N GLY C 215 10.31 -20.14 36.77
CA GLY C 215 10.99 -20.18 38.06
C GLY C 215 10.71 -19.00 38.95
N LYS C 216 9.91 -18.04 38.52
CA LYS C 216 9.59 -16.86 39.31
C LYS C 216 8.38 -17.14 40.19
N GLU C 217 7.81 -16.09 40.79
CA GLU C 217 6.72 -16.25 41.73
C GLU C 217 5.36 -16.15 41.06
N ASP C 218 5.16 -15.15 40.18
CA ASP C 218 3.88 -15.03 39.50
C ASP C 218 4.08 -14.29 38.18
N ALA C 219 3.18 -14.55 37.23
CA ALA C 219 3.31 -14.04 35.88
C ALA C 219 1.96 -13.61 35.34
N LEU C 220 2.00 -12.83 34.27
CA LEU C 220 0.84 -12.36 33.54
C LEU C 220 1.03 -12.62 32.05
N VAL C 221 -0.08 -12.83 31.36
CA VAL C 221 -0.08 -13.22 29.95
C VAL C 221 -0.88 -12.20 29.14
N PHE C 222 -0.30 -11.73 28.04
CA PHE C 222 -0.90 -10.72 27.18
C PHE C 222 -1.15 -11.32 25.79
N SER C 223 -1.53 -10.46 24.85
CA SER C 223 -1.85 -10.90 23.49
C SER C 223 -0.89 -10.41 22.43
N MET C 224 0.10 -9.59 22.78
CA MET C 224 1.05 -9.07 21.81
C MET C 224 2.30 -8.60 22.53
N GLY C 225 3.47 -9.07 22.09
CA GLY C 225 4.71 -8.69 22.74
C GLY C 225 5.03 -7.20 22.55
N TYR C 226 4.85 -6.70 21.34
CA TYR C 226 5.13 -5.29 21.07
C TYR C 226 4.27 -4.39 21.94
N GLY C 227 2.97 -4.69 22.03
CA GLY C 227 2.10 -3.93 22.91
C GLY C 227 2.50 -4.05 24.37
N THR C 228 2.93 -5.24 24.79
CA THR C 228 3.41 -5.43 26.16
C THR C 228 4.55 -4.48 26.46
N ASN C 229 5.58 -4.47 25.62
CA ASN C 229 6.72 -3.59 25.85
C ASN C 229 6.31 -2.12 25.79
N ALA C 230 5.44 -1.78 24.84
CA ALA C 230 5.07 -0.37 24.68
C ALA C 230 4.32 0.15 25.89
N ASN C 231 3.42 -0.64 26.44
CA ASN C 231 2.53 -0.17 27.49
C ASN C 231 2.97 -0.58 28.90
N LEU C 232 4.08 -1.30 29.05
CA LEU C 232 4.50 -1.69 30.39
C LEU C 232 5.12 -0.53 31.17
N PHE C 233 5.93 0.31 30.50
CA PHE C 233 6.85 1.16 31.23
C PHE C 233 6.19 2.35 31.92
N ASN C 234 5.12 2.91 31.34
CA ASN C 234 4.53 4.11 31.93
C ASN C 234 3.78 3.83 33.22
N ALA C 235 3.62 2.57 33.61
CA ALA C 235 2.86 2.25 34.81
C ALA C 235 3.61 2.56 36.09
N PHE C 236 4.95 2.60 36.06
CA PHE C 236 5.70 2.84 37.29
C PHE C 236 6.88 3.77 37.10
N LEU C 237 6.89 4.61 36.07
CA LEU C 237 7.96 5.56 35.84
C LEU C 237 7.38 6.95 35.64
N ASP C 238 8.20 7.97 35.92
CA ASP C 238 7.77 9.35 35.90
C ASP C 238 8.93 10.21 35.42
N LYS C 239 8.81 11.52 35.60
CA LYS C 239 9.84 12.46 35.15
C LYS C 239 11.01 12.56 36.11
N LYS C 240 10.93 11.95 37.29
CA LYS C 240 12.00 12.01 38.28
C LYS C 240 12.87 10.77 38.31
N CYS C 241 12.68 9.85 37.37
CA CYS C 241 13.45 8.61 37.34
C CYS C 241 14.50 8.67 36.24
N LEU C 242 15.31 7.62 36.15
CA LEU C 242 16.35 7.53 35.13
C LEU C 242 16.39 6.11 34.59
N VAL C 243 16.60 6.00 33.27
CA VAL C 243 16.66 4.70 32.61
C VAL C 243 17.98 4.62 31.86
N ILE C 244 18.84 3.70 32.26
CA ILE C 244 20.11 3.44 31.59
C ILE C 244 19.94 2.18 30.77
N SER C 245 20.03 2.31 29.45
CA SER C 245 19.74 1.20 28.54
C SER C 245 20.88 1.03 27.55
N ASP C 246 21.00 -0.18 27.03
CA ASP C 246 21.96 -0.48 25.98
C ASP C 246 21.62 0.31 24.73
N GLU C 247 22.55 0.32 23.78
CA GLU C 247 22.36 1.01 22.51
C GLU C 247 21.86 0.10 21.39
N LEU C 248 21.64 -1.18 21.68
CA LEU C 248 21.19 -2.15 20.68
C LEU C 248 19.87 -2.79 21.08
N ASN C 249 19.03 -2.05 21.79
CA ASN C 249 17.75 -2.59 22.25
C ASN C 249 16.73 -2.58 21.12
N HIS C 250 15.66 -3.34 21.31
CA HIS C 250 14.59 -3.41 20.33
C HIS C 250 13.82 -2.10 20.29
N THR C 251 13.06 -1.91 19.20
CA THR C 251 12.31 -0.68 19.02
C THR C 251 11.18 -0.53 20.04
N SER C 252 10.56 -1.65 20.44
CA SER C 252 9.44 -1.57 21.35
C SER C 252 9.85 -1.00 22.71
N ILE C 253 11.04 -1.38 23.20
CA ILE C 253 11.52 -0.84 24.47
C ILE C 253 11.73 0.66 24.36
N ARG C 254 12.31 1.12 23.25
CA ARG C 254 12.51 2.55 23.06
C ARG C 254 11.18 3.29 23.00
N THR C 255 10.19 2.71 22.32
CA THR C 255 8.87 3.35 22.25
C THR C 255 8.25 3.45 23.63
N GLY C 256 8.35 2.39 24.43
CA GLY C 256 7.79 2.44 25.78
C GLY C 256 8.47 3.48 26.65
N VAL C 257 9.80 3.53 26.59
CA VAL C 257 10.53 4.51 27.40
C VAL C 257 10.21 5.93 26.94
N ARG C 258 10.05 6.13 25.63
CA ARG C 258 9.69 7.45 25.12
C ARG C 258 8.30 7.85 25.60
N LEU C 259 7.37 6.90 25.63
CA LEU C 259 6.02 7.21 26.10
C LEU C 259 6.00 7.49 27.59
N SER C 260 6.84 6.82 28.38
CA SER C 260 6.80 7.00 29.83
C SER C 260 7.16 8.42 30.22
N GLY C 261 8.19 9.00 29.62
CA GLY C 261 8.60 10.35 29.90
C GLY C 261 9.81 10.49 30.80
N ALA C 262 10.45 9.40 31.19
CA ALA C 262 11.61 9.46 32.08
C ALA C 262 12.85 9.90 31.32
N ALA C 263 13.86 10.32 32.08
CA ALA C 263 15.14 10.70 31.49
C ALA C 263 15.88 9.47 31.00
N VAL C 264 16.58 9.62 29.88
CA VAL C 264 17.21 8.49 29.19
C VAL C 264 18.70 8.74 29.05
N ARG C 265 19.50 7.75 29.41
CA ARG C 265 20.93 7.73 29.15
C ARG C 265 21.31 6.37 28.57
N THR C 266 22.38 6.35 27.78
CA THR C 266 22.79 5.14 27.09
C THR C 266 24.28 4.89 27.31
N PHE C 267 24.68 3.63 27.19
CA PHE C 267 26.05 3.23 27.37
C PHE C 267 26.48 2.31 26.23
N LYS C 268 27.79 2.31 25.96
CA LYS C 268 28.32 1.54 24.85
C LYS C 268 28.09 0.05 25.06
N HIS C 269 27.82 -0.66 23.97
CA HIS C 269 27.53 -2.08 24.05
C HIS C 269 28.76 -2.86 24.48
N GLY C 270 28.60 -3.71 25.49
CA GLY C 270 29.65 -4.59 25.93
C GLY C 270 30.68 -3.98 26.87
N ASP C 271 30.52 -2.72 27.26
CA ASP C 271 31.47 -2.03 28.12
C ASP C 271 30.90 -1.97 29.53
N MET C 272 31.64 -2.52 30.50
CA MET C 272 31.24 -2.44 31.90
C MET C 272 31.90 -1.29 32.64
N VAL C 273 33.13 -0.92 32.24
CA VAL C 273 33.80 0.24 32.86
C VAL C 273 33.01 1.50 32.57
N GLY C 274 32.55 1.68 31.33
CA GLY C 274 31.73 2.83 30.99
C GLY C 274 30.43 2.84 31.77
N LEU C 275 29.80 1.68 31.94
CA LEU C 275 28.57 1.61 32.72
C LEU C 275 28.81 2.01 34.17
N GLU C 276 29.90 1.53 34.77
CA GLU C 276 30.20 1.88 36.15
C GLU C 276 30.46 3.38 36.29
N LYS C 277 31.23 3.95 35.37
CA LYS C 277 31.50 5.39 35.42
C LYS C 277 30.22 6.19 35.25
N LEU C 278 29.36 5.77 34.33
CA LEU C 278 28.10 6.48 34.10
C LEU C 278 27.22 6.44 35.34
N ILE C 279 27.11 5.28 35.99
CA ILE C 279 26.30 5.17 37.20
C ILE C 279 26.86 6.06 38.30
N ARG C 280 28.18 6.03 38.50
CA ARG C 280 28.79 6.81 39.57
C ARG C 280 28.59 8.31 39.34
N GLU C 281 28.70 8.76 38.08
CA GLU C 281 28.47 10.17 37.81
C GLU C 281 27.00 10.55 37.98
N GLN C 282 26.09 9.71 37.49
CA GLN C 282 24.67 10.05 37.52
C GLN C 282 24.14 10.10 38.94
N ILE C 283 24.61 9.22 39.82
CA ILE C 283 24.15 9.26 41.20
C ILE C 283 24.54 10.58 41.87
N VAL C 284 25.77 11.05 41.61
CA VAL C 284 26.23 12.28 42.24
C VAL C 284 25.53 13.50 41.68
N LEU C 285 25.38 13.58 40.35
CA LEU C 285 24.90 14.82 39.74
C LEU C 285 23.47 15.15 40.19
N GLY C 286 22.55 14.20 40.05
CA GLY C 286 21.17 14.44 40.44
C GLY C 286 20.31 14.99 39.34
N GLN C 287 19.14 15.49 39.74
CA GLN C 287 18.13 15.95 38.80
C GLN C 287 18.56 17.25 38.12
N PRO C 288 18.04 17.51 36.91
CA PRO C 288 18.40 18.74 36.21
C PRO C 288 17.69 19.97 36.76
N LYS C 289 18.41 21.09 36.72
CA LYS C 289 17.87 22.42 36.99
C LYS C 289 17.51 22.61 38.46
N THR C 290 17.62 21.55 39.25
CA THR C 290 17.38 21.63 40.69
C THR C 290 18.40 20.87 41.53
N ASN C 291 19.09 19.89 40.97
CA ASN C 291 20.16 19.15 41.65
C ASN C 291 19.66 18.51 42.94
N ARG C 292 18.74 17.57 42.78
CA ARG C 292 18.21 16.77 43.86
C ARG C 292 18.37 15.30 43.50
N PRO C 293 18.45 14.41 44.50
CA PRO C 293 18.69 12.99 44.20
C PRO C 293 17.57 12.38 43.36
N TRP C 294 17.94 11.44 42.51
CA TRP C 294 16.97 10.72 41.70
C TRP C 294 16.07 9.86 42.57
N LYS C 295 14.85 9.61 42.07
CA LYS C 295 13.92 8.75 42.80
C LYS C 295 14.34 7.29 42.73
N LYS C 296 14.72 6.82 41.54
CA LYS C 296 15.14 5.43 41.37
C LYS C 296 15.90 5.31 40.05
N ILE C 297 16.64 4.22 39.91
CA ILE C 297 17.45 3.96 38.73
C ILE C 297 17.16 2.56 38.21
N LEU C 298 16.82 2.47 36.92
CA LEU C 298 16.49 1.22 36.27
C LEU C 298 17.48 0.94 35.14
N ILE C 299 17.80 -0.33 34.95
CA ILE C 299 18.67 -0.78 33.87
C ILE C 299 17.90 -1.76 33.01
N CYS C 300 17.97 -1.60 31.70
CA CYS C 300 17.29 -2.46 30.75
C CYS C 300 18.32 -3.27 29.98
N ALA C 301 18.04 -4.56 29.80
CA ALA C 301 18.99 -5.42 29.09
C ALA C 301 18.24 -6.47 28.29
N GLU C 302 18.93 -7.05 27.31
CA GLU C 302 18.38 -8.07 26.44
C GLU C 302 19.15 -9.36 26.61
N GLY C 303 18.44 -10.48 26.63
CA GLY C 303 19.09 -11.77 26.84
C GLY C 303 20.05 -12.14 25.74
N LEU C 304 19.62 -11.99 24.49
CA LEU C 304 20.46 -12.32 23.34
C LEU C 304 20.09 -11.41 22.18
N PHE C 305 21.09 -10.81 21.56
CA PHE C 305 20.88 -9.88 20.46
C PHE C 305 20.88 -10.64 19.13
N SER C 306 19.83 -10.46 18.34
CA SER C 306 19.65 -11.27 17.14
C SER C 306 20.70 -10.94 16.07
N MET C 307 20.92 -9.66 15.79
CA MET C 307 21.84 -9.29 14.72
C MET C 307 23.27 -9.71 15.03
N GLU C 308 23.72 -9.51 16.27
CA GLU C 308 25.09 -9.81 16.65
C GLU C 308 25.27 -11.26 17.09
N GLY C 309 24.25 -11.86 17.70
CA GLY C 309 24.37 -13.21 18.21
C GLY C 309 25.32 -13.35 19.38
N THR C 310 25.30 -12.40 20.30
CA THR C 310 26.17 -12.42 21.48
C THR C 310 25.35 -12.31 22.75
N LEU C 311 25.81 -12.97 23.79
CA LEU C 311 25.14 -12.95 25.08
C LEU C 311 25.52 -11.71 25.88
N CYS C 312 24.79 -11.46 26.95
CA CYS C 312 25.06 -10.34 27.84
C CYS C 312 25.67 -10.84 29.13
N ASN C 313 26.63 -10.08 29.65
CA ASN C 313 27.34 -10.44 30.88
C ASN C 313 26.40 -10.26 32.06
N LEU C 314 25.81 -11.34 32.53
CA LEU C 314 24.83 -11.28 33.60
C LEU C 314 25.45 -11.17 35.00
N PRO C 315 26.47 -11.95 35.35
CA PRO C 315 27.02 -11.82 36.71
C PRO C 315 27.53 -10.43 37.04
N LYS C 316 28.18 -9.76 36.08
CA LYS C 316 28.65 -8.41 36.33
C LYS C 316 27.49 -7.44 36.56
N LEU C 317 26.42 -7.59 35.78
CA LEU C 317 25.26 -6.73 35.97
C LEU C 317 24.62 -6.96 37.33
N VAL C 318 24.53 -8.22 37.77
CA VAL C 318 23.97 -8.52 39.08
C VAL C 318 24.86 -7.91 40.17
N GLU C 319 26.17 -8.04 40.03
CA GLU C 319 27.08 -7.45 41.01
C GLU C 319 26.91 -5.94 41.08
N LEU C 320 26.83 -5.27 39.94
CA LEU C 320 26.68 -3.82 39.94
C LEU C 320 25.35 -3.39 40.55
N LYS C 321 24.26 -4.07 40.19
CA LYS C 321 22.96 -3.68 40.76
C LYS C 321 22.89 -3.96 42.25
N LYS C 322 23.59 -4.99 42.73
CA LYS C 322 23.61 -5.24 44.16
C LYS C 322 24.48 -4.25 44.90
N LYS C 323 25.57 -3.78 44.28
CA LYS C 323 26.46 -2.85 44.95
C LYS C 323 25.90 -1.43 44.98
N TYR C 324 25.26 -0.99 43.89
CA TYR C 324 24.84 0.41 43.76
C TYR C 324 23.35 0.63 43.99
N LYS C 325 22.61 -0.39 44.42
CA LYS C 325 21.19 -0.28 44.73
C LYS C 325 20.38 0.22 43.53
N CYS C 326 20.41 -0.57 42.47
CA CYS C 326 19.69 -0.26 41.24
C CYS C 326 18.67 -1.37 40.96
N TYR C 327 17.83 -1.14 39.95
CA TYR C 327 16.87 -2.14 39.54
C TYR C 327 17.19 -2.64 38.13
N LEU C 328 16.77 -3.87 37.83
CA LEU C 328 17.15 -4.55 36.61
C LEU C 328 15.92 -5.12 35.91
N PHE C 329 15.91 -5.03 34.57
CA PHE C 329 14.84 -5.55 33.74
C PHE C 329 15.45 -6.29 32.57
N ILE C 330 14.99 -7.51 32.30
CA ILE C 330 15.60 -8.35 31.28
C ILE C 330 14.54 -8.79 30.28
N ASP C 331 14.78 -8.52 29.00
CA ASP C 331 13.94 -8.98 27.90
C ASP C 331 14.65 -10.14 27.23
N GLU C 332 13.97 -11.29 27.15
CA GLU C 332 14.53 -12.48 26.52
C GLU C 332 13.45 -13.12 25.65
N ALA C 333 13.57 -12.95 24.34
CA ALA C 333 12.67 -13.57 23.39
C ALA C 333 13.36 -14.55 22.47
N HIS C 334 14.66 -14.39 22.23
CA HIS C 334 15.42 -15.29 21.39
C HIS C 334 16.12 -16.40 22.16
N SER C 335 15.99 -16.43 23.49
CA SER C 335 16.68 -17.42 24.29
C SER C 335 15.79 -17.96 25.42
N ILE C 336 14.48 -18.03 25.19
CA ILE C 336 13.59 -18.49 26.25
C ILE C 336 13.45 -20.01 26.24
N GLY C 337 13.61 -20.65 25.08
CA GLY C 337 13.44 -22.09 25.01
C GLY C 337 14.54 -22.81 24.26
N ALA C 338 15.41 -22.06 23.58
CA ALA C 338 16.43 -22.65 22.74
C ALA C 338 17.81 -22.68 23.39
N MET C 339 17.94 -22.19 24.62
CA MET C 339 19.23 -22.10 25.28
C MET C 339 19.14 -22.64 26.69
N GLY C 340 20.24 -23.23 27.15
CA GLY C 340 20.31 -23.79 28.48
C GLY C 340 20.29 -25.30 28.48
N PRO C 341 20.83 -25.91 29.54
CA PRO C 341 20.81 -27.38 29.63
C PRO C 341 19.42 -27.98 29.56
N THR C 342 18.42 -27.30 30.13
CA THR C 342 17.04 -27.76 30.07
C THR C 342 16.16 -26.91 29.16
N GLY C 343 16.50 -25.64 28.96
CA GLY C 343 15.73 -24.78 28.08
C GLY C 343 15.05 -23.65 28.81
N ARG C 344 15.49 -23.37 30.05
CA ARG C 344 14.87 -22.31 30.83
C ARG C 344 15.30 -20.93 30.32
N GLY C 345 16.57 -20.76 29.99
CA GLY C 345 17.01 -19.49 29.45
C GLY C 345 18.37 -19.02 29.93
N VAL C 346 18.56 -17.70 29.97
CA VAL C 346 19.85 -17.14 30.35
C VAL C 346 20.14 -17.40 31.82
N CYS C 347 19.11 -17.35 32.67
CA CYS C 347 19.32 -17.58 34.10
C CYS C 347 19.83 -18.97 34.42
N GLU C 348 19.72 -19.90 33.47
CA GLU C 348 20.22 -21.26 33.69
C GLU C 348 21.64 -21.45 33.17
N ILE C 349 21.97 -20.83 32.03
CA ILE C 349 23.29 -21.02 31.45
C ILE C 349 24.38 -20.41 32.33
N PHE C 350 24.09 -19.30 33.00
CA PHE C 350 25.07 -18.63 33.83
C PHE C 350 25.03 -19.06 35.29
N GLY C 351 24.07 -19.91 35.67
CA GLY C 351 23.97 -20.34 37.05
C GLY C 351 23.47 -19.29 38.02
N VAL C 352 22.85 -18.22 37.52
CA VAL C 352 22.37 -17.13 38.37
C VAL C 352 21.00 -17.49 38.93
N ASP C 353 20.80 -17.19 40.20
CA ASP C 353 19.51 -17.43 40.84
C ASP C 353 18.45 -16.54 40.19
N PRO C 354 17.27 -17.09 39.86
CA PRO C 354 16.23 -16.27 39.22
C PRO C 354 15.69 -15.17 40.11
N LYS C 355 15.88 -15.24 41.43
CA LYS C 355 15.34 -14.24 42.32
C LYS C 355 16.09 -12.92 42.26
N ASP C 356 17.31 -12.92 41.69
CA ASP C 356 18.10 -11.69 41.67
C ASP C 356 17.52 -10.67 40.71
N VAL C 357 17.07 -11.11 39.53
CA VAL C 357 16.46 -10.19 38.58
C VAL C 357 15.06 -9.80 39.06
N ASP C 358 14.59 -8.64 38.62
CA ASP C 358 13.32 -8.09 39.08
C ASP C 358 12.17 -8.38 38.13
N ILE C 359 12.32 -8.09 36.84
CA ILE C 359 11.28 -8.29 35.86
C ILE C 359 11.84 -9.05 34.67
N LEU C 360 11.15 -10.12 34.27
CA LEU C 360 11.54 -10.92 33.11
C LEU C 360 10.44 -10.84 32.06
N MET C 361 10.83 -10.60 30.80
CA MET C 361 9.89 -10.52 29.71
C MET C 361 10.18 -11.63 28.70
N GLY C 362 9.19 -11.94 27.88
CA GLY C 362 9.36 -12.95 26.85
C GLY C 362 8.12 -13.06 25.99
N THR C 363 8.33 -13.63 24.79
CA THR C 363 7.26 -13.86 23.84
C THR C 363 7.25 -15.31 23.42
N PHE C 364 6.07 -15.81 23.07
CA PHE C 364 5.89 -17.21 22.70
C PHE C 364 6.01 -17.45 21.20
N THR C 365 6.15 -16.39 20.39
CA THR C 365 6.11 -16.58 18.94
C THR C 365 7.45 -17.04 18.37
N LYS C 366 8.54 -16.89 19.13
CA LYS C 366 9.85 -17.21 18.59
C LYS C 366 10.08 -18.72 18.52
N SER C 367 9.68 -19.46 19.55
CA SER C 367 10.00 -20.89 19.63
C SER C 367 8.78 -21.77 19.74
N PHE C 368 7.72 -21.33 20.40
CA PHE C 368 6.55 -22.16 20.66
C PHE C 368 5.52 -22.09 19.54
N GLY C 369 5.71 -21.24 18.54
CA GLY C 369 4.82 -21.22 17.40
C GLY C 369 3.46 -20.61 17.64
N ALA C 370 3.31 -19.73 18.62
CA ALA C 370 2.04 -19.08 18.89
C ALA C 370 2.29 -17.66 19.36
N ALA C 371 1.47 -16.73 18.87
CA ALA C 371 1.65 -15.33 19.22
C ALA C 371 1.24 -15.07 20.67
N GLY C 372 1.89 -14.09 21.29
CA GLY C 372 1.59 -13.74 22.65
C GLY C 372 2.79 -13.12 23.35
N GLY C 373 2.71 -13.06 24.67
CA GLY C 373 3.78 -12.53 25.48
C GLY C 373 3.45 -12.65 26.95
N TYR C 374 4.46 -12.56 27.78
CA TYR C 374 4.27 -12.75 29.21
C TYR C 374 5.23 -11.86 30.00
N ILE C 375 4.91 -11.68 31.27
CA ILE C 375 5.74 -10.92 32.21
C ILE C 375 5.81 -11.69 33.51
N ALA C 376 7.03 -11.90 34.03
CA ALA C 376 7.23 -12.67 35.26
C ALA C 376 7.94 -11.82 36.30
N ALA C 377 7.44 -11.88 37.54
CA ALA C 377 7.97 -11.11 38.65
C ALA C 377 7.49 -11.72 39.97
N ASP C 378 7.70 -11.00 41.06
CA ASP C 378 7.34 -11.46 42.39
C ASP C 378 5.84 -11.30 42.62
N GLN C 379 5.40 -11.43 43.88
CA GLN C 379 3.97 -11.44 44.15
C GLN C 379 3.39 -10.03 44.24
N TRP C 380 3.93 -9.20 45.13
CA TRP C 380 3.35 -7.88 45.34
C TRP C 380 3.50 -6.98 44.11
N ILE C 381 4.58 -7.15 43.36
CA ILE C 381 4.75 -6.36 42.13
C ILE C 381 3.64 -6.70 41.14
N ILE C 382 3.34 -7.98 40.97
CA ILE C 382 2.27 -8.37 40.07
C ILE C 382 0.92 -7.91 40.60
N ASP C 383 0.73 -7.96 41.92
CA ASP C 383 -0.53 -7.50 42.50
C ASP C 383 -0.76 -6.02 42.21
N ARG C 384 0.29 -5.21 42.28
CA ARG C 384 0.16 -3.79 41.95
C ARG C 384 -0.04 -3.58 40.45
N LEU C 385 0.73 -4.29 39.63
CA LEU C 385 0.66 -4.10 38.18
C LEU C 385 -0.64 -4.59 37.58
N ARG C 386 -1.32 -5.53 38.23
CA ARG C 386 -2.61 -5.99 37.71
C ARG C 386 -3.65 -4.89 37.75
N LEU C 387 -3.50 -3.93 38.66
CA LEU C 387 -4.39 -2.78 38.73
C LEU C 387 -3.84 -1.55 38.02
N ASP C 388 -2.53 -1.36 37.98
CA ASP C 388 -1.97 -0.14 37.39
C ASP C 388 -1.84 -0.20 35.88
N LEU C 389 -1.94 -1.38 35.27
CA LEU C 389 -1.69 -1.50 33.83
C LEU C 389 -2.91 -1.05 33.03
N THR C 390 -2.65 -0.63 31.80
CA THR C 390 -3.70 -0.18 30.88
C THR C 390 -4.08 -1.21 29.84
N THR C 391 -3.19 -2.14 29.51
CA THR C 391 -3.53 -3.17 28.53
C THR C 391 -4.59 -4.12 29.06
N VAL C 392 -4.56 -4.39 30.37
CA VAL C 392 -5.50 -5.33 30.96
C VAL C 392 -6.92 -4.80 30.89
N SER C 393 -7.10 -3.49 31.04
CA SER C 393 -8.43 -2.91 31.18
C SER C 393 -9.01 -2.38 29.88
N TYR C 394 -8.16 -1.97 28.92
CA TYR C 394 -8.66 -1.32 27.71
C TYR C 394 -8.55 -2.18 26.46
N SER C 395 -7.67 -3.18 26.45
CA SER C 395 -7.41 -3.96 25.24
C SER C 395 -8.13 -5.30 25.29
N GLU C 396 -8.09 -6.01 24.17
CA GLU C 396 -8.78 -7.29 24.02
C GLU C 396 -8.03 -8.39 24.78
N SER C 397 -8.50 -9.62 24.63
CA SER C 397 -7.91 -10.79 25.28
C SER C 397 -7.42 -11.77 24.22
N MET C 398 -6.72 -12.81 24.68
CA MET C 398 -6.13 -13.76 23.75
C MET C 398 -7.06 -14.92 23.47
N PRO C 399 -7.20 -15.34 22.21
CA PRO C 399 -8.15 -16.42 21.88
C PRO C 399 -7.76 -17.77 22.46
N ALA C 400 -8.62 -18.78 22.25
CA ALA C 400 -8.45 -20.11 22.84
C ALA C 400 -7.46 -21.00 22.10
N PRO C 401 -7.51 -21.12 20.76
CA PRO C 401 -6.57 -22.03 20.09
C PRO C 401 -5.11 -21.70 20.32
N VAL C 402 -4.76 -20.41 20.34
CA VAL C 402 -3.38 -20.01 20.59
C VAL C 402 -2.97 -20.42 22.00
N LEU C 403 -3.85 -20.22 22.97
CA LEU C 403 -3.55 -20.59 24.35
C LEU C 403 -3.35 -22.10 24.48
N ALA C 404 -4.19 -22.90 23.82
CA ALA C 404 -4.04 -24.34 23.87
C ALA C 404 -2.72 -24.78 23.23
N GLN C 405 -2.37 -24.16 22.10
CA GLN C 405 -1.08 -24.47 21.47
C GLN C 405 0.08 -24.16 22.41
N THR C 406 0.04 -23.00 23.06
CA THR C 406 1.12 -22.62 23.98
C THR C 406 1.22 -23.60 25.15
N ILE C 407 0.08 -23.96 25.74
CA ILE C 407 0.10 -24.89 26.87
C ILE C 407 0.66 -26.25 26.45
N SER C 408 0.23 -26.75 25.29
CA SER C 408 0.72 -28.04 24.83
C SER C 408 2.21 -28.01 24.57
N SER C 409 2.72 -26.95 23.94
CA SER C 409 4.15 -26.87 23.69
C SER C 409 4.94 -26.78 24.99
N LEU C 410 4.45 -26.00 25.96
CA LEU C 410 5.15 -25.88 27.23
C LEU C 410 5.18 -27.23 27.95
N GLN C 411 4.07 -27.96 27.95
CA GLN C 411 4.06 -29.27 28.58
C GLN C 411 4.97 -30.25 27.86
N THR C 412 5.05 -30.17 26.53
CA THR C 412 5.95 -31.06 25.80
C THR C 412 7.40 -30.79 26.15
N ILE C 413 7.80 -29.52 26.24
CA ILE C 413 9.19 -29.20 26.56
C ILE C 413 9.50 -29.57 28.01
N SER C 414 8.56 -29.31 28.93
CA SER C 414 8.79 -29.63 30.33
C SER C 414 8.90 -31.13 30.59
N GLY C 415 8.50 -31.97 29.64
CA GLY C 415 8.65 -33.39 29.78
C GLY C 415 7.51 -34.12 30.47
N GLU C 416 6.28 -33.59 30.38
CA GLU C 416 5.14 -34.23 31.02
C GLU C 416 4.29 -35.02 30.03
N ILE C 417 3.79 -34.36 28.97
CA ILE C 417 2.84 -35.01 28.08
C ILE C 417 3.55 -36.07 27.23
N CYS C 418 4.75 -35.77 26.74
CA CYS C 418 5.49 -36.75 25.96
C CYS C 418 6.79 -37.14 26.67
N PRO C 419 7.14 -38.42 26.68
CA PRO C 419 8.25 -38.89 27.53
C PRO C 419 9.62 -38.35 27.14
N GLY C 420 10.03 -38.52 25.90
CA GLY C 420 11.40 -38.24 25.52
C GLY C 420 11.57 -37.40 24.27
N GLN C 421 10.75 -36.37 24.09
CA GLN C 421 10.79 -35.57 22.87
C GLN C 421 11.53 -34.25 23.02
N GLY C 422 11.45 -33.60 24.19
CA GLY C 422 12.08 -32.30 24.33
C GLY C 422 13.61 -32.37 24.28
N THR C 423 14.19 -33.34 24.99
CA THR C 423 15.64 -33.48 25.01
C THR C 423 16.19 -33.74 23.62
N GLU C 424 15.49 -34.57 22.84
CA GLU C 424 15.94 -34.90 21.50
C GLU C 424 15.98 -33.66 20.61
N ARG C 425 14.96 -32.81 20.69
CA ARG C 425 14.93 -31.57 19.92
C ARG C 425 16.03 -30.61 20.36
N LEU C 426 16.22 -30.45 21.68
CA LEU C 426 17.26 -29.54 22.16
C LEU C 426 18.64 -29.98 21.69
N GLN C 427 18.94 -31.27 21.81
CA GLN C 427 20.23 -31.77 21.36
C GLN C 427 20.40 -31.60 19.86
N ARG C 428 19.33 -31.84 19.09
CA ARG C 428 19.42 -31.66 17.65
C ARG C 428 19.79 -30.22 17.29
N ILE C 429 19.12 -29.24 17.88
CA ILE C 429 19.38 -27.86 17.49
C ILE C 429 20.78 -27.44 17.94
N ALA C 430 21.21 -27.88 19.13
CA ALA C 430 22.56 -27.55 19.58
C ALA C 430 23.62 -28.09 18.61
N PHE C 431 23.48 -29.37 18.23
CA PHE C 431 24.46 -29.95 17.33
C PHE C 431 24.45 -29.27 15.97
N ASN C 432 23.27 -28.95 15.44
CA ASN C 432 23.20 -28.29 14.15
C ASN C 432 23.92 -26.95 14.18
N SER C 433 23.68 -26.14 15.22
CA SER C 433 24.33 -24.84 15.30
C SER C 433 25.85 -24.98 15.37
N ARG C 434 26.34 -25.89 16.24
CA ARG C 434 27.79 -26.06 16.35
C ARG C 434 28.41 -26.50 15.03
N TYR C 435 27.78 -27.47 14.36
CA TYR C 435 28.34 -27.99 13.12
C TYR C 435 28.42 -26.92 12.04
N LEU C 436 27.33 -26.17 11.86
CA LEU C 436 27.34 -25.13 10.83
C LEU C 436 28.39 -24.07 11.13
N ARG C 437 28.47 -23.61 12.39
CA ARG C 437 29.42 -22.57 12.72
C ARG C 437 30.86 -23.03 12.46
N LEU C 438 31.20 -24.23 12.92
CA LEU C 438 32.57 -24.70 12.75
C LEU C 438 32.91 -24.93 11.28
N ALA C 439 31.98 -25.49 10.51
CA ALA C 439 32.27 -25.72 9.09
C ALA C 439 32.48 -24.40 8.36
N LEU C 440 31.62 -23.41 8.61
CA LEU C 440 31.77 -22.12 7.94
C LEU C 440 33.07 -21.46 8.33
N GLN C 441 33.47 -21.56 9.60
CA GLN C 441 34.74 -20.96 10.01
C GLN C 441 35.92 -21.66 9.35
N ARG C 442 35.86 -22.99 9.22
CA ARG C 442 36.97 -23.71 8.62
C ARG C 442 37.08 -23.45 7.12
N LEU C 443 35.95 -23.21 6.44
CA LEU C 443 36.02 -22.95 5.01
C LEU C 443 36.77 -21.66 4.71
N GLY C 444 36.58 -20.63 5.53
CA GLY C 444 37.33 -19.40 5.35
C GLY C 444 36.52 -18.13 5.53
N PHE C 445 35.23 -18.25 5.82
CA PHE C 445 34.36 -17.10 5.91
C PHE C 445 34.56 -16.39 7.25
N ILE C 446 33.75 -15.37 7.52
CA ILE C 446 33.77 -14.64 8.77
C ILE C 446 32.37 -14.71 9.38
N VAL C 447 32.28 -15.22 10.61
CA VAL C 447 31.00 -15.34 11.29
C VAL C 447 31.13 -14.81 12.71
N TYR C 448 30.00 -14.38 13.27
CA TYR C 448 29.91 -13.94 14.65
C TYR C 448 29.07 -14.94 15.45
N GLY C 449 29.26 -14.93 16.76
CA GLY C 449 28.44 -15.78 17.61
C GLY C 449 29.13 -16.07 18.93
N VAL C 450 28.56 -17.04 19.64
CA VAL C 450 29.01 -17.41 20.98
C VAL C 450 29.16 -18.93 21.04
N ALA C 451 29.21 -19.56 19.86
CA ALA C 451 29.40 -20.99 19.61
C ALA C 451 28.14 -21.82 19.86
N ASP C 452 27.06 -21.23 20.36
CA ASP C 452 25.79 -21.94 20.49
C ASP C 452 24.58 -21.14 20.05
N SER C 453 24.73 -19.87 19.71
CA SER C 453 23.59 -19.04 19.35
C SER C 453 22.97 -19.55 18.05
N PRO C 454 21.64 -19.70 18.01
CA PRO C 454 21.00 -20.22 16.80
C PRO C 454 21.15 -19.31 15.59
N VAL C 455 21.44 -18.03 15.77
CA VAL C 455 21.58 -17.09 14.66
C VAL C 455 23.05 -17.00 14.27
N ILE C 456 23.31 -17.11 12.98
CA ILE C 456 24.66 -17.05 12.43
C ILE C 456 24.70 -15.95 11.38
N PRO C 457 25.36 -14.83 11.67
CA PRO C 457 25.54 -13.79 10.65
C PRO C 457 26.81 -13.96 9.84
N LEU C 458 26.68 -13.98 8.52
CA LEU C 458 27.83 -14.04 7.61
C LEU C 458 27.97 -12.68 6.93
N LEU C 459 29.18 -12.14 6.93
CA LEU C 459 29.40 -10.74 6.58
C LEU C 459 29.74 -10.58 5.10
N LEU C 460 29.02 -9.67 4.45
CA LEU C 460 29.31 -9.18 3.12
C LEU C 460 29.51 -7.67 3.22
N TYR C 461 30.50 -7.13 2.51
CA TYR C 461 30.88 -5.75 2.69
C TYR C 461 30.49 -4.85 1.53
N CYS C 462 30.80 -5.23 0.30
CA CYS C 462 30.48 -4.38 -0.83
C CYS C 462 28.97 -4.34 -1.06
N PRO C 463 28.43 -3.17 -1.44
CA PRO C 463 26.98 -3.08 -1.66
C PRO C 463 26.46 -3.98 -2.76
N SER C 464 27.26 -4.25 -3.79
CA SER C 464 26.83 -5.05 -4.92
C SER C 464 26.89 -6.55 -4.66
N LYS C 465 27.48 -6.97 -3.54
CA LYS C 465 27.57 -8.38 -3.23
C LYS C 465 26.35 -8.93 -2.50
N MET C 466 25.54 -8.06 -1.90
CA MET C 466 24.37 -8.53 -1.17
C MET C 466 23.21 -8.92 -2.09
N PRO C 467 22.92 -8.23 -3.21
CA PRO C 467 21.83 -8.72 -4.06
C PRO C 467 22.14 -10.02 -4.75
N ALA C 468 23.25 -10.07 -5.50
CA ALA C 468 23.54 -11.22 -6.35
C ALA C 468 23.55 -12.52 -5.56
N PHE C 469 24.31 -12.54 -4.45
CA PHE C 469 24.30 -13.70 -3.56
C PHE C 469 22.90 -14.21 -3.31
N SER C 470 22.02 -13.32 -2.83
CA SER C 470 20.64 -13.74 -2.54
C SER C 470 20.00 -14.36 -3.77
N ARG C 471 20.10 -13.70 -4.92
CA ARG C 471 19.48 -14.23 -6.12
C ARG C 471 20.03 -15.62 -6.45
N MET C 472 21.34 -15.81 -6.28
CA MET C 472 21.93 -17.11 -6.57
C MET C 472 21.35 -18.17 -5.64
N MET C 473 21.13 -17.83 -4.36
CA MET C 473 20.52 -18.78 -3.44
C MET C 473 19.12 -19.15 -3.88
N LEU C 474 18.42 -18.24 -4.55
CA LEU C 474 17.09 -18.59 -5.05
C LEU C 474 17.19 -19.53 -6.24
N GLN C 475 18.28 -19.45 -7.00
CA GLN C 475 18.47 -20.36 -8.13
C GLN C 475 18.75 -21.79 -7.67
N ARG C 476 19.35 -21.94 -6.48
CA ARG C 476 19.66 -23.24 -5.91
C ARG C 476 18.59 -23.72 -4.95
N ARG C 477 17.46 -23.02 -4.85
CA ARG C 477 16.33 -23.42 -4.01
C ARG C 477 16.66 -23.29 -2.53
N ILE C 478 17.30 -22.19 -2.13
CA ILE C 478 17.57 -21.87 -0.74
C ILE C 478 17.12 -20.43 -0.49
N ALA C 479 16.50 -20.20 0.67
CA ALA C 479 15.97 -18.88 1.03
C ALA C 479 16.84 -18.26 2.11
N VAL C 480 17.24 -17.00 1.90
CA VAL C 480 18.11 -16.29 2.83
C VAL C 480 17.57 -14.88 3.05
N VAL C 481 18.06 -14.24 4.12
CA VAL C 481 17.65 -12.90 4.51
C VAL C 481 18.91 -12.06 4.72
N VAL C 482 18.90 -10.83 4.18
CA VAL C 482 20.04 -9.94 4.26
C VAL C 482 19.60 -8.62 4.87
N VAL C 483 20.55 -7.91 5.48
CA VAL C 483 20.30 -6.59 6.05
C VAL C 483 21.37 -5.61 5.58
N ALA C 484 21.07 -4.32 5.69
CA ALA C 484 21.82 -3.29 5.00
C ALA C 484 22.04 -2.09 5.92
N TYR C 485 22.44 -0.96 5.31
CA TYR C 485 22.96 0.17 6.07
C TYR C 485 21.99 0.82 7.06
N PRO C 486 20.72 1.08 6.73
CA PRO C 486 19.88 1.77 7.72
C PRO C 486 19.71 1.01 9.03
N ALA C 487 19.97 -0.30 9.05
CA ALA C 487 19.86 -1.09 10.27
C ALA C 487 21.21 -1.46 10.88
N THR C 488 22.25 -1.62 10.06
CA THR C 488 23.58 -2.04 10.49
C THR C 488 24.61 -1.02 10.04
N PRO C 489 25.78 -0.96 10.70
CA PRO C 489 26.79 0.04 10.34
C PRO C 489 27.11 0.10 8.85
N LEU C 490 27.67 1.23 8.41
CA LEU C 490 27.87 1.46 6.98
C LEU C 490 28.81 0.42 6.37
N ILE C 491 29.90 0.09 7.07
CA ILE C 491 30.89 -0.80 6.51
C ILE C 491 30.37 -2.22 6.41
N GLU C 492 29.68 -2.70 7.44
CA GLU C 492 29.36 -4.11 7.59
C GLU C 492 27.94 -4.39 7.13
N SER C 493 27.80 -5.26 6.14
CA SER C 493 26.51 -5.82 5.75
C SER C 493 26.53 -7.31 6.07
N ARG C 494 25.36 -7.92 6.22
CA ARG C 494 25.35 -9.31 6.61
C ARG C 494 24.11 -10.03 6.13
N VAL C 495 24.23 -11.37 6.10
CA VAL C 495 23.15 -12.29 5.81
C VAL C 495 22.96 -13.17 7.04
N ARG C 496 21.71 -13.37 7.44
CA ARG C 496 21.38 -14.07 8.67
C ARG C 496 20.93 -15.49 8.38
N PHE C 497 21.50 -16.45 9.10
CA PHE C 497 21.05 -17.84 9.07
C PHE C 497 20.38 -18.15 10.40
N CYS C 498 19.14 -18.63 10.34
CA CYS C 498 18.37 -18.99 11.53
C CYS C 498 18.17 -20.50 11.50
N MET C 499 19.10 -21.22 12.12
CA MET C 499 19.03 -22.68 12.13
C MET C 499 17.82 -23.17 12.90
N SER C 500 17.23 -24.25 12.40
CA SER C 500 16.06 -24.88 12.99
C SER C 500 16.41 -26.25 13.54
N ALA C 501 15.48 -26.83 14.28
CA ALA C 501 15.66 -28.17 14.84
C ALA C 501 15.11 -29.26 13.94
N SER C 502 14.58 -28.90 12.78
CA SER C 502 14.02 -29.89 11.86
C SER C 502 14.97 -30.27 10.73
N LEU C 503 15.97 -29.45 10.44
CA LEU C 503 16.95 -29.78 9.42
C LEU C 503 17.82 -30.95 9.87
N THR C 504 18.30 -31.72 8.91
CA THR C 504 19.18 -32.86 9.16
C THR C 504 20.60 -32.52 8.73
N LYS C 505 21.49 -33.52 8.86
CA LYS C 505 22.90 -33.29 8.53
C LYS C 505 23.12 -33.22 7.03
N GLU C 506 22.41 -34.04 6.25
CA GLU C 506 22.62 -34.06 4.80
C GLU C 506 22.18 -32.75 4.16
N ASP C 507 21.12 -32.13 4.67
CA ASP C 507 20.74 -30.81 4.19
C ASP C 507 21.84 -29.80 4.44
N ILE C 508 22.50 -29.89 5.59
CA ILE C 508 23.60 -28.98 5.89
C ILE C 508 24.77 -29.23 4.95
N ASP C 509 25.03 -30.50 4.61
CA ASP C 509 26.10 -30.78 3.66
C ASP C 509 25.81 -30.18 2.29
N TYR C 510 24.57 -30.34 1.81
CA TYR C 510 24.16 -29.76 0.53
C TYR C 510 24.30 -28.25 0.54
N LEU C 511 23.84 -27.62 1.63
CA LEU C 511 23.99 -26.18 1.80
C LEU C 511 25.45 -25.77 1.77
N LEU C 512 26.31 -26.52 2.47
CA LEU C 512 27.72 -26.16 2.54
C LEU C 512 28.38 -26.22 1.17
N ARG C 513 28.07 -27.25 0.38
CA ARG C 513 28.63 -27.34 -0.96
C ARG C 513 28.22 -26.15 -1.81
N HIS C 514 26.92 -25.84 -1.83
CA HIS C 514 26.47 -24.73 -2.68
C HIS C 514 27.04 -23.40 -2.21
N VAL C 515 27.06 -23.17 -0.89
CA VAL C 515 27.58 -21.91 -0.37
C VAL C 515 29.06 -21.76 -0.66
N SER C 516 29.82 -22.85 -0.53
CA SER C 516 31.24 -22.80 -0.85
C SER C 516 31.46 -22.42 -2.31
N GLU C 517 30.69 -23.04 -3.22
CA GLU C 517 30.85 -22.72 -4.63
C GLU C 517 30.54 -21.25 -4.91
N VAL C 518 29.41 -20.75 -4.37
CA VAL C 518 29.02 -19.37 -4.63
C VAL C 518 30.03 -18.39 -4.04
N GLY C 519 30.48 -18.64 -2.80
CA GLY C 519 31.45 -17.76 -2.18
C GLY C 519 32.78 -17.76 -2.92
N ASP C 520 33.19 -18.92 -3.42
CA ASP C 520 34.41 -18.96 -4.22
C ASP C 520 34.27 -18.14 -5.49
N LYS C 521 33.10 -18.21 -6.14
CA LYS C 521 32.91 -17.39 -7.35
C LYS C 521 32.92 -15.91 -7.03
N LEU C 522 32.23 -15.50 -5.96
CA LEU C 522 32.04 -14.08 -5.65
C LEU C 522 33.20 -13.46 -4.86
N ASN C 523 34.22 -14.24 -4.51
CA ASN C 523 35.34 -13.75 -3.71
C ASN C 523 34.85 -13.21 -2.36
N LEU C 524 34.30 -14.13 -1.56
CA LEU C 524 33.72 -13.77 -0.27
C LEU C 524 34.54 -14.24 0.93
N LYS C 525 35.43 -15.21 0.76
CA LYS C 525 36.17 -15.79 1.87
C LYS C 525 37.44 -14.98 2.09
N SER C 526 37.50 -14.26 3.22
CA SER C 526 38.67 -13.46 3.56
C SER C 526 38.84 -13.53 5.07
N ASN C 527 39.69 -14.45 5.52
CA ASN C 527 39.89 -14.74 6.93
C ASN C 527 41.25 -14.19 7.37
N SER C 528 41.61 -14.48 8.62
CA SER C 528 42.90 -14.08 9.16
C SER C 528 43.29 -15.07 10.26
N GLY C 529 44.35 -14.74 10.99
CA GLY C 529 44.81 -15.60 12.06
C GLY C 529 44.06 -15.44 13.36
N LYS C 530 43.16 -14.46 13.46
CA LYS C 530 42.38 -14.26 14.68
C LYS C 530 41.12 -15.09 14.72
N SER C 531 40.84 -15.88 13.68
CA SER C 531 39.64 -16.70 13.63
C SER C 531 40.01 -18.18 13.67
N SER C 532 41.07 -18.52 14.40
CA SER C 532 41.52 -19.90 14.52
C SER C 532 42.24 -20.07 15.85
N TYR C 533 42.14 -21.27 16.41
CA TYR C 533 42.77 -21.53 17.70
C TYR C 533 44.28 -21.71 17.55
N ASP C 534 44.73 -22.28 16.43
CA ASP C 534 46.15 -22.38 16.16
C ASP C 534 46.77 -21.00 15.96
N GLY C 535 46.07 -20.11 15.27
CA GLY C 535 46.59 -18.80 14.94
C GLY C 535 47.07 -18.63 13.52
N LYS C 536 46.86 -19.63 12.66
CA LYS C 536 47.29 -19.58 11.27
C LYS C 536 46.10 -19.59 10.34
N ARG C 537 46.25 -18.96 9.18
CA ARG C 537 45.18 -18.91 8.19
C ARG C 537 44.84 -20.32 7.71
N GLN C 538 43.56 -20.59 7.52
CA GLN C 538 43.09 -21.90 7.09
C GLN C 538 42.17 -21.75 5.89
N ARG C 539 42.42 -22.57 4.85
CA ARG C 539 41.56 -22.64 3.67
C ARG C 539 41.46 -24.12 3.30
N TRP C 540 40.43 -24.79 3.80
CA TRP C 540 40.31 -26.23 3.71
C TRP C 540 39.53 -26.64 2.45
N ASP C 541 39.86 -27.83 1.95
CA ASP C 541 39.07 -28.44 0.90
C ASP C 541 37.69 -28.84 1.44
N ILE C 542 36.70 -28.85 0.55
CA ILE C 542 35.34 -29.14 0.99
C ILE C 542 35.21 -30.57 1.49
N GLU C 543 35.87 -31.53 0.81
CA GLU C 543 35.74 -32.93 1.20
C GLU C 543 36.29 -33.17 2.60
N GLU C 544 37.45 -32.58 2.91
CA GLU C 544 38.04 -32.75 4.23
C GLU C 544 37.12 -32.19 5.31
N VAL C 545 36.52 -31.02 5.07
CA VAL C 545 35.60 -30.43 6.04
C VAL C 545 34.42 -31.35 6.27
N ILE C 546 33.77 -31.78 5.18
CA ILE C 546 32.58 -32.62 5.31
C ILE C 546 32.93 -33.95 5.97
N ARG C 547 34.18 -34.40 5.83
CA ARG C 547 34.57 -35.70 6.37
C ARG C 547 34.95 -35.64 7.85
N ARG C 548 35.59 -34.56 8.31
CA ARG C 548 36.10 -34.57 9.68
C ARG C 548 35.45 -33.56 10.62
N THR C 549 34.63 -32.62 10.13
CA THR C 549 33.97 -31.68 11.04
C THR C 549 32.98 -32.32 12.00
N PRO C 550 32.09 -33.24 11.58
CA PRO C 550 31.05 -33.69 12.53
C PRO C 550 31.59 -34.30 13.81
N GLU C 551 32.74 -34.97 13.77
CA GLU C 551 33.30 -35.59 14.95
C GLU C 551 34.13 -34.64 15.81
N ASP C 552 34.39 -33.43 15.33
CA ASP C 552 35.22 -32.48 16.05
C ASP C 552 34.45 -31.28 16.59
N CYS C 553 33.21 -31.06 16.16
CA CYS C 553 32.42 -29.97 16.69
C CYS C 553 31.99 -30.21 18.13
N LYS C 554 32.02 -31.46 18.59
CA LYS C 554 31.61 -31.77 19.95
C LYS C 554 32.67 -31.39 20.97
N ASP C 555 33.91 -31.17 20.55
CA ASP C 555 34.95 -30.70 21.45
C ASP C 555 34.81 -29.20 21.67
N ASP C 556 35.28 -28.75 22.83
CA ASP C 556 35.13 -27.36 23.23
C ASP C 556 36.41 -26.54 23.05
N LYS C 557 37.47 -27.14 22.52
CA LYS C 557 38.73 -26.44 22.36
C LYS C 557 38.92 -25.81 20.98
N TYR C 558 38.06 -26.13 20.02
CA TYR C 558 38.21 -25.63 18.66
C TYR C 558 37.52 -24.29 18.44
N PHE C 559 36.74 -23.81 19.39
CA PHE C 559 35.97 -22.58 19.23
C PHE C 559 36.70 -21.43 19.91
N VAL C 560 37.11 -20.44 19.12
CA VAL C 560 37.83 -19.29 19.68
C VAL C 560 36.90 -18.44 20.54
N ASN C 561 35.65 -18.31 20.13
CA ASN C 561 34.68 -17.48 20.84
C ASN C 561 33.36 -18.21 21.03
N GLN D 3 11.05 -43.02 5.44
CA GLN D 3 12.07 -42.09 5.95
C GLN D 3 13.07 -41.74 4.86
N HIS D 4 12.66 -41.90 3.60
CA HIS D 4 13.53 -41.60 2.48
C HIS D 4 12.82 -40.85 1.36
N LYS D 5 11.62 -40.35 1.59
CA LYS D 5 10.85 -39.68 0.56
C LYS D 5 10.44 -38.30 1.04
N SER D 6 10.44 -37.33 0.12
CA SER D 6 10.02 -35.97 0.39
C SER D 6 9.41 -35.41 -0.90
N SER D 7 9.27 -34.10 -0.96
CA SER D 7 8.66 -33.46 -2.13
C SER D 7 9.52 -32.33 -2.69
N MET D 8 10.84 -32.40 -2.53
CA MET D 8 11.73 -31.38 -3.04
C MET D 8 12.51 -31.90 -4.24
N VAL D 9 12.89 -30.98 -5.13
CA VAL D 9 13.74 -31.27 -6.27
C VAL D 9 15.10 -30.63 -6.03
N TYR D 10 16.15 -31.40 -6.24
CA TYR D 10 17.52 -30.97 -5.93
C TYR D 10 18.20 -30.45 -7.19
N ILE D 11 18.89 -29.33 -7.06
CA ILE D 11 19.59 -28.69 -8.17
C ILE D 11 21.06 -29.08 -8.08
N PRO D 12 21.61 -29.80 -9.05
CA PRO D 12 23.01 -30.19 -8.98
C PRO D 12 23.94 -28.99 -9.16
N THR D 13 25.13 -29.09 -8.58
CA THR D 13 26.13 -28.05 -8.69
C THR D 13 26.72 -28.04 -10.10
N THR D 14 27.40 -26.94 -10.43
CA THR D 14 27.89 -26.77 -11.80
C THR D 14 29.04 -27.74 -12.11
N LYS D 15 29.85 -28.10 -11.12
CA LYS D 15 30.95 -29.04 -11.36
C LYS D 15 30.41 -30.39 -11.79
N GLU D 16 29.40 -30.90 -11.09
CA GLU D 16 28.83 -32.19 -11.45
C GLU D 16 28.10 -32.13 -12.79
N ALA D 17 27.46 -31.01 -13.10
CA ALA D 17 26.82 -30.86 -14.40
C ALA D 17 27.85 -30.90 -15.52
N LYS D 18 28.96 -30.20 -15.35
CA LYS D 18 30.01 -30.23 -16.37
C LYS D 18 30.61 -31.62 -16.50
N ARG D 19 30.81 -32.32 -15.37
CA ARG D 19 31.35 -33.67 -15.42
C ARG D 19 30.40 -34.62 -16.15
N ARG D 20 29.09 -34.49 -15.88
CA ARG D 20 28.11 -35.33 -16.56
C ARG D 20 28.07 -35.03 -18.05
N ASN D 21 28.16 -33.76 -18.43
CA ASN D 21 28.17 -33.40 -19.84
C ASN D 21 29.47 -33.74 -20.53
N GLY D 22 30.51 -34.11 -19.78
CA GLY D 22 31.79 -34.46 -20.38
C GLY D 22 32.49 -33.30 -21.05
N LYS D 23 32.47 -32.12 -20.43
CA LYS D 23 33.11 -30.93 -20.97
C LYS D 23 34.31 -30.52 -20.13
N SER D 24 35.09 -31.49 -19.67
CA SER D 24 36.24 -31.24 -18.80
C SER D 24 37.54 -31.08 -19.57
N GLU D 25 37.52 -31.08 -20.90
CA GLU D 25 38.74 -30.87 -21.65
C GLU D 25 39.31 -29.50 -21.37
N GLY D 26 40.63 -29.42 -21.19
CA GLY D 26 41.24 -28.21 -20.68
C GLY D 26 41.52 -27.14 -21.72
N ILE D 27 41.64 -27.51 -22.99
CA ILE D 27 42.16 -26.60 -24.01
C ILE D 27 41.29 -25.36 -24.12
N LEU D 28 39.97 -25.51 -24.08
CA LEU D 28 39.06 -24.38 -24.14
C LEU D 28 38.52 -24.00 -22.76
N ASN D 29 38.44 -24.96 -21.85
CA ASN D 29 37.94 -24.66 -20.51
C ASN D 29 38.87 -23.71 -19.77
N THR D 30 40.17 -23.80 -19.98
CA THR D 30 41.10 -22.87 -19.34
C THR D 30 40.79 -21.43 -19.77
N ILE D 31 40.63 -21.22 -21.08
CA ILE D 31 40.33 -19.87 -21.57
C ILE D 31 38.98 -19.39 -21.06
N GLU D 32 37.98 -20.28 -21.08
CA GLU D 32 36.65 -19.89 -20.60
C GLU D 32 36.70 -19.48 -19.14
N GLU D 33 37.38 -20.27 -18.30
CA GLU D 33 37.47 -19.96 -16.89
C GLU D 33 38.23 -18.66 -16.64
N VAL D 34 39.32 -18.43 -17.37
CA VAL D 34 40.07 -17.19 -17.19
C VAL D 34 39.19 -16.00 -17.54
N VAL D 35 38.50 -16.06 -18.68
CA VAL D 35 37.66 -14.94 -19.11
C VAL D 35 36.55 -14.70 -18.10
N GLU D 36 35.88 -15.77 -17.65
CA GLU D 36 34.78 -15.61 -16.70
C GLU D 36 35.26 -15.03 -15.37
N LYS D 37 36.41 -15.51 -14.88
CA LYS D 37 36.94 -15.00 -13.62
C LYS D 37 37.28 -13.52 -13.73
N LEU D 38 37.93 -13.12 -14.82
CA LEU D 38 38.27 -11.70 -14.99
C LEU D 38 37.00 -10.86 -15.07
N TYR D 39 36.00 -11.32 -15.82
CA TYR D 39 34.77 -10.55 -15.95
C TYR D 39 34.07 -10.37 -14.61
N TRP D 40 33.97 -11.45 -13.83
CA TRP D 40 33.29 -11.33 -12.54
C TRP D 40 34.08 -10.48 -11.56
N THR D 41 35.41 -10.59 -11.58
CA THR D 41 36.23 -9.75 -10.70
C THR D 41 36.05 -8.28 -11.03
N TYR D 42 35.99 -7.94 -12.32
CA TYR D 42 35.74 -6.55 -12.70
C TYR D 42 34.33 -6.12 -12.32
N TYR D 43 33.34 -6.98 -12.52
CA TYR D 43 31.96 -6.57 -12.38
C TYR D 43 31.51 -6.40 -10.93
N ILE D 44 31.91 -7.31 -10.04
CA ILE D 44 31.33 -7.35 -8.70
C ILE D 44 31.75 -6.13 -7.88
N HIS D 45 33.04 -5.76 -7.95
CA HIS D 45 33.56 -4.74 -7.05
C HIS D 45 33.03 -3.35 -7.36
N LEU D 46 32.59 -3.12 -8.59
CA LEU D 46 32.00 -1.83 -8.94
C LEU D 46 30.49 -1.85 -8.74
N PRO D 47 29.87 -0.70 -8.45
CA PRO D 47 28.44 -0.69 -8.10
C PRO D 47 27.53 -0.67 -9.33
N PHE D 48 27.49 -1.79 -10.05
CA PHE D 48 26.70 -1.86 -11.27
C PHE D 48 25.33 -2.47 -11.07
N TYR D 49 25.11 -3.23 -9.99
CA TYR D 49 23.81 -3.83 -9.76
C TYR D 49 22.79 -2.82 -9.28
N LEU D 50 23.24 -1.73 -8.65
CA LEU D 50 22.34 -0.73 -8.08
C LEU D 50 22.05 0.42 -9.03
N MET D 51 22.72 0.48 -10.18
CA MET D 51 22.58 1.58 -11.12
C MET D 51 21.50 1.26 -12.16
N ALA D 52 21.38 2.15 -13.14
CA ALA D 52 20.49 1.96 -14.28
C ALA D 52 21.32 1.76 -15.54
N SER D 53 20.64 1.34 -16.61
CA SER D 53 21.34 1.02 -17.86
C SER D 53 21.98 2.25 -18.48
N PHE D 54 21.26 3.38 -18.49
CA PHE D 54 21.77 4.58 -19.13
C PHE D 54 23.05 5.08 -18.45
N ASP D 55 23.08 5.04 -17.12
CA ASP D 55 24.27 5.48 -16.39
C ASP D 55 25.39 4.44 -16.47
N SER D 56 25.03 3.15 -16.44
CA SER D 56 26.03 2.10 -16.52
C SER D 56 26.75 2.13 -17.86
N PHE D 57 26.06 2.47 -18.94
CA PHE D 57 26.71 2.58 -20.23
C PHE D 57 27.82 3.63 -20.21
N PHE D 58 27.52 4.81 -19.65
CA PHE D 58 28.50 5.87 -19.59
C PHE D 58 29.65 5.51 -18.65
N LEU D 59 29.35 4.82 -17.55
CA LEU D 59 30.43 4.41 -16.64
C LEU D 59 31.36 3.41 -17.32
N HIS D 60 30.79 2.45 -18.06
CA HIS D 60 31.59 1.50 -18.82
C HIS D 60 32.48 2.22 -19.82
N VAL D 61 31.90 3.19 -20.54
CA VAL D 61 32.67 3.93 -21.55
C VAL D 61 33.81 4.70 -20.89
N PHE D 62 33.54 5.33 -19.74
CA PHE D 62 34.57 6.10 -19.05
C PHE D 62 35.70 5.20 -18.60
N PHE D 63 35.38 4.05 -18.01
CA PHE D 63 36.43 3.14 -17.56
C PHE D 63 37.25 2.60 -18.73
N LEU D 64 36.58 2.26 -19.83
CA LEU D 64 37.29 1.77 -21.01
C LEU D 64 38.23 2.85 -21.55
N THR D 65 37.75 4.09 -21.62
CA THR D 65 38.59 5.17 -22.13
C THR D 65 39.81 5.39 -21.24
N ILE D 66 39.61 5.39 -19.91
CA ILE D 66 40.75 5.58 -19.01
C ILE D 66 41.76 4.46 -19.17
N PHE D 67 41.30 3.21 -19.22
CA PHE D 67 42.23 2.09 -19.33
C PHE D 67 42.99 2.15 -20.66
N SER D 68 42.28 2.40 -21.76
CA SER D 68 42.93 2.45 -23.06
C SER D 68 43.93 3.59 -23.15
N LEU D 69 43.59 4.76 -22.60
CA LEU D 69 44.52 5.88 -22.66
C LEU D 69 45.74 5.65 -21.79
N SER D 70 45.55 5.03 -20.62
CA SER D 70 46.70 4.77 -19.75
C SER D 70 47.57 3.65 -20.29
N PHE D 71 47.00 2.77 -21.12
CA PHE D 71 47.78 1.66 -21.68
C PHE D 71 48.93 2.17 -22.53
N THR E 2 -37.76 17.54 -22.51
CA THR E 2 -36.85 17.49 -23.65
C THR E 2 -36.86 18.80 -24.41
N GLY E 3 -35.76 19.54 -24.34
CA GLY E 3 -35.64 20.82 -24.99
C GLY E 3 -34.26 21.41 -24.79
N PRO E 4 -34.04 22.60 -25.33
CA PRO E 4 -32.73 23.25 -25.19
C PRO E 4 -32.40 23.51 -23.72
N ILE E 5 -31.11 23.42 -23.40
CA ILE E 5 -30.63 23.57 -22.04
C ILE E 5 -29.81 24.85 -21.95
N VAL E 6 -29.76 25.43 -20.76
CA VAL E 6 -28.92 26.59 -20.48
C VAL E 6 -28.00 26.24 -19.33
N TYR E 7 -26.69 26.43 -19.54
CA TYR E 7 -25.72 26.11 -18.50
C TYR E 7 -24.86 27.33 -18.21
N VAL E 8 -24.42 27.42 -16.95
CA VAL E 8 -23.61 28.53 -16.47
C VAL E 8 -22.36 27.98 -15.81
N GLN E 9 -21.19 28.38 -16.32
CA GLN E 9 -19.92 28.04 -15.71
C GLN E 9 -19.61 28.99 -14.58
N ASN E 10 -19.02 28.49 -13.50
CA ASN E 10 -18.67 29.31 -12.35
C ASN E 10 -17.58 28.62 -11.56
N ALA E 11 -16.92 29.38 -10.69
CA ALA E 11 -15.81 28.86 -9.92
C ALA E 11 -16.21 27.71 -9.00
N ASP E 12 -17.50 27.57 -8.70
CA ASP E 12 -17.98 26.48 -7.86
C ASP E 12 -18.60 25.33 -8.67
N GLY E 13 -18.53 25.39 -9.99
CA GLY E 13 -19.02 24.30 -10.81
C GLY E 13 -19.89 24.81 -11.94
N ILE E 14 -20.69 23.91 -12.50
CA ILE E 14 -21.58 24.25 -13.61
C ILE E 14 -23.00 23.84 -13.27
N PHE E 15 -23.94 24.72 -13.60
CA PHE E 15 -25.37 24.53 -13.35
C PHE E 15 -26.11 24.43 -14.67
N PHE E 16 -26.99 23.44 -14.77
CA PHE E 16 -27.81 23.19 -15.95
C PHE E 16 -29.27 23.41 -15.60
N LYS E 17 -29.97 24.15 -16.45
CA LYS E 17 -31.38 24.49 -16.28
C LYS E 17 -32.11 24.30 -17.59
N LEU E 18 -33.42 24.00 -17.49
CA LEU E 18 -34.23 23.81 -18.68
C LEU E 18 -34.65 25.17 -19.24
N ALA E 19 -34.18 25.49 -20.45
CA ALA E 19 -34.40 26.82 -21.01
C ALA E 19 -35.89 27.09 -21.25
N GLU E 20 -36.58 26.13 -21.85
CA GLU E 20 -38.00 26.27 -22.16
C GLU E 20 -38.82 25.43 -21.20
N GLY E 21 -39.73 26.07 -20.48
CA GLY E 21 -40.53 25.37 -19.50
C GLY E 21 -41.78 26.13 -19.08
N LYS E 22 -42.11 26.05 -17.79
CA LYS E 22 -43.33 26.68 -17.28
C LYS E 22 -42.99 27.85 -16.37
N GLY E 23 -41.74 27.89 -15.89
CA GLY E 23 -41.35 28.89 -14.92
C GLY E 23 -41.67 28.54 -13.49
N THR E 24 -42.30 27.40 -13.25
CA THR E 24 -42.61 26.94 -11.90
C THR E 24 -41.34 26.29 -11.35
N ASN E 25 -41.43 25.64 -10.18
CA ASN E 25 -40.25 25.02 -9.59
C ASN E 25 -39.70 23.93 -10.49
N ASP E 26 -38.53 24.19 -11.07
CA ASP E 26 -37.88 23.27 -11.99
C ASP E 26 -36.50 22.91 -11.45
N ALA E 27 -36.13 21.65 -11.60
CA ALA E 27 -34.87 21.16 -11.06
C ALA E 27 -33.68 21.83 -11.75
N VAL E 28 -32.62 22.04 -10.99
CA VAL E 28 -31.37 22.57 -11.51
C VAL E 28 -30.27 21.57 -11.19
N ILE E 29 -29.53 21.13 -12.20
CA ILE E 29 -28.52 20.09 -12.00
C ILE E 29 -27.17 20.76 -11.80
N HIS E 30 -26.49 20.40 -10.72
CA HIS E 30 -25.23 21.01 -10.33
C HIS E 30 -24.12 19.97 -10.39
N LEU E 31 -23.01 20.31 -11.05
CA LEU E 31 -21.82 19.47 -11.06
C LEU E 31 -20.85 20.03 -10.02
N ALA E 32 -20.68 19.30 -8.92
CA ALA E 32 -19.87 19.79 -7.81
C ALA E 32 -18.40 19.88 -8.20
N ASN E 33 -17.70 20.84 -7.60
CA ASN E 33 -16.28 21.04 -7.86
C ASN E 33 -15.38 20.45 -6.79
N GLN E 34 -15.84 20.39 -5.54
CA GLN E 34 -14.99 19.89 -4.47
C GLN E 34 -14.81 18.39 -4.56
N ASP E 35 -15.89 17.65 -4.79
CA ASP E 35 -15.85 16.19 -4.81
C ASP E 35 -16.24 15.59 -6.15
N GLN E 36 -16.49 16.41 -7.17
CA GLN E 36 -16.85 15.95 -8.52
C GLN E 36 -18.07 15.04 -8.46
N GLY E 37 -19.20 15.61 -8.04
CA GLY E 37 -20.44 14.88 -7.96
C GLY E 37 -21.56 15.61 -8.66
N VAL E 38 -22.63 14.86 -8.92
CA VAL E 38 -23.81 15.38 -9.60
C VAL E 38 -24.93 15.45 -8.57
N ARG E 39 -25.55 16.62 -8.43
CA ARG E 39 -26.62 16.83 -7.48
C ARG E 39 -27.77 17.59 -8.13
N VAL E 40 -28.95 17.48 -7.51
CA VAL E 40 -30.16 18.13 -7.99
C VAL E 40 -30.59 19.16 -6.95
N LEU E 41 -30.91 20.37 -7.39
CA LEU E 41 -31.24 21.48 -6.51
C LEU E 41 -32.51 22.17 -7.00
N GLY E 42 -33.00 23.10 -6.20
CA GLY E 42 -34.19 23.86 -6.51
C GLY E 42 -33.90 25.01 -7.45
N ALA E 43 -34.93 25.81 -7.71
CA ALA E 43 -34.82 26.87 -8.70
C ALA E 43 -34.00 28.05 -8.21
N GLU E 44 -34.05 28.33 -6.90
CA GLU E 44 -33.46 29.55 -6.36
C GLU E 44 -31.93 29.54 -6.35
N GLU E 45 -31.30 28.38 -6.55
CA GLU E 45 -29.85 28.29 -6.45
C GLU E 45 -29.13 28.67 -7.74
N PHE E 46 -29.85 29.01 -8.79
CA PHE E 46 -29.21 29.38 -10.05
C PHE E 46 -28.45 30.68 -9.87
N PRO E 47 -27.18 30.75 -10.26
CA PRO E 47 -26.42 32.00 -10.11
C PRO E 47 -26.99 33.10 -10.99
N VAL E 48 -26.80 34.34 -10.54
CA VAL E 48 -27.36 35.51 -11.20
C VAL E 48 -26.31 36.27 -12.00
N GLN E 49 -25.14 36.52 -11.40
CA GLN E 49 -24.14 37.36 -12.02
C GLN E 49 -23.40 36.68 -13.17
N GLY E 50 -23.54 35.37 -13.32
CA GLY E 50 -22.81 34.65 -14.36
C GLY E 50 -23.42 34.85 -15.74
N GLU E 51 -22.71 34.31 -16.73
CA GLU E 51 -23.16 34.35 -18.12
C GLU E 51 -23.79 33.03 -18.52
N VAL E 52 -24.96 33.10 -19.16
CA VAL E 52 -25.70 31.91 -19.56
C VAL E 52 -25.27 31.51 -20.96
N VAL E 53 -25.12 30.20 -21.16
CA VAL E 53 -24.75 29.65 -22.47
C VAL E 53 -25.79 28.60 -22.85
N LYS E 54 -26.31 28.70 -24.07
CA LYS E 54 -27.34 27.78 -24.57
C LYS E 54 -26.69 26.59 -25.26
N ILE E 55 -27.23 25.41 -25.02
CA ILE E 55 -26.80 24.18 -25.65
C ILE E 55 -28.02 23.41 -26.13
N ALA E 56 -27.86 22.71 -27.26
CA ALA E 56 -28.99 22.02 -27.87
C ALA E 56 -29.48 20.86 -27.00
N SER E 57 -28.56 20.05 -26.50
CA SER E 57 -28.94 18.94 -25.64
C SER E 57 -27.73 18.49 -24.84
N LEU E 58 -28.00 17.77 -23.75
CA LEU E 58 -26.98 17.25 -22.86
C LEU E 58 -26.85 15.75 -23.08
N MET E 59 -25.62 15.28 -23.25
CA MET E 59 -25.38 13.87 -23.52
C MET E 59 -25.17 13.07 -22.23
N GLY E 60 -24.27 13.53 -21.36
CA GLY E 60 -24.08 12.85 -20.09
C GLY E 60 -22.78 13.25 -19.45
N PHE E 61 -22.45 12.50 -18.39
CA PHE E 61 -21.23 12.68 -17.62
C PHE E 61 -20.45 11.37 -17.61
N ILE E 62 -19.13 11.47 -17.72
CA ILE E 62 -18.26 10.29 -17.72
C ILE E 62 -17.15 10.49 -16.70
N LYS E 63 -16.83 9.42 -15.97
CA LYS E 63 -15.84 9.47 -14.90
C LYS E 63 -14.57 8.76 -15.36
N LEU E 64 -13.48 9.51 -15.46
CA LEU E 64 -12.19 8.97 -15.84
C LEU E 64 -11.41 8.58 -14.58
N LYS E 65 -10.11 8.37 -14.70
CA LYS E 65 -9.30 7.92 -13.58
C LYS E 65 -9.33 8.93 -12.43
N LEU E 66 -9.23 10.22 -12.74
CA LEU E 66 -9.11 11.25 -11.73
C LEU E 66 -10.34 12.13 -11.61
N ASN E 67 -10.78 12.75 -12.70
CA ASN E 67 -11.85 13.73 -12.67
C ASN E 67 -13.10 13.21 -13.38
N ARG E 68 -14.10 14.07 -13.48
CA ARG E 68 -15.35 13.76 -14.15
C ARG E 68 -15.63 14.84 -15.18
N TYR E 69 -16.07 14.43 -16.37
CA TYR E 69 -16.27 15.34 -17.50
C TYR E 69 -17.72 15.29 -17.96
N ALA E 70 -18.17 16.40 -18.55
CA ALA E 70 -19.50 16.49 -19.13
C ALA E 70 -19.37 16.60 -20.65
N ILE E 71 -20.15 15.81 -21.37
CA ILE E 71 -20.11 15.79 -22.83
C ILE E 71 -21.35 16.50 -23.34
N ILE E 72 -21.15 17.53 -24.16
CA ILE E 72 -22.21 18.45 -24.54
C ILE E 72 -22.29 18.56 -26.05
N ALA E 73 -23.50 18.63 -26.58
CA ALA E 73 -23.75 18.91 -27.99
C ALA E 73 -24.25 20.34 -28.13
N ASN E 74 -23.51 21.17 -28.87
CA ASN E 74 -23.79 22.60 -28.90
C ASN E 74 -24.92 22.93 -29.89
N THR E 75 -24.71 22.64 -31.16
CA THR E 75 -25.66 23.03 -32.21
C THR E 75 -26.09 21.80 -33.01
N VAL E 76 -27.26 21.91 -33.63
CA VAL E 76 -27.84 20.84 -34.42
C VAL E 76 -28.29 21.39 -35.76
N GLU E 77 -28.49 20.49 -36.72
CA GLU E 77 -28.93 20.85 -38.06
C GLU E 77 -30.07 19.95 -38.49
N GLU E 78 -31.08 20.55 -39.13
CA GLU E 78 -32.23 19.78 -39.60
C GLU E 78 -31.86 18.93 -40.80
N THR E 79 -32.39 17.70 -40.83
CA THR E 79 -32.18 16.79 -41.95
C THR E 79 -33.47 16.42 -42.65
N GLY E 80 -34.49 15.97 -41.92
CA GLY E 80 -35.73 15.55 -42.54
C GLY E 80 -36.91 15.83 -41.63
N ARG E 81 -38.06 16.04 -42.27
CA ARG E 81 -39.32 16.32 -41.58
C ARG E 81 -40.36 15.31 -42.03
N PHE E 82 -40.97 14.62 -41.06
CA PHE E 82 -41.93 13.55 -41.35
C PHE E 82 -43.13 13.71 -40.44
N ASN E 83 -44.30 13.96 -41.03
CA ASN E 83 -45.57 14.04 -40.30
C ASN E 83 -45.49 15.07 -39.17
N GLY E 84 -44.84 16.20 -39.44
CA GLY E 84 -44.65 17.24 -38.46
C GLY E 84 -43.42 17.07 -37.60
N HIS E 85 -43.00 15.83 -37.34
CA HIS E 85 -41.80 15.59 -36.56
C HIS E 85 -40.56 16.06 -37.32
N VAL E 86 -39.53 16.43 -36.57
CA VAL E 86 -38.30 16.96 -37.13
C VAL E 86 -37.13 16.11 -36.67
N PHE E 87 -36.25 15.76 -37.60
CA PHE E 87 -35.04 15.00 -37.32
C PHE E 87 -33.83 15.93 -37.32
N TYR E 88 -32.89 15.67 -36.42
CA TYR E 88 -31.75 16.55 -36.21
C TYR E 88 -30.45 15.76 -36.27
N ARG E 89 -29.38 16.47 -36.58
CA ARG E 89 -28.02 15.91 -36.61
C ARG E 89 -27.10 16.81 -35.82
N VAL E 90 -26.28 16.20 -34.96
CA VAL E 90 -25.35 16.95 -34.12
C VAL E 90 -24.19 17.44 -34.98
N LEU E 91 -23.86 18.72 -34.84
CA LEU E 91 -22.79 19.36 -35.62
C LEU E 91 -21.55 19.68 -34.81
N GLN E 92 -21.69 20.17 -33.58
CA GLN E 92 -20.55 20.56 -32.76
C GLN E 92 -20.63 19.90 -31.40
N HIS E 93 -19.47 19.49 -30.88
CA HIS E 93 -19.38 18.80 -29.61
C HIS E 93 -18.40 19.53 -28.70
N SER E 94 -18.52 19.26 -27.40
CA SER E 94 -17.63 19.90 -26.43
C SER E 94 -17.51 19.02 -25.19
N ILE E 95 -16.40 19.20 -24.48
CA ILE E 95 -16.13 18.52 -23.23
C ILE E 95 -15.86 19.59 -22.17
N VAL E 96 -16.56 19.49 -21.04
CA VAL E 96 -16.49 20.51 -19.99
C VAL E 96 -16.03 19.85 -18.70
N SER E 97 -15.07 20.48 -18.02
CA SER E 97 -14.57 20.02 -16.74
C SER E 97 -14.63 21.16 -15.73
N THR E 98 -14.83 20.80 -14.46
CA THR E 98 -14.98 21.82 -13.43
C THR E 98 -13.71 22.64 -13.23
N LYS E 99 -12.55 21.97 -13.22
CA LYS E 99 -11.30 22.67 -12.92
C LYS E 99 -10.93 23.61 -14.06
N PHE E 100 -10.58 24.85 -13.70
CA PHE E 100 -10.16 25.82 -14.71
C PHE E 100 -8.83 25.42 -15.33
N ASN E 101 -7.84 25.13 -14.49
CA ASN E 101 -6.53 24.69 -14.96
C ASN E 101 -5.80 23.98 -13.83
N SER E 102 -5.09 22.92 -14.18
CA SER E 102 -4.33 22.13 -13.21
C SER E 102 -3.39 21.20 -13.94
N ARG E 103 -2.70 20.36 -13.18
CA ARG E 103 -1.80 19.37 -13.75
C ARG E 103 -2.45 18.00 -13.78
N ILE E 104 -2.34 17.33 -14.92
CA ILE E 104 -2.90 16.00 -15.12
C ILE E 104 -1.81 15.09 -15.66
N ASP E 105 -1.92 13.81 -15.31
CA ASP E 105 -0.93 12.82 -15.74
C ASP E 105 -1.10 12.52 -17.24
N SER E 106 -0.18 11.72 -17.77
CA SER E 106 -0.24 11.37 -19.18
C SER E 106 -1.43 10.46 -19.49
N GLU E 107 -1.82 9.61 -18.54
CA GLU E 107 -2.94 8.71 -18.76
C GLU E 107 -4.23 9.49 -18.97
N GLU E 108 -4.44 10.55 -18.18
CA GLU E 108 -5.62 11.39 -18.36
C GLU E 108 -5.63 12.04 -19.74
N ALA E 109 -4.48 12.53 -20.20
CA ALA E 109 -4.40 13.13 -21.53
C ALA E 109 -4.72 12.10 -22.60
N GLU E 110 -4.22 10.87 -22.44
CA GLU E 110 -4.52 9.83 -23.41
C GLU E 110 -6.01 9.51 -23.45
N TYR E 111 -6.65 9.44 -22.28
CA TYR E 111 -8.09 9.17 -22.25
C TYR E 111 -8.87 10.29 -22.92
N ILE E 112 -8.48 11.55 -22.66
CA ILE E 112 -9.15 12.67 -23.31
C ILE E 112 -8.97 12.60 -24.82
N LYS E 113 -7.77 12.22 -25.27
CA LYS E 113 -7.51 12.11 -26.70
C LYS E 113 -8.39 11.01 -27.33
N LEU E 114 -8.54 9.89 -26.64
CA LEU E 114 -9.39 8.82 -27.17
C LEU E 114 -10.84 9.27 -27.26
N LEU E 115 -11.34 9.96 -26.23
CA LEU E 115 -12.71 10.45 -26.27
C LEU E 115 -12.92 11.44 -27.41
N GLU E 116 -11.96 12.36 -27.60
CA GLU E 116 -12.07 13.32 -28.69
C GLU E 116 -12.04 12.62 -30.05
N LEU E 117 -11.18 11.61 -30.18
CA LEU E 117 -11.11 10.87 -31.44
C LEU E 117 -12.43 10.19 -31.75
N HIS E 118 -13.06 9.58 -30.74
CA HIS E 118 -14.35 8.96 -30.99
C HIS E 118 -15.41 10.00 -31.36
N LEU E 119 -15.43 11.13 -30.65
CA LEU E 119 -16.45 12.14 -30.93
C LEU E 119 -16.26 12.76 -32.31
N LYS E 120 -15.03 12.79 -32.81
CA LYS E 120 -14.77 13.43 -34.10
C LYS E 120 -15.35 12.63 -35.26
N ASN E 121 -15.20 11.31 -35.24
CA ASN E 121 -15.53 10.46 -36.38
C ASN E 121 -16.89 9.79 -36.23
N SER E 122 -17.87 10.48 -35.67
CA SER E 122 -19.17 9.89 -35.41
C SER E 122 -20.28 10.81 -35.90
N THR E 123 -21.41 10.19 -36.25
CA THR E 123 -22.59 10.92 -36.73
C THR E 123 -23.80 10.45 -35.92
N PHE E 124 -24.34 11.33 -35.10
CA PHE E 124 -25.47 11.02 -34.23
C PHE E 124 -26.73 11.70 -34.75
N TYR E 125 -27.87 11.06 -34.52
CA TYR E 125 -29.16 11.61 -34.89
C TYR E 125 -30.14 11.42 -33.74
N PHE E 126 -31.05 12.38 -33.60
CA PHE E 126 -32.07 12.32 -32.56
C PHE E 126 -33.21 13.25 -32.93
N SER E 127 -34.35 13.06 -32.25
CA SER E 127 -35.52 13.90 -32.45
C SER E 127 -36.17 14.18 -31.11
N TYR E 128 -36.66 15.41 -30.93
CA TYR E 128 -37.26 15.79 -29.66
C TYR E 128 -38.55 15.03 -29.40
N THR E 129 -39.40 14.89 -30.42
CA THR E 129 -40.71 14.28 -30.27
C THR E 129 -40.71 12.80 -30.66
N TYR E 130 -40.31 12.50 -31.89
CA TYR E 130 -40.33 11.13 -32.37
C TYR E 130 -39.19 10.33 -31.76
N ASP E 131 -39.46 9.07 -31.46
CA ASP E 131 -38.47 8.16 -30.89
C ASP E 131 -37.86 7.33 -32.01
N LEU E 132 -36.54 7.44 -32.17
CA LEU E 132 -35.85 6.75 -33.26
C LEU E 132 -35.27 5.41 -32.85
N THR E 133 -35.14 5.13 -31.56
CA THR E 133 -34.59 3.85 -31.12
C THR E 133 -35.51 2.67 -31.42
N ASN E 134 -36.76 2.93 -31.80
CA ASN E 134 -37.72 1.90 -32.13
C ASN E 134 -38.11 2.00 -33.60
N SER E 135 -39.04 1.15 -34.00
CA SER E 135 -39.65 1.17 -35.33
C SER E 135 -41.13 1.47 -35.18
N LEU E 136 -41.87 1.38 -36.28
CA LEU E 136 -43.29 1.71 -36.23
C LEU E 136 -44.09 0.67 -35.46
N GLN E 137 -43.68 -0.61 -35.50
CA GLN E 137 -44.40 -1.63 -34.74
C GLN E 137 -44.31 -1.36 -33.24
N ARG E 138 -43.09 -1.16 -32.73
CA ARG E 138 -42.92 -0.94 -31.31
C ARG E 138 -43.56 0.37 -30.87
N ASN E 139 -43.52 1.39 -31.73
CA ASN E 139 -44.19 2.65 -31.42
C ASN E 139 -45.70 2.46 -31.36
N GLU E 140 -46.26 1.64 -32.25
CA GLU E 140 -47.69 1.43 -32.26
C GLU E 140 -48.14 0.60 -31.06
N LYS E 141 -47.35 -0.38 -30.65
CA LYS E 141 -47.70 -1.20 -29.50
C LYS E 141 -47.56 -0.47 -28.17
N VAL E 142 -46.98 0.73 -28.17
CA VAL E 142 -46.82 1.54 -26.97
C VAL E 142 -47.61 2.83 -27.19
N GLY E 143 -47.95 3.49 -26.09
CA GLY E 143 -48.66 4.76 -26.15
C GLY E 143 -47.95 5.80 -26.98
N PRO E 144 -48.65 6.89 -27.31
CA PRO E 144 -48.09 7.90 -28.22
C PRO E 144 -47.14 8.87 -27.58
N ALA E 145 -46.65 8.60 -26.37
CA ALA E 145 -45.68 9.47 -25.69
C ALA E 145 -44.27 8.97 -25.93
N ALA E 146 -43.31 9.84 -25.65
CA ALA E 146 -41.90 9.55 -25.82
C ALA E 146 -41.18 9.68 -24.48
N SER E 147 -40.44 8.65 -24.09
CA SER E 147 -39.70 8.66 -22.85
C SER E 147 -38.56 7.67 -22.94
N TRP E 148 -37.59 7.82 -22.02
CA TRP E 148 -36.45 6.91 -22.00
C TRP E 148 -36.81 5.54 -21.46
N LYS E 149 -37.88 5.42 -20.69
CA LYS E 149 -38.25 4.13 -20.11
C LYS E 149 -38.64 3.13 -21.21
N THR E 150 -39.36 3.60 -22.23
CA THR E 150 -39.84 2.75 -23.31
C THR E 150 -38.85 2.61 -24.45
N ALA E 151 -37.67 3.21 -24.34
CA ALA E 151 -36.69 3.13 -25.40
C ALA E 151 -36.10 1.72 -25.48
N ASP E 152 -35.55 1.39 -26.66
CA ASP E 152 -34.95 0.09 -26.89
C ASP E 152 -33.49 0.13 -26.45
N GLU E 153 -33.13 -0.76 -25.52
CA GLU E 153 -31.79 -0.74 -24.96
C GLU E 153 -30.72 -1.13 -25.98
N ARG E 154 -31.10 -1.75 -27.10
CA ARG E 154 -30.11 -2.23 -28.05
C ARG E 154 -29.51 -1.11 -28.88
N PHE E 155 -30.31 -0.10 -29.25
CA PHE E 155 -29.82 1.02 -30.04
C PHE E 155 -29.69 2.30 -29.22
N PHE E 156 -29.87 2.23 -27.89
CA PHE E 156 -29.72 3.38 -27.00
C PHE E 156 -28.22 3.63 -26.85
N TRP E 157 -27.67 4.44 -27.75
CA TRP E 157 -26.21 4.54 -27.86
C TRP E 157 -25.57 5.10 -26.59
N ASN E 158 -26.07 6.23 -26.10
CA ASN E 158 -25.49 6.86 -24.91
C ASN E 158 -26.11 6.28 -23.64
N HIS E 159 -25.91 4.98 -23.44
CA HIS E 159 -26.48 4.31 -22.29
C HIS E 159 -25.63 4.52 -21.04
N TYR E 160 -24.34 4.18 -21.12
CA TYR E 160 -23.47 4.27 -19.95
C TYR E 160 -23.26 5.71 -19.49
N LEU E 161 -23.45 6.70 -20.37
CA LEU E 161 -23.16 8.07 -20.01
C LEU E 161 -24.23 8.70 -19.12
N THR E 162 -25.48 8.25 -19.21
CA THR E 162 -26.59 8.87 -18.50
C THR E 162 -26.95 8.14 -17.21
N GLU E 163 -26.08 7.23 -16.76
CA GLU E 163 -26.40 6.40 -15.61
C GLU E 163 -26.76 7.24 -14.39
N ASP E 164 -25.95 8.25 -14.07
CA ASP E 164 -26.27 9.13 -12.97
C ASP E 164 -27.62 9.81 -13.19
N LEU E 165 -27.84 10.31 -14.41
CA LEU E 165 -29.12 10.96 -14.73
C LEU E 165 -30.29 10.00 -14.58
N ARG E 166 -30.03 8.69 -14.58
CA ARG E 166 -31.07 7.72 -14.33
C ARG E 166 -31.23 7.41 -12.85
N ASN E 167 -30.13 7.41 -12.09
CA ASN E 167 -30.20 7.02 -10.68
C ASN E 167 -31.11 7.97 -9.88
N PHE E 168 -30.98 9.28 -10.13
CA PHE E 168 -31.89 10.23 -9.50
C PHE E 168 -33.30 10.10 -10.05
N ALA E 169 -33.42 9.74 -11.33
CA ALA E 169 -34.72 9.73 -12.00
C ALA E 169 -35.54 8.49 -11.68
N HIS E 170 -35.11 7.65 -10.74
CA HIS E 170 -35.89 6.45 -10.43
C HIS E 170 -37.25 6.82 -9.87
N GLN E 171 -37.31 7.78 -8.95
CA GLN E 171 -38.55 8.45 -8.57
C GLN E 171 -38.31 9.97 -8.57
N ASP E 172 -38.35 10.56 -9.76
CA ASP E 172 -38.17 12.01 -9.92
C ASP E 172 -38.61 12.44 -11.30
N PRO E 173 -39.90 12.69 -11.52
CA PRO E 173 -40.38 13.03 -12.88
C PRO E 173 -39.69 14.23 -13.50
N ARG E 174 -39.25 15.19 -12.66
CA ARG E 174 -38.62 16.40 -13.19
C ARG E 174 -37.35 16.07 -13.97
N ILE E 175 -36.66 14.98 -13.61
CA ILE E 175 -35.44 14.59 -14.30
C ILE E 175 -35.72 13.99 -15.66
N ASP E 176 -36.96 13.57 -15.93
CA ASP E 176 -37.27 12.87 -17.17
C ASP E 176 -36.92 13.73 -18.37
N SER E 177 -37.11 15.05 -18.27
CA SER E 177 -36.89 15.95 -19.39
C SER E 177 -35.42 16.07 -19.77
N PHE E 178 -34.52 15.54 -18.94
CA PHE E 178 -33.09 15.69 -19.18
C PHE E 178 -32.47 14.54 -19.98
N ILE E 179 -33.14 13.40 -20.06
CA ILE E 179 -32.57 12.22 -20.72
C ILE E 179 -33.00 12.21 -22.18
N GLN E 180 -32.03 12.08 -23.08
CA GLN E 180 -32.27 12.15 -24.52
C GLN E 180 -31.59 11.01 -25.25
N PRO E 181 -32.33 10.02 -25.73
CA PRO E 181 -31.71 8.96 -26.53
C PRO E 181 -31.21 9.45 -27.87
N VAL E 182 -30.13 8.84 -28.35
CA VAL E 182 -29.56 9.12 -29.66
C VAL E 182 -29.27 7.80 -30.35
N ILE E 183 -29.10 7.86 -31.67
CA ILE E 183 -28.75 6.69 -32.47
C ILE E 183 -27.48 6.98 -33.25
N TYR E 184 -26.80 5.91 -33.64
CA TYR E 184 -25.55 5.98 -34.39
C TYR E 184 -25.83 5.39 -35.77
N GLY E 185 -26.25 6.24 -36.69
CA GLY E 185 -26.65 5.76 -38.00
C GLY E 185 -27.02 6.87 -38.97
N TYR E 186 -28.14 6.69 -39.68
CA TYR E 186 -28.52 7.61 -40.74
C TYR E 186 -30.04 7.82 -40.70
N ALA E 187 -30.48 9.00 -41.13
CA ALA E 187 -31.91 9.31 -41.13
C ALA E 187 -32.16 10.46 -42.09
N LYS E 188 -32.98 10.22 -43.12
CA LYS E 188 -33.29 11.30 -44.05
C LYS E 188 -34.61 11.03 -44.74
N THR E 189 -35.31 12.12 -45.08
CA THR E 189 -36.63 12.05 -45.70
C THR E 189 -36.75 13.14 -46.75
N VAL E 190 -37.35 12.80 -47.89
CA VAL E 190 -37.54 13.74 -49.00
C VAL E 190 -38.96 13.62 -49.52
N ASP E 191 -39.50 14.75 -50.00
CA ASP E 191 -40.89 14.83 -50.44
C ASP E 191 -40.95 15.01 -51.96
N ALA E 192 -42.03 14.51 -52.55
CA ALA E 192 -42.23 14.59 -53.99
C ALA E 192 -43.71 14.43 -54.30
N VAL E 193 -44.05 14.57 -55.58
CA VAL E 193 -45.40 14.38 -56.09
C VAL E 193 -45.34 13.40 -57.26
N LEU E 194 -46.15 12.35 -57.20
CA LEU E 194 -46.13 11.34 -58.26
C LEU E 194 -47.18 11.61 -59.32
N ASN E 195 -48.46 11.54 -58.94
CA ASN E 195 -49.58 11.90 -59.83
C ASN E 195 -50.54 12.78 -59.05
N ALA E 196 -50.23 14.08 -58.97
CA ALA E 196 -51.05 15.06 -58.24
C ALA E 196 -51.33 14.60 -56.81
N THR E 197 -50.42 13.83 -56.24
CA THR E 197 -50.54 13.38 -54.86
C THR E 197 -49.22 13.60 -54.16
N PRO E 198 -49.24 14.08 -52.92
CA PRO E 198 -47.99 14.27 -52.19
C PRO E 198 -47.53 13.02 -51.46
N ILE E 199 -46.24 12.73 -51.53
CA ILE E 199 -45.64 11.58 -50.86
C ILE E 199 -44.32 12.02 -50.23
N VAL E 200 -43.98 11.38 -49.11
CA VAL E 200 -42.69 11.56 -48.48
C VAL E 200 -42.05 10.19 -48.26
N LEU E 201 -40.82 10.06 -48.73
CA LEU E 201 -40.05 8.83 -48.63
C LEU E 201 -38.93 9.04 -47.60
N GLY E 202 -38.83 8.12 -46.65
CA GLY E 202 -37.83 8.21 -45.60
C GLY E 202 -36.93 7.00 -45.59
N LEU E 203 -35.84 7.13 -44.83
CA LEU E 203 -34.88 6.04 -44.67
C LEU E 203 -34.13 6.23 -43.37
N ILE E 204 -34.09 5.18 -42.55
CA ILE E 204 -33.43 5.20 -41.26
C ILE E 204 -32.58 3.95 -41.10
N THR E 205 -31.35 4.13 -40.61
CA THR E 205 -30.41 3.05 -40.37
C THR E 205 -29.84 3.17 -38.97
N ARG E 206 -29.94 2.07 -38.21
CA ARG E 206 -29.52 2.03 -36.82
C ARG E 206 -28.47 0.94 -36.62
N ARG E 207 -27.64 1.12 -35.60
CA ARG E 207 -26.53 0.21 -35.30
C ARG E 207 -26.59 -0.23 -33.85
N SER E 208 -26.32 -1.50 -33.61
CA SER E 208 -26.37 -2.07 -32.27
C SER E 208 -25.11 -1.70 -31.48
N ILE E 209 -25.15 -1.98 -30.17
CA ILE E 209 -24.08 -1.58 -29.27
C ILE E 209 -23.40 -2.76 -28.59
N PHE E 210 -23.89 -3.99 -28.76
CA PHE E 210 -23.35 -5.10 -27.99
C PHE E 210 -22.00 -5.58 -28.54
N ARG E 211 -21.69 -5.30 -29.80
CA ARG E 211 -20.38 -5.54 -30.37
C ARG E 211 -19.75 -4.20 -30.75
N ALA E 212 -18.61 -4.28 -31.42
CA ALA E 212 -17.86 -3.11 -31.84
C ALA E 212 -17.66 -3.15 -33.35
N GLY E 213 -16.81 -2.26 -33.85
CA GLY E 213 -16.58 -2.17 -35.27
C GLY E 213 -15.16 -2.50 -35.70
N THR E 214 -14.48 -1.51 -36.28
CA THR E 214 -13.12 -1.61 -36.81
C THR E 214 -12.86 -2.95 -37.53
N ARG E 215 -13.86 -3.41 -38.28
CA ARG E 215 -13.68 -4.51 -39.24
C ARG E 215 -13.12 -5.78 -38.62
N TYR E 216 -11.84 -6.05 -38.86
CA TYR E 216 -11.26 -7.36 -38.59
C TYR E 216 -11.29 -7.76 -37.12
N PHE E 217 -11.34 -6.79 -36.20
CA PHE E 217 -11.14 -7.11 -34.79
C PHE E 217 -12.36 -7.83 -34.20
N ARG E 218 -13.56 -7.54 -34.70
CA ARG E 218 -14.78 -8.13 -34.19
C ARG E 218 -15.53 -8.82 -35.33
N ARG E 219 -15.47 -10.16 -35.35
CA ARG E 219 -16.19 -10.96 -36.32
C ARG E 219 -16.76 -12.19 -35.62
N GLY E 220 -17.79 -12.78 -36.24
CA GLY E 220 -18.39 -13.97 -35.68
C GLY E 220 -19.31 -13.65 -34.52
N VAL E 221 -19.46 -14.64 -33.62
CA VAL E 221 -20.31 -14.50 -32.45
C VAL E 221 -19.52 -14.87 -31.19
N ASP E 222 -19.97 -14.33 -30.06
CA ASP E 222 -19.41 -14.69 -28.76
C ASP E 222 -20.30 -15.73 -28.09
N LYS E 223 -20.04 -15.99 -26.81
CA LYS E 223 -20.85 -16.98 -26.09
C LYS E 223 -22.30 -16.55 -25.97
N ASP E 224 -22.54 -15.25 -25.75
CA ASP E 224 -23.88 -14.75 -25.51
C ASP E 224 -24.77 -14.77 -26.76
N GLY E 225 -24.18 -14.97 -27.94
CA GLY E 225 -24.96 -15.01 -29.17
C GLY E 225 -24.99 -13.73 -29.96
N ASN E 226 -24.33 -12.67 -29.49
CA ASN E 226 -24.31 -11.42 -30.23
C ASN E 226 -23.41 -11.54 -31.46
N VAL E 227 -23.81 -10.86 -32.52
CA VAL E 227 -23.12 -10.92 -33.81
C VAL E 227 -22.52 -9.55 -34.11
N GLY E 228 -21.24 -9.54 -34.50
CA GLY E 228 -20.61 -8.29 -34.84
C GLY E 228 -21.17 -7.68 -36.11
N ASN E 229 -21.13 -6.35 -36.17
CA ASN E 229 -21.66 -5.58 -37.30
C ASN E 229 -23.13 -5.89 -37.53
N PHE E 230 -23.95 -5.64 -36.51
CA PHE E 230 -25.39 -5.84 -36.58
C PHE E 230 -26.08 -4.49 -36.72
N ASN E 231 -26.85 -4.32 -37.80
CA ASN E 231 -27.54 -3.06 -38.04
C ASN E 231 -28.89 -3.34 -38.69
N GLU E 232 -29.75 -2.32 -38.65
CA GLU E 232 -31.14 -2.45 -39.05
C GLU E 232 -31.51 -1.27 -39.92
N THR E 233 -32.37 -1.53 -40.93
CA THR E 233 -32.74 -0.52 -41.90
C THR E 233 -34.25 -0.52 -42.09
N GLU E 234 -34.83 0.68 -42.15
CA GLU E 234 -36.25 0.83 -42.44
C GLU E 234 -36.47 1.96 -43.43
N GLN E 235 -37.56 1.84 -44.18
CA GLN E 235 -37.82 2.63 -45.39
C GLN E 235 -39.26 3.17 -45.36
N ILE E 236 -39.60 3.85 -44.26
CA ILE E 236 -40.96 4.35 -44.07
C ILE E 236 -41.37 5.28 -45.21
N LEU E 237 -42.69 5.36 -45.43
CA LEU E 237 -43.27 6.17 -46.51
C LEU E 237 -44.64 6.66 -46.07
N LEU E 238 -44.97 7.89 -46.46
CA LEU E 238 -46.29 8.45 -46.21
C LEU E 238 -46.86 9.03 -47.49
N ALA E 239 -48.17 8.90 -47.65
CA ALA E 239 -48.84 9.32 -48.88
C ALA E 239 -50.18 9.96 -48.55
N GLU E 240 -50.53 10.98 -49.33
CA GLU E 240 -51.82 11.65 -49.25
C GLU E 240 -52.52 11.53 -50.60
N ASN E 241 -53.81 11.21 -50.57
CA ASN E 241 -54.59 11.13 -51.80
C ASN E 241 -55.70 12.18 -51.79
N PRO E 242 -55.65 13.15 -52.71
CA PRO E 242 -56.72 14.16 -52.75
C PRO E 242 -58.10 13.57 -53.04
N GLU E 243 -58.16 12.47 -53.78
CA GLU E 243 -59.43 11.88 -54.18
C GLU E 243 -60.14 11.23 -53.00
N SER E 244 -59.46 11.12 -51.86
CA SER E 244 -60.05 10.53 -50.68
C SER E 244 -59.62 11.34 -49.46
N GLU E 245 -59.87 10.80 -48.27
CA GLU E 245 -59.57 11.47 -47.02
C GLU E 245 -58.48 10.81 -46.21
N LYS E 246 -58.39 9.48 -46.24
CA LYS E 246 -57.47 8.75 -45.39
C LYS E 246 -56.02 9.06 -45.77
N ILE E 247 -55.16 9.10 -44.76
CA ILE E 247 -53.74 9.32 -44.94
C ILE E 247 -53.04 7.98 -44.76
N HIS E 248 -52.13 7.65 -45.68
CA HIS E 248 -51.57 6.30 -45.70
C HIS E 248 -50.12 6.31 -45.24
N VAL E 249 -49.77 5.37 -44.37
CA VAL E 249 -48.41 5.21 -43.87
C VAL E 249 -47.99 3.75 -44.06
N PHE E 250 -46.80 3.55 -44.60
CA PHE E 250 -46.29 2.21 -44.88
C PHE E 250 -44.95 2.01 -44.16
N SER E 251 -44.61 0.74 -43.94
CA SER E 251 -43.32 0.46 -43.30
C SER E 251 -42.74 -0.84 -43.86
N PHE E 252 -41.42 -0.87 -44.00
CA PHE E 252 -40.70 -2.06 -44.43
C PHE E 252 -39.38 -2.14 -43.66
N LEU E 253 -38.97 -3.35 -43.31
CA LEU E 253 -37.83 -3.55 -42.41
C LEU E 253 -36.84 -4.54 -43.01
N GLN E 254 -35.57 -4.34 -42.69
CA GLN E 254 -34.51 -5.27 -43.11
C GLN E 254 -33.41 -5.27 -42.06
N THR E 255 -32.66 -6.36 -42.02
CA THR E 255 -31.65 -6.60 -41.00
C THR E 255 -30.36 -7.06 -41.67
N ARG E 256 -29.22 -6.70 -41.06
CA ARG E 256 -27.92 -7.13 -41.57
C ARG E 256 -27.09 -7.67 -40.42
N GLY E 257 -26.18 -8.58 -40.73
CA GLY E 257 -25.34 -9.18 -39.72
C GLY E 257 -24.12 -9.87 -40.30
N SER E 258 -23.63 -10.87 -39.58
CA SER E 258 -22.46 -11.63 -39.99
C SER E 258 -22.71 -13.11 -39.72
N VAL E 259 -21.88 -13.96 -40.30
CA VAL E 259 -22.10 -15.41 -40.17
C VAL E 259 -21.94 -15.83 -38.72
N PRO E 260 -22.85 -16.62 -38.17
CA PRO E 260 -22.79 -16.95 -36.73
C PRO E 260 -21.79 -18.05 -36.36
N ILE E 261 -20.95 -18.50 -37.28
CA ILE E 261 -19.97 -19.52 -36.94
C ILE E 261 -18.75 -18.86 -36.29
N TYR E 262 -18.01 -19.66 -35.52
CA TYR E 262 -16.76 -19.17 -34.93
C TYR E 262 -15.69 -19.08 -36.01
N TRP E 263 -15.10 -17.89 -36.16
CA TRP E 263 -14.01 -17.71 -37.11
C TRP E 263 -13.33 -16.38 -36.80
N ALA E 264 -12.15 -16.21 -37.38
CA ALA E 264 -11.39 -14.98 -37.17
C ALA E 264 -10.40 -14.82 -38.32
N GLU E 265 -9.91 -13.59 -38.47
CA GLU E 265 -8.92 -13.26 -39.50
C GLU E 265 -7.76 -12.54 -38.83
N ILE E 266 -6.64 -13.24 -38.68
CA ILE E 266 -5.44 -12.68 -38.08
C ILE E 266 -4.72 -11.83 -39.11
N ASN E 267 -4.41 -10.60 -38.73
CA ASN E 267 -3.81 -9.63 -39.63
C ASN E 267 -2.29 -9.62 -39.49
N ASN E 268 -1.60 -9.54 -40.62
CA ASN E 268 -0.15 -9.41 -40.64
C ASN E 268 0.21 -8.38 -41.71
N LEU E 269 1.51 -8.25 -41.98
CA LEU E 269 1.99 -7.25 -42.94
C LEU E 269 1.83 -7.76 -44.37
N LYS E 270 0.59 -8.09 -44.72
CA LYS E 270 0.24 -8.55 -46.05
C LYS E 270 -1.14 -8.00 -46.41
N TYR E 271 -1.41 -7.94 -47.72
CA TYR E 271 -2.67 -7.38 -48.19
C TYR E 271 -3.85 -8.22 -47.72
N LYS E 272 -3.73 -9.54 -47.81
CA LYS E 272 -4.81 -10.44 -47.40
C LYS E 272 -4.42 -11.16 -46.12
N PRO E 273 -5.20 -11.03 -45.04
CA PRO E 273 -4.83 -11.68 -43.78
C PRO E 273 -5.05 -13.18 -43.81
N ASN E 274 -4.82 -13.86 -42.70
CA ASN E 274 -4.99 -15.30 -42.60
C ASN E 274 -6.30 -15.64 -41.92
N LEU E 275 -6.97 -16.67 -42.41
CA LEU E 275 -8.27 -17.08 -41.87
C LEU E 275 -8.11 -18.28 -40.97
N VAL E 276 -8.79 -18.26 -39.82
CA VAL E 276 -8.80 -19.37 -38.88
C VAL E 276 -10.22 -19.63 -38.43
N LEU E 277 -10.52 -20.88 -38.12
CA LEU E 277 -11.85 -21.31 -37.70
C LEU E 277 -11.74 -21.93 -36.32
N GLY E 278 -12.65 -21.55 -35.42
CA GLY E 278 -12.62 -22.01 -34.05
C GLY E 278 -13.12 -23.42 -33.88
N GLU E 279 -13.72 -23.69 -32.72
CA GLU E 279 -14.23 -25.02 -32.40
C GLU E 279 -15.69 -25.12 -32.83
N ASN E 280 -16.36 -26.19 -32.42
CA ASN E 280 -17.77 -26.37 -32.76
C ASN E 280 -18.64 -25.38 -32.01
N SER E 281 -19.62 -24.81 -32.73
CA SER E 281 -20.52 -23.81 -32.18
C SER E 281 -21.95 -24.29 -32.34
N LEU E 282 -22.59 -24.63 -31.23
CA LEU E 282 -23.99 -25.04 -31.25
C LEU E 282 -24.85 -24.23 -30.29
N ASP E 283 -24.35 -23.91 -29.10
CA ASP E 283 -25.16 -23.19 -28.12
C ASP E 283 -25.33 -21.72 -28.50
N ALA E 284 -24.24 -21.06 -28.89
CA ALA E 284 -24.32 -19.64 -29.23
C ALA E 284 -25.20 -19.40 -30.44
N THR E 285 -25.02 -20.20 -31.49
CA THR E 285 -25.84 -20.04 -32.69
C THR E 285 -27.31 -20.31 -32.40
N LYS E 286 -27.58 -21.34 -31.59
CA LYS E 286 -28.97 -21.64 -31.24
C LYS E 286 -29.60 -20.50 -30.45
N LYS E 287 -28.87 -19.94 -29.49
CA LYS E 287 -29.41 -18.83 -28.72
C LYS E 287 -29.64 -17.60 -29.60
N HIS E 288 -28.69 -17.30 -30.49
CA HIS E 288 -28.85 -16.16 -31.38
C HIS E 288 -30.08 -16.32 -32.28
N PHE E 289 -30.26 -17.50 -32.86
CA PHE E 289 -31.41 -17.72 -33.72
C PHE E 289 -32.71 -17.74 -32.93
N ASP E 290 -32.69 -18.23 -31.70
CA ASP E 290 -33.87 -18.18 -30.85
C ASP E 290 -34.26 -16.73 -30.57
N GLN E 291 -33.29 -15.89 -30.25
CA GLN E 291 -33.58 -14.47 -30.02
C GLN E 291 -34.14 -13.81 -31.28
N GLN E 292 -33.54 -14.09 -32.44
CA GLN E 292 -34.03 -13.51 -33.68
C GLN E 292 -35.46 -13.96 -33.97
N LYS E 293 -35.74 -15.25 -33.76
CA LYS E 293 -37.09 -15.77 -34.00
C LYS E 293 -38.10 -15.13 -33.05
N GLU E 294 -37.72 -14.97 -31.78
CA GLU E 294 -38.64 -14.35 -30.82
C GLU E 294 -38.91 -12.90 -31.17
N LEU E 295 -37.89 -12.17 -31.62
CA LEU E 295 -38.07 -10.75 -31.87
C LEU E 295 -38.78 -10.49 -33.20
N TYR E 296 -38.21 -10.95 -34.30
CA TYR E 296 -38.71 -10.57 -35.62
C TYR E 296 -39.65 -11.61 -36.24
N GLY E 297 -39.71 -12.82 -35.70
CA GLY E 297 -40.55 -13.86 -36.26
C GLY E 297 -39.75 -14.81 -37.12
N ASP E 298 -40.26 -15.08 -38.32
CA ASP E 298 -39.56 -15.97 -39.25
C ASP E 298 -38.33 -15.29 -39.81
N ASN E 299 -37.36 -16.09 -40.23
CA ASN E 299 -36.10 -15.60 -40.78
C ASN E 299 -35.82 -16.28 -42.12
N TYR E 300 -35.24 -15.52 -43.03
CA TYR E 300 -34.84 -16.02 -44.35
C TYR E 300 -33.40 -15.64 -44.59
N LEU E 301 -32.50 -16.62 -44.52
CA LEU E 301 -31.06 -16.37 -44.53
C LEU E 301 -30.54 -16.41 -45.96
N VAL E 302 -30.06 -15.26 -46.44
CA VAL E 302 -29.47 -15.13 -47.77
C VAL E 302 -27.97 -14.96 -47.59
N ASN E 303 -27.18 -15.85 -48.19
CA ASN E 303 -25.74 -15.93 -47.96
C ASN E 303 -25.01 -15.69 -49.28
N LEU E 304 -24.67 -14.44 -49.55
CA LEU E 304 -23.80 -14.14 -50.69
C LEU E 304 -22.35 -14.31 -50.30
N VAL E 305 -21.59 -14.96 -51.18
CA VAL E 305 -20.17 -15.22 -50.93
C VAL E 305 -19.37 -14.90 -52.18
N ASN E 306 -18.08 -14.64 -51.98
CA ASN E 306 -17.15 -14.38 -53.07
C ASN E 306 -16.67 -15.70 -53.68
N GLN E 307 -15.63 -15.60 -54.49
CA GLN E 307 -15.04 -16.78 -55.13
C GLN E 307 -14.57 -17.77 -54.06
N LYS E 308 -14.52 -19.05 -54.45
CA LYS E 308 -14.26 -20.13 -53.52
C LYS E 308 -12.89 -20.02 -52.85
N GLY E 309 -11.88 -19.65 -53.65
CA GLY E 309 -10.48 -19.68 -53.25
C GLY E 309 -10.13 -19.27 -51.84
N HIS E 310 -10.65 -18.14 -51.37
CA HIS E 310 -10.29 -17.64 -50.05
C HIS E 310 -11.41 -17.75 -49.02
N GLU E 311 -12.67 -17.74 -49.44
CA GLU E 311 -13.80 -17.72 -48.51
C GLU E 311 -14.61 -19.01 -48.52
N LEU E 312 -14.05 -20.09 -49.06
CA LEU E 312 -14.76 -21.37 -49.11
C LEU E 312 -15.06 -21.96 -47.73
N PRO E 313 -14.09 -22.05 -46.80
CA PRO E 313 -14.32 -22.85 -45.58
C PRO E 313 -15.53 -22.42 -44.75
N VAL E 314 -15.80 -21.12 -44.65
CA VAL E 314 -16.92 -20.67 -43.81
C VAL E 314 -18.25 -21.10 -44.40
N LYS E 315 -18.32 -21.21 -45.73
CA LYS E 315 -19.58 -21.60 -46.38
C LYS E 315 -20.03 -22.98 -45.95
N GLU E 316 -19.11 -23.96 -45.98
CA GLU E 316 -19.47 -25.31 -45.56
C GLU E 316 -19.86 -25.37 -44.09
N GLY E 317 -19.15 -24.65 -43.23
CA GLY E 317 -19.52 -24.64 -41.82
C GLY E 317 -20.88 -24.04 -41.58
N TYR E 318 -21.21 -22.95 -42.30
CA TYR E 318 -22.51 -22.32 -42.13
C TYR E 318 -23.63 -23.21 -42.64
N GLU E 319 -23.42 -23.87 -43.78
CA GLU E 319 -24.41 -24.84 -44.26
C GLU E 319 -24.57 -25.99 -43.28
N SER E 320 -23.47 -26.47 -42.72
CA SER E 320 -23.54 -27.59 -41.78
C SER E 320 -24.32 -27.21 -40.52
N VAL E 321 -24.07 -26.01 -39.98
CA VAL E 321 -24.76 -25.62 -38.75
C VAL E 321 -26.24 -25.37 -39.04
N VAL E 322 -26.57 -24.76 -40.17
CA VAL E 322 -27.98 -24.53 -40.46
C VAL E 322 -28.70 -25.85 -40.74
N HIS E 323 -28.00 -26.84 -41.29
CA HIS E 323 -28.60 -28.17 -41.45
C HIS E 323 -28.79 -28.86 -40.10
N ALA E 324 -27.80 -28.73 -39.21
CA ALA E 324 -27.87 -29.41 -37.92
C ALA E 324 -28.94 -28.81 -37.02
N LEU E 325 -29.20 -27.51 -37.14
CA LEU E 325 -30.22 -26.88 -36.30
C LEU E 325 -31.59 -27.49 -36.55
N ASN E 326 -31.96 -27.68 -37.82
CA ASN E 326 -33.22 -28.29 -38.21
C ASN E 326 -34.41 -27.55 -37.59
N ASP E 327 -34.54 -26.27 -37.97
CA ASP E 327 -35.60 -25.41 -37.46
C ASP E 327 -36.58 -25.12 -38.58
N PRO E 328 -37.86 -25.46 -38.43
CA PRO E 328 -38.82 -25.17 -39.52
C PRO E 328 -38.98 -23.70 -39.81
N LYS E 329 -38.83 -22.82 -38.82
CA LYS E 329 -39.02 -21.40 -39.04
C LYS E 329 -37.81 -20.72 -39.68
N ILE E 330 -36.65 -21.38 -39.69
CA ILE E 330 -35.44 -20.85 -40.30
C ILE E 330 -35.28 -21.48 -41.68
N HIS E 331 -35.16 -20.64 -42.71
CA HIS E 331 -35.09 -21.10 -44.08
C HIS E 331 -33.90 -20.45 -44.78
N TYR E 332 -33.10 -21.28 -45.45
CA TYR E 332 -31.87 -20.86 -46.09
C TYR E 332 -32.07 -20.78 -47.59
N VAL E 333 -31.70 -19.64 -48.18
CA VAL E 333 -31.72 -19.44 -49.62
C VAL E 333 -30.34 -18.97 -50.05
N TYR E 334 -29.77 -19.62 -51.06
CA TYR E 334 -28.42 -19.34 -51.50
C TYR E 334 -28.42 -18.58 -52.83
N PHE E 335 -27.46 -17.67 -52.96
CA PHE E 335 -27.23 -16.95 -54.20
C PHE E 335 -25.75 -16.60 -54.27
N ASP E 336 -25.21 -16.56 -55.49
CA ASP E 336 -23.78 -16.40 -55.68
C ASP E 336 -23.54 -15.71 -57.02
N PHE E 337 -22.91 -14.55 -57.00
CA PHE E 337 -22.56 -13.82 -58.21
C PHE E 337 -21.09 -13.43 -58.15
N HIS E 338 -20.35 -13.81 -59.19
CA HIS E 338 -19.02 -13.28 -59.45
C HIS E 338 -18.88 -12.83 -60.91
N HIS E 339 -19.95 -12.98 -61.70
CA HIS E 339 -19.94 -12.70 -63.12
C HIS E 339 -20.50 -11.32 -63.46
N GLU E 340 -20.86 -10.51 -62.47
CA GLU E 340 -21.39 -9.19 -62.76
C GLU E 340 -20.32 -8.33 -63.44
N CYS E 341 -20.73 -7.62 -64.48
CA CYS E 341 -19.81 -6.84 -65.30
C CYS E 341 -20.30 -5.40 -65.41
N ARG E 342 -19.43 -4.45 -65.06
CA ARG E 342 -19.68 -3.02 -65.22
C ARG E 342 -20.97 -2.60 -64.50
N LYS E 343 -21.20 -3.18 -63.33
CA LYS E 343 -22.35 -2.85 -62.49
C LYS E 343 -23.67 -3.06 -63.24
N MET E 344 -23.76 -4.17 -63.98
CA MET E 344 -25.00 -4.57 -64.64
C MET E 344 -25.66 -5.63 -63.76
N GLN E 345 -26.88 -5.38 -63.33
CA GLN E 345 -27.54 -6.19 -62.32
C GLN E 345 -28.92 -6.69 -62.73
N TRP E 346 -29.07 -7.20 -63.96
CA TRP E 346 -30.34 -7.78 -64.37
C TRP E 346 -30.52 -9.16 -63.74
N HIS E 347 -29.43 -9.85 -63.43
CA HIS E 347 -29.56 -11.11 -62.70
C HIS E 347 -30.09 -10.90 -61.29
N ARG E 348 -30.10 -9.67 -60.78
CA ARG E 348 -30.82 -9.41 -59.53
C ARG E 348 -32.31 -9.67 -59.73
N VAL E 349 -32.88 -9.17 -60.83
CA VAL E 349 -34.28 -9.44 -61.14
C VAL E 349 -34.45 -10.93 -61.44
N LYS E 350 -33.45 -11.55 -62.08
CA LYS E 350 -33.52 -12.98 -62.31
C LYS E 350 -33.62 -13.76 -61.00
N LEU E 351 -32.82 -13.37 -60.00
CA LEU E 351 -32.88 -14.01 -58.69
C LEU E 351 -34.20 -13.73 -58.00
N LEU E 352 -34.69 -12.50 -58.11
CA LEU E 352 -35.97 -12.15 -57.48
C LEU E 352 -37.10 -13.01 -58.06
N ILE E 353 -37.08 -13.25 -59.37
CA ILE E 353 -37.98 -14.22 -59.95
C ILE E 353 -37.70 -15.61 -59.40
N ASP E 354 -36.42 -15.97 -59.31
CA ASP E 354 -36.03 -17.27 -58.77
C ASP E 354 -36.43 -17.44 -57.32
N HIS E 355 -36.48 -16.35 -56.56
CA HIS E 355 -36.89 -16.40 -55.17
C HIS E 355 -38.42 -16.54 -55.11
N LEU E 356 -38.96 -16.41 -53.89
CA LEU E 356 -40.41 -16.43 -53.65
C LEU E 356 -40.96 -17.84 -53.80
N GLU E 357 -40.10 -18.78 -54.22
CA GLU E 357 -40.56 -20.15 -54.43
C GLU E 357 -40.38 -20.99 -53.17
N LYS E 358 -39.36 -20.69 -52.38
CA LYS E 358 -39.08 -21.48 -51.19
C LYS E 358 -40.21 -21.36 -50.17
N LEU E 359 -40.42 -20.16 -49.64
CA LEU E 359 -41.43 -19.92 -48.61
C LEU E 359 -42.45 -18.88 -48.99
N GLY E 360 -42.36 -18.31 -50.20
CA GLY E 360 -43.38 -17.38 -50.66
C GLY E 360 -43.43 -16.06 -49.94
N LEU E 361 -42.41 -15.21 -50.12
CA LEU E 361 -42.47 -13.86 -49.59
C LEU E 361 -43.65 -13.11 -50.20
N SER E 362 -44.68 -12.90 -49.39
CA SER E 362 -45.85 -12.18 -49.86
C SER E 362 -45.61 -10.68 -49.81
N ASN E 363 -45.93 -9.99 -50.90
CA ASN E 363 -45.84 -8.54 -50.91
C ASN E 363 -46.84 -7.92 -49.94
N GLU E 364 -47.84 -8.70 -49.52
CA GLU E 364 -48.79 -8.23 -48.52
C GLU E 364 -48.14 -8.04 -47.16
N ASP E 365 -47.01 -8.69 -46.92
CA ASP E 365 -46.38 -8.70 -45.60
C ASP E 365 -45.61 -7.42 -45.32
N PHE E 366 -46.30 -6.39 -44.84
CA PHE E 366 -45.69 -5.14 -44.45
C PHE E 366 -46.56 -4.49 -43.38
N PHE E 367 -46.24 -3.26 -43.02
CA PHE E 367 -47.02 -2.50 -42.04
C PHE E 367 -47.80 -1.41 -42.76
N HIS E 368 -49.11 -1.45 -42.61
CA HIS E 368 -50.05 -0.52 -43.24
C HIS E 368 -50.78 0.24 -42.15
N LYS E 369 -50.95 1.55 -42.35
CA LYS E 369 -51.58 2.40 -41.35
C LYS E 369 -52.43 3.44 -42.04
N VAL E 370 -53.67 3.58 -41.58
CA VAL E 370 -54.58 4.63 -42.05
C VAL E 370 -54.77 5.61 -40.91
N ILE E 371 -54.41 6.87 -41.15
CA ILE E 371 -54.44 7.90 -40.12
C ILE E 371 -55.22 9.10 -40.65
N ASP E 372 -55.92 9.77 -39.75
CA ASP E 372 -56.79 10.88 -40.13
C ASP E 372 -56.01 12.19 -40.15
N SER E 373 -56.74 13.29 -40.37
CA SER E 373 -56.11 14.60 -40.44
C SER E 373 -55.56 15.04 -39.08
N ASN E 374 -56.24 14.68 -38.00
CA ASN E 374 -55.80 15.06 -36.66
C ASN E 374 -54.67 14.20 -36.14
N GLY E 375 -54.28 13.16 -36.87
CA GLY E 375 -53.21 12.29 -36.42
C GLY E 375 -53.56 11.43 -35.22
N ASN E 376 -54.77 10.89 -35.17
CA ASN E 376 -55.21 10.07 -34.04
C ASN E 376 -55.04 8.57 -34.27
N THR E 377 -54.52 8.16 -35.44
CA THR E 377 -54.28 6.76 -35.76
C THR E 377 -55.57 5.93 -35.63
N VAL E 378 -56.51 6.26 -36.52
CA VAL E 378 -57.87 5.74 -36.40
C VAL E 378 -57.91 4.22 -36.51
N GLU E 379 -57.19 3.65 -37.49
CA GLU E 379 -57.30 2.23 -37.74
C GLU E 379 -56.05 1.72 -38.45
N ILE E 380 -55.63 0.52 -38.08
CA ILE E 380 -54.53 -0.17 -38.72
C ILE E 380 -55.09 -1.18 -39.72
N VAL E 381 -54.24 -1.66 -40.62
CA VAL E 381 -54.70 -2.57 -41.66
C VAL E 381 -53.94 -3.89 -41.61
N ASN E 382 -52.61 -3.82 -41.80
CA ASN E 382 -51.80 -5.03 -41.89
C ASN E 382 -50.50 -4.84 -41.11
N GLU E 383 -50.00 -5.93 -40.56
CA GLU E 383 -48.77 -5.94 -39.80
C GLU E 383 -47.76 -6.87 -40.45
N GLN E 384 -46.49 -6.68 -40.10
CA GLN E 384 -45.39 -7.46 -40.66
C GLN E 384 -44.98 -8.56 -39.68
N HIS E 385 -44.58 -9.71 -40.23
CA HIS E 385 -44.20 -10.85 -39.41
C HIS E 385 -42.91 -11.54 -39.82
N SER E 386 -42.32 -11.19 -40.97
CA SER E 386 -41.12 -11.84 -41.44
C SER E 386 -40.10 -10.79 -41.90
N VAL E 387 -38.83 -11.14 -41.77
CA VAL E 387 -37.72 -10.29 -42.19
C VAL E 387 -36.74 -11.13 -42.99
N VAL E 388 -35.86 -10.45 -43.73
CA VAL E 388 -34.80 -11.09 -44.50
C VAL E 388 -33.47 -10.67 -43.90
N ARG E 389 -32.63 -11.65 -43.58
CA ARG E 389 -31.33 -11.41 -42.97
C ARG E 389 -30.23 -11.64 -43.99
N THR E 390 -29.39 -10.65 -44.20
CA THR E 390 -28.31 -10.70 -45.18
C THR E 390 -26.97 -10.71 -44.45
N ASN E 391 -26.12 -11.69 -44.78
CA ASN E 391 -24.78 -11.82 -44.21
C ASN E 391 -23.80 -12.11 -45.34
N CYS E 392 -23.26 -11.04 -45.93
CA CYS E 392 -22.42 -11.16 -47.12
C CYS E 392 -21.17 -10.31 -46.94
N MET E 393 -20.42 -10.15 -48.03
CA MET E 393 -19.15 -9.43 -48.03
C MET E 393 -18.19 -10.04 -47.01
N ASP E 394 -18.20 -11.36 -46.91
CA ASP E 394 -17.35 -12.10 -45.98
C ASP E 394 -17.49 -11.60 -44.55
N ASP E 397 -21.53 -3.19 -49.57
CA ASP E 397 -21.66 -3.14 -51.03
C ASP E 397 -22.79 -4.03 -51.51
N ARG E 398 -22.54 -5.35 -51.48
CA ARG E 398 -23.50 -6.31 -52.02
C ARG E 398 -24.81 -6.27 -51.23
N THR E 399 -24.71 -6.21 -49.91
CA THR E 399 -25.92 -6.18 -49.07
C THR E 399 -26.77 -4.97 -49.38
N ASN E 400 -26.13 -3.81 -49.56
CA ASN E 400 -26.89 -2.60 -49.88
C ASN E 400 -27.59 -2.71 -51.22
N VAL E 401 -26.91 -3.26 -52.22
CA VAL E 401 -27.52 -3.42 -53.54
C VAL E 401 -28.71 -4.36 -53.47
N VAL E 402 -28.59 -5.46 -52.73
CA VAL E 402 -29.72 -6.39 -52.60
C VAL E 402 -30.88 -5.71 -51.88
N GLN E 403 -30.59 -5.02 -50.77
CA GLN E 403 -31.65 -4.42 -49.97
C GLN E 403 -32.38 -3.34 -50.74
N SER E 404 -31.65 -2.51 -51.50
CA SER E 404 -32.29 -1.46 -52.28
C SER E 404 -33.22 -2.04 -53.33
N VAL E 405 -32.79 -3.10 -54.00
CA VAL E 405 -33.63 -3.72 -55.03
C VAL E 405 -34.89 -4.32 -54.41
N LEU E 406 -34.74 -5.02 -53.28
CA LEU E 406 -35.93 -5.60 -52.64
C LEU E 406 -36.90 -4.51 -52.16
N ALA E 407 -36.38 -3.44 -51.56
CA ALA E 407 -37.25 -2.36 -51.11
C ALA E 407 -37.96 -1.70 -52.28
N GLN E 408 -37.24 -1.48 -53.39
CA GLN E 408 -37.86 -0.90 -54.57
C GLN E 408 -38.94 -1.81 -55.13
N TRP E 409 -38.70 -3.12 -55.12
CA TRP E 409 -39.71 -4.06 -55.60
C TRP E 409 -40.96 -4.02 -54.72
N VAL E 410 -40.79 -3.94 -53.41
CA VAL E 410 -41.94 -3.88 -52.51
C VAL E 410 -42.68 -2.56 -52.66
N LEU E 411 -41.96 -1.47 -52.94
CA LEU E 411 -42.59 -0.15 -52.98
C LEU E 411 -43.62 -0.05 -54.10
N GLN E 412 -43.48 -0.82 -55.18
CA GLN E 412 -44.49 -0.79 -56.22
C GLN E 412 -45.83 -1.33 -55.72
N LYS E 413 -45.80 -2.46 -54.99
CA LYS E 413 -47.02 -2.95 -54.37
C LYS E 413 -47.52 -1.98 -53.32
N GLU E 414 -46.61 -1.31 -52.62
CA GLU E 414 -47.02 -0.31 -51.64
C GLU E 414 -47.82 0.81 -52.30
N PHE E 415 -47.34 1.30 -53.45
CA PHE E 415 -48.07 2.32 -54.19
C PHE E 415 -49.39 1.78 -54.73
N GLU E 416 -49.41 0.53 -55.18
CA GLU E 416 -50.65 -0.05 -55.70
C GLU E 416 -51.71 -0.13 -54.62
N SER E 417 -51.31 -0.49 -53.39
CA SER E 417 -52.28 -0.62 -52.31
C SER E 417 -52.83 0.72 -51.85
N ALA E 418 -52.21 1.83 -52.24
CA ALA E 418 -52.65 3.16 -51.85
C ALA E 418 -53.54 3.83 -52.90
N ASP E 419 -53.90 3.11 -53.97
CA ASP E 419 -54.76 3.62 -55.03
C ASP E 419 -54.17 4.85 -55.71
N VAL E 420 -52.85 4.91 -55.81
CA VAL E 420 -52.21 6.02 -56.51
C VAL E 420 -52.09 5.74 -57.99
N VAL E 421 -51.50 4.59 -58.33
CA VAL E 421 -51.33 4.17 -59.72
C VAL E 421 -52.06 2.85 -59.92
N ALA E 422 -52.63 2.69 -61.11
CA ALA E 422 -53.40 1.49 -61.42
C ALA E 422 -52.48 0.27 -61.48
N THR E 423 -53.07 -0.91 -61.22
CA THR E 423 -52.31 -2.15 -61.25
C THR E 423 -51.79 -2.42 -62.66
N GLY E 424 -50.58 -2.96 -62.74
CA GLY E 424 -49.96 -3.25 -64.01
C GLY E 424 -49.14 -2.14 -64.62
N SER E 425 -48.81 -1.10 -63.85
CA SER E 425 -48.03 0.02 -64.33
C SER E 425 -46.76 0.15 -63.51
N THR E 426 -45.65 0.42 -64.18
CA THR E 426 -44.36 0.55 -63.53
C THR E 426 -44.16 2.00 -63.10
N TRP E 427 -43.72 2.19 -61.86
CA TRP E 427 -43.50 3.52 -61.31
C TRP E 427 -42.09 4.05 -61.55
N GLU E 428 -41.25 3.28 -62.24
CA GLU E 428 -39.87 3.69 -62.51
C GLU E 428 -39.75 4.60 -63.71
N ASP E 429 -40.87 5.04 -64.30
CA ASP E 429 -40.81 5.86 -65.51
C ASP E 429 -40.15 7.22 -65.23
N ASN E 430 -40.49 7.85 -64.10
CA ASN E 430 -39.97 9.18 -63.81
C ASN E 430 -38.48 9.12 -63.54
N ALA E 431 -37.74 10.06 -64.13
CA ALA E 431 -36.30 10.16 -63.93
C ALA E 431 -35.93 10.82 -62.60
N PRO E 432 -36.44 12.02 -62.28
CA PRO E 432 -36.00 12.67 -61.04
C PRO E 432 -36.36 11.90 -59.78
N LEU E 433 -37.50 11.20 -59.77
CA LEU E 433 -37.90 10.45 -58.58
C LEU E 433 -36.93 9.32 -58.30
N LEU E 434 -36.57 8.55 -59.32
CA LEU E 434 -35.57 7.51 -59.14
C LEU E 434 -34.20 8.08 -58.86
N THR E 435 -33.90 9.27 -59.39
CA THR E 435 -32.65 9.92 -59.06
C THR E 435 -32.58 10.25 -57.56
N SER E 436 -33.69 10.75 -57.00
CA SER E 436 -33.74 11.01 -55.56
C SER E 436 -33.61 9.71 -54.77
N TYR E 437 -34.28 8.66 -55.23
CA TYR E 437 -34.17 7.35 -54.57
C TYR E 437 -32.72 6.87 -54.53
N GLN E 438 -32.05 6.95 -55.67
CA GLN E 438 -30.67 6.49 -55.75
C GLN E 438 -29.73 7.35 -54.93
N ASN E 439 -29.95 8.67 -54.94
CA ASN E 439 -29.15 9.57 -54.12
C ASN E 439 -29.35 9.33 -52.64
N LEU E 440 -30.54 8.90 -52.22
CA LEU E 440 -30.79 8.52 -50.84
C LEU E 440 -30.07 7.24 -50.44
N TRP E 441 -30.21 6.18 -51.24
CA TRP E 441 -29.56 4.92 -50.89
C TRP E 441 -28.04 4.97 -51.02
N ALA E 442 -27.51 5.71 -51.99
CA ALA E 442 -26.06 5.84 -52.09
C ALA E 442 -25.47 6.56 -50.89
N ASP E 443 -26.15 7.62 -50.42
CA ASP E 443 -25.70 8.30 -49.22
C ASP E 443 -25.79 7.40 -48.00
N ASN E 444 -26.84 6.59 -47.89
CA ASN E 444 -26.92 5.64 -46.79
C ASN E 444 -25.76 4.64 -46.84
N ALA E 445 -25.44 4.14 -48.03
CA ALA E 445 -24.33 3.22 -48.19
C ALA E 445 -23.01 3.87 -47.79
N ASP E 446 -22.80 5.12 -48.21
CA ASP E 446 -21.59 5.84 -47.84
C ASP E 446 -21.49 5.99 -46.33
N ALA E 447 -22.61 6.34 -45.69
CA ALA E 447 -22.62 6.54 -44.24
C ALA E 447 -22.27 5.24 -43.51
N VAL E 448 -22.89 4.13 -43.90
CA VAL E 448 -22.62 2.88 -43.19
C VAL E 448 -21.19 2.41 -43.46
N SER E 449 -20.69 2.61 -44.68
CA SER E 449 -19.32 2.19 -44.99
C SER E 449 -18.30 2.99 -44.20
N VAL E 450 -18.48 4.32 -44.13
CA VAL E 450 -17.51 5.14 -43.39
C VAL E 450 -17.61 4.85 -41.89
N ALA E 451 -18.82 4.58 -41.39
CA ALA E 451 -18.97 4.25 -39.98
C ALA E 451 -18.29 2.92 -39.65
N TYR E 452 -18.38 1.93 -40.54
CA TYR E 452 -17.89 0.60 -40.19
C TYR E 452 -16.38 0.51 -40.28
N SER E 453 -15.81 0.70 -41.47
CA SER E 453 -14.40 0.43 -41.72
C SER E 453 -13.79 1.54 -42.58
N GLY E 454 -12.96 2.38 -41.97
CA GLY E 454 -12.18 3.36 -42.69
C GLY E 454 -12.97 4.33 -43.54
N THR E 455 -12.58 4.45 -44.81
CA THR E 455 -13.21 5.39 -45.73
C THR E 455 -14.51 4.81 -46.27
N GLY E 456 -15.06 5.44 -47.29
CA GLY E 456 -16.31 5.00 -47.88
C GLY E 456 -16.12 3.77 -48.75
N ALA E 457 -17.13 3.52 -49.58
CA ALA E 457 -17.15 2.36 -50.46
C ALA E 457 -17.46 2.80 -51.89
N LEU E 458 -17.49 1.82 -52.79
CA LEU E 458 -17.85 2.08 -54.18
C LEU E 458 -19.28 2.62 -54.24
N LYS E 459 -19.48 3.69 -55.02
CA LYS E 459 -20.76 4.35 -55.12
C LYS E 459 -21.22 4.37 -56.58
N THR E 460 -22.51 4.13 -56.79
CA THR E 460 -23.06 4.12 -58.14
C THR E 460 -23.72 5.46 -58.47
N ASP E 461 -24.48 6.02 -57.53
CA ASP E 461 -25.21 7.28 -57.70
C ASP E 461 -26.17 7.10 -58.87
N PHE E 462 -26.25 8.05 -59.81
CA PHE E 462 -27.18 7.97 -60.91
C PHE E 462 -26.51 7.31 -62.11
N THR E 463 -27.25 7.17 -63.21
CA THR E 463 -26.77 6.58 -64.45
C THR E 463 -26.20 5.18 -64.21
N LEU E 471 -14.91 4.16 -64.67
CA LEU E 471 -15.15 5.59 -64.74
C LEU E 471 -14.41 6.32 -63.63
N GLY E 472 -14.28 5.67 -62.47
CA GLY E 472 -13.64 6.27 -61.33
C GLY E 472 -12.56 5.40 -60.71
N ALA E 473 -11.79 4.70 -61.55
CA ALA E 473 -10.80 3.75 -61.06
C ALA E 473 -9.67 4.42 -60.29
N PHE E 474 -9.49 5.73 -60.45
CA PHE E 474 -8.40 6.42 -59.74
C PHE E 474 -8.67 6.48 -58.23
N ASN E 475 -9.77 7.13 -57.85
CA ASN E 475 -10.13 7.19 -56.44
C ASN E 475 -10.44 5.80 -55.89
N ASP E 476 -11.01 4.93 -56.74
CA ASP E 476 -11.27 3.56 -56.34
C ASP E 476 -9.98 2.84 -55.95
N PHE E 477 -8.90 3.06 -56.70
CA PHE E 477 -7.61 2.44 -56.36
C PHE E 477 -7.00 3.09 -55.13
N LEU E 478 -7.08 4.42 -55.04
CA LEU E 478 -6.50 5.15 -53.91
C LEU E 478 -7.16 4.72 -52.60
N ASN E 479 -8.46 4.42 -52.66
CA ASN E 479 -9.20 3.99 -51.49
C ASN E 479 -8.62 2.69 -50.93
N SER E 480 -8.26 1.76 -51.81
CA SER E 480 -7.71 0.49 -51.36
C SER E 480 -6.39 0.69 -50.62
N ALA E 481 -5.50 1.55 -51.15
CA ALA E 481 -4.23 1.79 -50.48
C ALA E 481 -4.44 2.48 -49.13
N SER E 482 -5.34 3.47 -49.08
CA SER E 482 -5.61 4.15 -47.81
C SER E 482 -6.16 3.17 -46.78
N ARG E 483 -7.09 2.32 -47.20
CA ARG E 483 -7.67 1.34 -46.28
C ARG E 483 -6.61 0.32 -45.83
N TYR E 484 -5.71 -0.06 -46.73
CA TYR E 484 -4.65 -1.00 -46.36
C TYR E 484 -3.73 -0.39 -45.31
N TYR E 485 -3.39 0.89 -45.46
CA TYR E 485 -2.58 1.54 -44.44
C TYR E 485 -3.33 1.64 -43.12
N GLN E 486 -4.59 2.05 -43.16
CA GLN E 486 -5.35 2.26 -41.93
C GLN E 486 -5.58 0.95 -41.19
N ASN E 487 -5.82 -0.15 -41.90
CA ASN E 487 -6.08 -1.43 -41.25
C ASN E 487 -4.86 -1.90 -40.46
N ASN E 488 -3.67 -1.69 -41.00
CA ASN E 488 -2.46 -2.23 -40.41
C ASN E 488 -1.78 -1.30 -39.42
N TRP E 489 -2.04 0.01 -39.47
CA TRP E 489 -1.30 0.90 -38.57
C TRP E 489 -2.16 1.81 -37.70
N THR E 490 -3.45 2.00 -37.97
CA THR E 490 -4.26 2.94 -37.20
C THR E 490 -5.61 2.34 -36.84
N ASP E 491 -5.62 1.12 -36.32
CA ASP E 491 -6.84 0.51 -35.83
C ASP E 491 -6.84 0.23 -34.33
N GLY E 492 -5.75 0.54 -33.63
CA GLY E 492 -5.72 0.42 -32.19
C GLY E 492 -6.58 1.46 -31.50
N PRO E 493 -6.27 2.75 -31.72
CA PRO E 493 -7.03 3.80 -31.05
C PRO E 493 -8.53 3.78 -31.35
N ARG E 494 -8.94 3.39 -32.55
CA ARG E 494 -10.38 3.37 -32.86
C ARG E 494 -11.11 2.36 -31.99
N GLN E 495 -10.60 1.13 -31.92
CA GLN E 495 -11.22 0.11 -31.08
C GLN E 495 -11.13 0.50 -29.61
N ASP E 496 -10.02 1.11 -29.20
CA ASP E 496 -9.90 1.57 -27.82
C ASP E 496 -10.95 2.61 -27.48
N SER E 497 -11.20 3.55 -28.40
CA SER E 497 -12.22 4.56 -28.17
C SER E 497 -13.61 3.94 -28.10
N TYR E 498 -13.88 2.98 -28.98
CA TYR E 498 -15.15 2.26 -28.90
C TYR E 498 -15.34 1.63 -27.53
N ASP E 499 -14.32 0.91 -27.05
CA ASP E 499 -14.43 0.23 -25.77
C ASP E 499 -14.58 1.21 -24.62
N LEU E 500 -13.86 2.34 -24.67
CA LEU E 500 -13.92 3.31 -23.58
C LEU E 500 -15.28 4.01 -23.54
N PHE E 501 -15.84 4.34 -24.70
CA PHE E 501 -17.11 5.06 -24.74
C PHE E 501 -18.27 4.15 -24.38
N LEU E 502 -18.25 2.90 -24.88
CA LEU E 502 -19.40 2.03 -24.65
C LEU E 502 -19.44 1.48 -23.23
N GLY E 503 -18.36 1.63 -22.48
CA GLY E 503 -18.30 1.17 -21.11
C GLY E 503 -17.62 -0.17 -20.88
N GLY E 504 -16.90 -0.69 -21.87
CA GLY E 504 -16.23 -1.97 -21.69
C GLY E 504 -15.07 -1.93 -20.71
N PHE E 505 -14.33 -0.82 -20.67
CA PHE E 505 -13.16 -0.68 -19.82
C PHE E 505 -13.40 0.45 -18.83
N ARG E 506 -13.37 0.13 -17.55
CA ARG E 506 -13.56 1.11 -16.49
C ARG E 506 -12.30 1.22 -15.64
N PRO E 507 -11.52 2.29 -15.78
CA PRO E 507 -10.27 2.42 -14.99
C PRO E 507 -10.54 2.86 -13.55
N HIS E 508 -11.18 1.97 -12.78
CA HIS E 508 -11.56 2.26 -11.41
C HIS E 508 -10.98 1.26 -10.42
N THR E 509 -9.88 0.59 -10.77
CA THR E 509 -9.27 -0.41 -9.93
C THR E 509 -7.78 -0.16 -9.80
N ALA E 510 -7.22 -0.47 -8.64
CA ALA E 510 -5.79 -0.31 -8.40
C ALA E 510 -4.96 -1.46 -8.95
N SER E 511 -5.59 -2.57 -9.32
CA SER E 511 -4.84 -3.71 -9.84
C SER E 511 -4.39 -3.50 -11.27
N ILE E 512 -5.08 -2.64 -12.02
CA ILE E 512 -4.78 -2.42 -13.43
C ILE E 512 -3.83 -1.23 -13.55
N LYS E 513 -2.70 -1.45 -14.21
CA LYS E 513 -1.71 -0.40 -14.39
C LYS E 513 -1.91 0.25 -15.76
N SER E 514 -1.10 1.26 -16.06
CA SER E 514 -1.24 2.01 -17.31
C SER E 514 -0.91 1.11 -18.50
N PRO E 515 -1.81 1.01 -19.49
CA PRO E 515 -1.54 0.13 -20.64
C PRO E 515 -0.85 0.81 -21.81
N PHE E 516 -0.58 2.11 -21.73
CA PHE E 516 -0.09 2.83 -22.91
C PHE E 516 1.40 2.65 -23.19
N PRO E 517 2.31 2.67 -22.21
CA PRO E 517 3.75 2.62 -22.55
C PRO E 517 4.12 1.37 -23.32
N ASP E 518 5.05 1.53 -24.25
CA ASP E 518 5.50 0.42 -25.08
C ASP E 518 6.30 -0.57 -24.25
N ARG E 519 6.10 -1.87 -24.53
CA ARG E 519 6.70 -2.91 -23.73
C ARG E 519 7.35 -4.03 -24.53
N ARG E 520 7.41 -3.93 -25.85
CA ARG E 520 8.07 -4.96 -26.64
C ARG E 520 9.59 -4.79 -26.58
N PRO E 521 10.35 -5.84 -26.84
CA PRO E 521 11.81 -5.78 -26.67
C PRO E 521 12.44 -4.74 -27.58
N VAL E 522 13.68 -4.37 -27.23
CA VAL E 522 14.32 -3.21 -27.84
C VAL E 522 14.69 -3.49 -29.30
N TYR E 523 15.16 -4.69 -29.60
CA TYR E 523 15.58 -4.98 -30.97
C TYR E 523 14.41 -5.06 -31.94
N ILE E 524 13.21 -5.32 -31.44
CA ILE E 524 12.02 -5.18 -32.28
C ILE E 524 11.74 -3.71 -32.55
N GLN E 525 11.93 -2.86 -31.55
CA GLN E 525 11.67 -1.43 -31.72
C GLN E 525 12.67 -0.77 -32.66
N LEU E 526 13.91 -1.27 -32.69
CA LEU E 526 14.97 -0.59 -33.44
C LEU E 526 14.95 -0.89 -34.94
N ILE E 527 14.14 -1.84 -35.39
CA ILE E 527 14.14 -2.20 -36.82
C ILE E 527 13.68 -1.04 -37.71
N PRO E 528 12.56 -0.38 -37.45
CA PRO E 528 12.16 0.73 -38.35
C PRO E 528 13.17 1.86 -38.41
N MET E 529 13.83 2.18 -37.29
CA MET E 529 14.86 3.22 -37.32
C MET E 529 16.02 2.80 -38.21
N ILE E 530 16.44 1.54 -38.14
CA ILE E 530 17.51 1.05 -38.99
C ILE E 530 17.10 1.12 -40.46
N ILE E 531 15.86 0.74 -40.77
CA ILE E 531 15.38 0.81 -42.14
C ILE E 531 15.40 2.25 -42.65
N CYS E 532 14.92 3.18 -41.82
CA CYS E 532 14.91 4.59 -42.23
C CYS E 532 16.34 5.10 -42.44
N ALA E 533 17.26 4.73 -41.55
CA ALA E 533 18.64 5.18 -41.70
C ALA E 533 19.27 4.64 -42.97
N ALA E 534 19.05 3.35 -43.26
CA ALA E 534 19.58 2.79 -44.49
C ALA E 534 18.98 3.46 -45.71
N LEU E 535 17.67 3.74 -45.68
CA LEU E 535 17.04 4.41 -46.82
C LEU E 535 17.61 5.82 -47.02
N THR E 536 17.81 6.57 -45.93
CA THR E 536 18.27 7.94 -46.08
C THR E 536 19.77 8.04 -46.35
N VAL E 537 20.55 7.00 -46.07
CA VAL E 537 21.96 7.02 -46.43
C VAL E 537 22.10 6.45 -47.84
N LEU E 538 21.08 5.73 -48.30
CA LEU E 538 21.04 5.21 -49.67
C LEU E 538 20.73 6.31 -50.68
N GLY E 539 20.38 7.50 -50.20
CA GLY E 539 20.06 8.61 -51.07
C GLY E 539 21.27 9.36 -51.55
N SER E 562 23.02 -1.68 -49.63
CA SER E 562 21.66 -2.12 -49.90
C SER E 562 21.36 -3.46 -49.22
N ILE E 563 22.41 -4.21 -48.89
CA ILE E 563 22.23 -5.51 -48.23
C ILE E 563 21.61 -5.34 -46.85
N VAL E 564 22.02 -4.30 -46.11
CA VAL E 564 21.44 -4.05 -44.79
C VAL E 564 19.96 -3.76 -44.91
N LEU E 565 19.58 -2.93 -45.86
CA LEU E 565 18.16 -2.62 -46.07
C LEU E 565 17.38 -3.86 -46.48
N ALA E 566 17.94 -4.69 -47.36
CA ALA E 566 17.26 -5.91 -47.77
C ALA E 566 17.06 -6.85 -46.59
N LEU E 567 18.10 -7.03 -45.77
CA LEU E 567 17.98 -7.90 -44.60
C LEU E 567 16.95 -7.37 -43.62
N SER E 568 16.94 -6.05 -43.39
CA SER E 568 15.97 -5.47 -42.46
C SER E 568 14.55 -5.62 -42.97
N THR E 569 14.34 -5.42 -44.28
CA THR E 569 13.00 -5.61 -44.85
C THR E 569 12.55 -7.07 -44.74
N LYS E 570 13.45 -8.01 -45.03
CA LYS E 570 13.12 -9.42 -44.91
C LYS E 570 12.75 -9.78 -43.47
N PHE E 571 13.53 -9.28 -42.51
CA PHE E 571 13.22 -9.54 -41.11
C PHE E 571 11.89 -8.91 -40.70
N MET E 572 11.61 -7.69 -41.16
CA MET E 572 10.35 -7.04 -40.81
C MET E 572 9.15 -7.80 -41.36
N PHE E 573 9.26 -8.28 -42.60
CA PHE E 573 8.13 -9.00 -43.21
C PHE E 573 8.08 -10.47 -42.85
N LYS E 574 9.10 -11.01 -42.18
CA LYS E 574 9.06 -12.38 -41.70
C LYS E 574 8.45 -12.51 -40.31
N ASN E 575 8.23 -11.41 -39.61
CA ASN E 575 7.68 -11.38 -38.26
C ASN E 575 6.59 -10.32 -38.15
N GLY E 576 5.65 -10.35 -39.10
CA GLY E 576 4.68 -9.27 -39.20
C GLY E 576 3.82 -9.12 -37.96
N ILE E 577 3.50 -10.23 -37.28
CA ILE E 577 2.59 -10.17 -36.15
C ILE E 577 3.14 -9.28 -35.04
N GLN E 578 4.47 -9.21 -34.90
CA GLN E 578 5.06 -8.39 -33.85
C GLN E 578 4.99 -6.91 -34.15
N PHE E 579 4.65 -6.52 -35.38
CA PHE E 579 4.68 -5.11 -35.79
C PHE E 579 3.30 -4.53 -36.04
N VAL E 580 2.24 -5.33 -36.00
CA VAL E 580 0.90 -4.83 -36.21
C VAL E 580 0.42 -4.12 -34.96
N ASN E 581 -0.26 -2.98 -35.14
CA ASN E 581 -0.81 -2.23 -34.01
C ASN E 581 -2.06 -2.93 -33.50
N TRP E 582 -2.03 -3.39 -32.25
CA TRP E 582 -3.10 -4.15 -31.64
C TRP E 582 -3.84 -3.32 -30.59
N PRO E 583 -5.12 -3.62 -30.34
CA PRO E 583 -5.82 -2.94 -29.25
C PRO E 583 -5.26 -3.35 -27.90
N LYS E 584 -5.40 -2.45 -26.93
CA LYS E 584 -4.82 -2.64 -25.61
C LYS E 584 -5.82 -2.63 -24.47
N LEU E 585 -6.95 -1.91 -24.61
CA LEU E 585 -7.87 -1.78 -23.49
C LEU E 585 -8.61 -3.09 -23.20
N VAL E 586 -9.14 -3.72 -24.24
CA VAL E 586 -9.92 -4.95 -24.09
C VAL E 586 -9.31 -6.02 -24.99
N ASP E 587 -9.17 -7.23 -24.45
CA ASP E 587 -8.47 -8.29 -25.15
C ASP E 587 -9.26 -8.80 -26.35
N VAL E 588 -8.55 -9.45 -27.26
CA VAL E 588 -9.15 -10.11 -28.41
C VAL E 588 -9.01 -11.62 -28.22
N GLY E 589 -9.92 -12.36 -28.85
CA GLY E 589 -10.01 -13.79 -28.60
C GLY E 589 -8.82 -14.58 -29.13
N PHE E 590 -8.30 -14.20 -30.29
CA PHE E 590 -7.41 -15.05 -31.07
C PHE E 590 -5.93 -14.74 -30.88
N LEU E 591 -5.52 -14.26 -29.71
CA LEU E 591 -4.12 -13.96 -29.45
C LEU E 591 -3.75 -14.32 -28.02
N VAL E 592 -2.46 -14.59 -27.82
CA VAL E 592 -1.88 -14.78 -26.49
C VAL E 592 -0.59 -13.98 -26.42
N VAL E 593 -0.21 -13.61 -25.20
CA VAL E 593 0.96 -12.79 -24.93
C VAL E 593 1.91 -13.56 -24.04
N HIS E 594 3.15 -13.70 -24.48
CA HIS E 594 4.21 -14.33 -23.69
C HIS E 594 5.16 -13.28 -23.16
N GLN E 595 5.62 -13.49 -21.93
CA GLN E 595 6.53 -12.56 -21.26
C GLN E 595 7.88 -13.23 -21.12
N THR E 596 8.89 -12.66 -21.77
CA THR E 596 10.24 -13.20 -21.70
C THR E 596 11.00 -12.58 -20.53
N HIS E 597 12.00 -13.30 -20.04
CA HIS E 597 12.78 -12.85 -18.90
C HIS E 597 14.15 -13.52 -18.95
N ASP E 598 15.07 -13.00 -18.14
CA ASP E 598 16.41 -13.56 -18.03
C ASP E 598 16.45 -14.61 -16.92
N LYS E 599 17.64 -15.02 -16.52
CA LYS E 599 17.78 -16.05 -15.50
C LYS E 599 17.44 -15.55 -14.11
N GLU E 600 17.40 -14.23 -13.91
CA GLU E 600 17.16 -13.65 -12.59
C GLU E 600 15.74 -13.14 -12.42
N GLN E 601 14.81 -13.59 -13.25
CA GLN E 601 13.40 -13.22 -13.17
C GLN E 601 13.21 -11.71 -13.27
N GLN E 602 13.66 -11.15 -14.40
CA GLN E 602 13.50 -9.74 -14.69
C GLN E 602 12.91 -9.57 -16.08
N PHE E 603 11.94 -8.67 -16.19
CA PHE E 603 11.19 -8.52 -17.43
C PHE E 603 12.06 -7.98 -18.55
N LYS E 604 11.92 -8.56 -19.74
CA LYS E 604 12.63 -8.12 -20.93
C LYS E 604 11.70 -7.63 -22.03
N GLY E 605 10.63 -8.38 -22.32
CA GLY E 605 9.69 -7.95 -23.34
C GLY E 605 8.55 -8.94 -23.43
N LEU E 606 7.63 -8.63 -24.35
CA LEU E 606 6.47 -9.48 -24.61
C LEU E 606 6.38 -9.79 -26.09
N LYS E 607 5.86 -10.98 -26.38
CA LYS E 607 5.69 -11.46 -27.75
C LYS E 607 4.25 -11.90 -27.95
N TYR E 608 3.75 -11.69 -29.17
CA TYR E 608 2.39 -12.04 -29.54
C TYR E 608 2.39 -13.36 -30.30
N ALA E 609 1.49 -14.26 -29.92
CA ALA E 609 1.39 -15.56 -30.58
C ALA E 609 -0.07 -15.90 -30.84
N GLN E 610 -0.27 -16.75 -31.84
CA GLN E 610 -1.62 -17.19 -32.18
C GLN E 610 -2.20 -18.07 -31.08
N SER E 611 -3.47 -17.86 -30.78
CA SER E 611 -4.13 -18.64 -29.74
C SER E 611 -4.25 -20.11 -30.16
N PRO E 612 -4.09 -21.03 -29.21
CA PRO E 612 -4.15 -22.46 -29.57
C PRO E 612 -5.54 -22.95 -29.90
N LYS E 613 -6.60 -22.28 -29.43
CA LYS E 613 -7.95 -22.74 -29.68
C LYS E 613 -8.29 -22.67 -31.17
N PHE E 614 -7.94 -21.57 -31.81
CA PHE E 614 -8.16 -21.41 -33.24
C PHE E 614 -7.11 -22.20 -34.02
N SER E 615 -7.50 -22.70 -35.18
CA SER E 615 -6.63 -23.55 -35.98
C SER E 615 -6.76 -23.20 -37.46
N LYS E 616 -5.69 -23.48 -38.20
CA LYS E 616 -5.71 -23.28 -39.64
C LYS E 616 -6.66 -24.28 -40.29
N PRO E 617 -7.44 -23.85 -41.29
CA PRO E 617 -8.36 -24.76 -41.99
C PRO E 617 -7.62 -25.83 -42.80
C1 ERG F . 31.87 36.53 15.04
C2 ERG F . 32.25 37.39 16.25
C3 ERG F . 30.97 37.81 16.97
C4 ERG F . 30.20 38.80 16.09
C5 ERG F . 30.36 38.54 14.59
C6 ERG F . 30.07 39.53 13.74
C7 ERG F . 30.19 39.39 12.30
C8 ERG F . 30.84 38.40 11.72
C9 ERG F . 31.52 37.34 12.61
C10 ERG F . 30.84 37.17 14.06
C11 ERG F . 31.89 36.02 11.88
C12 ERG F . 32.26 36.16 10.38
C13 ERG F . 31.12 36.83 9.58
C14 ERG F . 30.97 38.24 10.21
C15 ERG F . 30.04 38.97 9.21
C16 ERG F . 30.40 38.34 7.83
C17 ERG F . 31.47 37.24 8.08
C18 ERG F . 29.84 35.99 9.64
C19 ERG F . 29.67 36.21 13.97
C20 ERG F . 31.60 36.26 6.89
C21 ERG F . 32.61 36.78 5.86
C22 ERG F . 30.27 36.10 6.17
C23 ERG F . 29.90 35.24 5.27
C24 ERG F . 30.70 34.13 4.63
C25 ERG F . 29.99 32.76 4.75
C26 ERG F . 30.22 31.84 3.55
C27 ERG F . 30.39 32.02 6.04
C28 ERG F . 31.17 34.50 3.23
O1 ERG F . 30.21 36.65 17.20
C1 Z8A G . 27.78 7.12 3.33
C2 Z8A G . 28.11 8.55 3.80
C3 Z8A G . 29.08 9.20 2.78
C4 Z8A G . 30.38 8.36 2.59
C5 Z8A G . 31.23 8.80 1.40
C6 Z8A G . 32.71 8.84 1.79
O1 Z8A G . 28.38 9.18 1.59
C7 Z8A G . 33.89 13.25 -7.27
C8 Z8A G . 33.41 14.36 -6.35
C9 Z8A G . 34.45 14.68 -5.28
C10 Z8A G . 33.82 15.18 -3.99
C11 Z8A G . 34.89 15.37 -2.90
C12 Z8A G . 34.39 14.96 -1.51
C13 Z8A G . 35.53 14.55 -0.57
C14 Z8A G . 35.04 14.07 0.79
C15 Z8A G . 34.61 12.59 0.76
C16 Z8A G . 35.29 11.76 1.86
C17 Z8A G . 34.77 10.31 1.94
C18 Z8A G . 33.38 10.14 1.33
O2 Z8A G . 31.12 8.40 3.76
O3 Z8A G . 26.41 7.13 3.07
N1 Z8A G . 26.90 9.36 3.97
C19 Z8A G . 26.20 9.42 5.18
O4 Z8A G . 26.59 8.79 6.15
C20 Z8A G . 24.96 10.29 5.24
C21 Z8A G . 24.34 10.54 3.88
C22 Z8A G . 23.83 11.98 3.73
C23 Z8A G . 24.32 12.71 2.47
C24 Z8A G . 24.32 14.23 2.63
C25 Z8A G . 25.21 14.92 1.58
C26 Z8A G . 24.70 14.74 0.14
C27 Z8A G . 25.78 15.03 -0.92
C28 Z8A G . 27.00 14.12 -0.77
C29 Z8A G . 28.33 14.82 -1.08
C30 Z8A G . 28.24 15.76 -2.30
C31 Z8A G . 29.60 16.28 -2.77
C32 Z8A G . 29.66 16.58 -4.28
C33 Z8A G . 28.86 17.84 -4.65
C34 Z8A G . 29.75 18.93 -5.27
C35 Z8A G . 30.42 18.49 -6.58
C36 Z8A G . 31.05 19.67 -7.35
C37 Z8A G . 31.29 19.34 -8.83
C38 Z8A G . 32.47 20.12 -9.43
C39 Z8A G . 32.51 21.58 -8.99
C40 Z8A G . 33.89 22.24 -9.20
C41 Z8A G . 34.11 22.67 -10.65
C42 Z8A G . 35.52 23.24 -10.90
C43 Z8A G . 35.55 24.19 -12.11
C44 Z8A G . 35.14 23.48 -13.40
C13 Q7G H . 23.18 18.56 -3.91
C15 Q7G H . 24.73 17.28 -5.40
C16 Q7G H . 22.51 18.75 -2.57
C17 Q7G H . 21.01 18.76 -2.74
C01 Q7G H . 25.93 20.31 -8.45
C03 Q7G H . 25.46 18.41 -10.07
C04 Q7G H . 26.55 17.45 -9.54
C06 Q7G H . 25.05 18.02 -7.77
C07 Q7G H . 24.68 18.46 -6.36
C08 Q7G H . 23.26 19.06 -6.38
C10 Q7G H . 23.54 19.65 -8.85
C18 Q7G H . 20.64 19.91 -3.63
C19 Q7G H . 21.28 19.75 -5.01
CG1 Q7G H . 19.29 18.01 -1.29
C02 Q7G H . 24.99 19.16 -8.80
C05 Q7G H . 26.41 17.36 -8.03
C09 Q7G H . 23.09 20.13 -7.47
C1 Q7G H . 11.91 21.54 -6.11
C11 Q7G H . 22.81 19.58 -4.98
C12 Q7G H . 23.48 20.91 -4.64
C14 Q7G H . 24.02 17.56 -4.11
C1B Q7G H . 15.75 19.84 -2.88
C1C Q7G H . 16.34 20.44 2.88
C2 Q7G H . 11.96 22.74 -7.05
C21 Q7G H . 12.53 22.97 7.18
C22 Q7G H . 18.60 18.35 -0.02
C23 Q7G H . 17.94 19.71 -0.13
C24 Q7G H . 16.54 19.59 -0.65
C2B Q7G H . 15.90 20.74 -4.10
C2C Q7G H . 17.06 21.58 3.58
C3 Q7G H . 10.87 23.73 -6.68
C31 Q7G H . 11.04 22.91 7.25
C3B Q7G H . 14.84 20.43 -5.13
C3C Q7G H . 16.40 21.90 4.90
C4 Q7G H . 10.69 23.77 -5.18
C41 Q7G H . 10.59 21.57 7.83
C48 Q7G H . 17.99 20.44 1.18
C4B Q7G H . 13.45 20.57 -4.52
C4C Q7G H . 14.90 21.68 4.83
C5 Q7G H . 10.22 22.42 -4.66
C51 Q7G H . 11.24 20.39 7.10
C5B Q7G H . 13.53 20.71 -3.00
C5C Q7G H . 14.56 20.25 4.43
C6 Q7G H . 8.73 22.34 -4.51
C61 Q7G H . 10.65 20.14 5.73
C6B Q7G H . 12.20 20.53 -2.32
C6C Q7G H . 13.45 20.17 3.41
C73 Q7G H . 27.57 18.65 -11.22
C74 Q7G H . 26.13 19.17 -11.22
C75 Q7G H . 25.39 19.07 -12.55
C76 Q7G H . 28.61 19.73 -11.41
C77 Q7G H . 28.54 20.37 -12.77
C78 Q7G H . 28.47 19.31 -13.87
C79 Q7G H . 28.65 17.95 -13.24
C81 Q7G H . 29.50 19.55 -14.95
CF1 Q7G H . 13.00 21.82 6.30
O1 Q7G H . 12.83 21.74 -5.06
O11 Q7G H . 14.38 21.92 6.13
O1B Q7G H . 16.42 20.44 -1.80
O1C Q7G H . 17.29 19.69 2.19
O2 Q7G H . 13.25 23.34 -6.98
O20 Q7G H . 20.41 18.88 -1.45
O21 Q7G H . 13.14 22.85 8.46
O2B Q7G H . 15.87 22.11 -3.74
O2C Q7G H . 18.42 21.23 3.79
O3 Q7G H . 9.65 23.35 -7.30
O31 Q7G H . 10.48 23.10 5.96
O3B Q7G H . 15.05 19.11 -5.61
O3C Q7G H . 16.68 23.26 5.23
O4 Q7G H . 11.93 24.13 -4.55
O41 Q7G H . 10.97 21.50 9.19
O5 Q7G H . 10.60 21.39 -5.57
O51 Q7G H . 12.66 20.59 6.92
O5B Q7G H . 14.40 19.68 -2.51
O5C Q7G H . 15.70 19.63 3.83
O6 Q7G H . 8.35 21.45 -3.47
O61 Q7G H . 11.22 18.97 5.15
O6B Q7G H . 12.37 19.86 -1.07
O6C Q7G H . 13.17 18.83 3.04
O72 Q7G H . 27.79 18.05 -9.95
O80 Q7G H . 27.66 17.67 -12.25
C1 ERG I . 36.73 39.17 19.71
C2 ERG I . 36.54 39.97 21.00
C3 ERG I . 37.67 41.01 21.10
C4 ERG I . 37.52 42.01 19.95
C5 ERG I . 37.56 41.32 18.60
C6 ERG I . 38.27 41.85 17.62
C7 ERG I . 38.35 41.25 16.30
C8 ERG I . 37.98 40.01 16.05
C9 ERG I . 37.43 39.15 17.21
C10 ERG I . 36.76 40.01 18.39
C11 ERG I . 36.63 37.89 16.78
C12 ERG I . 37.02 37.26 15.41
C13 ERG I . 36.99 38.30 14.28
C14 ERG I . 38.06 39.36 14.67
C15 ERG I . 38.28 40.15 13.37
C16 ERG I . 37.90 39.17 12.23
C17 ERG I . 37.52 37.81 12.88
C18 ERG I . 35.58 38.90 14.13
C19 ERG I . 35.31 40.33 18.04
C20 ERG I . 36.66 36.88 11.93
C21 ERG I . 37.02 35.39 12.03
C22 ERG I . 36.68 37.34 10.46
C23 ERG I . 37.53 37.24 9.49
C24 ERG I . 38.91 36.63 9.45
C25 ERG I . 39.13 35.84 8.12
C26 ERG I . 37.85 35.35 7.48
C27 ERG I . 39.94 36.66 7.11
C28 ERG I . 40.01 37.60 9.79
O1 ERG I . 37.57 41.64 22.35
C1 ERG J . 39.46 32.75 21.15
C2 ERG J . 38.69 32.82 22.49
C3 ERG J . 38.79 34.25 23.04
C4 ERG J . 38.12 35.23 22.07
C5 ERG J . 38.74 35.13 20.68
C6 ERG J . 39.10 36.24 20.05
C7 ERG J . 39.71 36.25 18.73
C8 ERG J . 40.14 35.15 18.13
C9 ERG J . 39.99 33.79 18.82
C10 ERG J . 38.94 33.73 20.06
C11 ERG J . 39.89 32.60 17.83
C12 ERG J . 40.80 32.71 16.59
C13 ERG J . 40.53 33.98 15.76
C14 ERG J . 40.81 35.15 16.75
C15 ERG J . 40.84 36.39 15.83
C16 ERG J . 41.43 35.87 14.49
C17 ERG J . 41.58 34.32 14.61
C18 ERG J . 39.09 34.00 15.23
C19 ERG J . 37.61 33.18 19.57
C20 ERG J . 41.65 33.65 13.19
C21 ERG J . 41.41 32.14 13.20
C22 ERG J . 43.05 33.87 12.64
C23 ERG J . 43.52 33.81 11.45
C24 ERG J . 42.81 33.50 10.16
C25 ERG J . 43.40 34.32 8.97
C26 ERG J . 44.82 34.81 9.20
C27 ERG J . 43.33 33.57 7.64
C28 ERG J . 42.70 32.01 9.89
O1 ERG J . 38.15 34.27 24.30
N1 PLP K . 10.58 -8.43 21.23
C2 PLP K . 11.82 -8.80 20.75
C2A PLP K . 13.05 -8.53 21.57
C3 PLP K . 11.93 -9.42 19.52
O3 PLP K . 13.16 -9.80 19.06
C4 PLP K . 10.80 -9.68 18.76
C4A PLP K . 10.87 -10.65 17.62
C5 PLP K . 9.55 -9.30 19.25
C6 PLP K . 9.45 -8.67 20.48
C5A PLP K . 8.31 -9.57 18.43
O4P PLP K . 7.17 -9.31 19.21
P PLP K . 5.72 -9.85 18.75
O1P PLP K . 4.64 -9.11 19.50
O2P PLP K . 5.64 -11.32 19.08
O3P PLP K . 5.56 -9.65 17.27
#